data_8VBA
#
_entry.id   8VBA
#
_cell.length_a   1.00
_cell.length_b   1.00
_cell.length_c   1.00
_cell.angle_alpha   90.00
_cell.angle_beta   90.00
_cell.angle_gamma   90.00
#
_symmetry.space_group_name_H-M   'P 1'
#
loop_
_entity.id
_entity.type
_entity.pdbx_description
1 polymer EtpA
2 polymer 'mAb 1C08 Heavy Chain'
3 polymer 'mAb 1C08 Light Chain'
4 non-polymer beta-D-glucopyranose
#
loop_
_entity_poly.entity_id
_entity_poly.type
_entity_poly.pdbx_seq_one_letter_code
_entity_poly.pdbx_strand_id
1 'polypeptide(L)'
;MNRIYKLKFDKRRNELVVVSEITTGVGNAKATGSVEGEKSPRRGVRAMALSLLSGMMIMAHPAMSANLPTGGQIVAGSGS
IQTPSGNQMNIHQNSQNMVANWNSFDIGKGNTVQFDQPSSSAVALNRVVGGGESQIMGNLKANGQVFLVNPNGVLFGEGA
SVSTSGFVASTRDIKNDDFMNRRYTFSGGQKAGAAIVNQGELTTNAGGYIVLAADRVSNSGTIRTPGGKTVLAASERITL
QLDNGGLMSVQVTGDVVNALVENRGLVSARDGQVYLTALGRGMLMNTVLNVSGVVEASGMHRQDGNIVLDGGDSGVVHLS
GTLQADNASGQGGKVVVQGKNILLDKGSNITATGGQGGGEVYVGGGWQGKDSNIRNADKVVMQGGARIDVSATQQGNGGT
AVLWSDSYTNFHGQIGAKGGETGGNGGRVETSSHGNLQAFGTVSASAKKGKAGNWLLDSADITIVNGSNVSKTETTQSPP
HTQFAPTAAGSAVSNTSINNRLNNGTSVTILTHRTRTGTAQGGNITVNAAINKGNGSDVNLTLQAGGNITVNNSITSTEG
KLNVNLSGARTSNGSITISNNANITTNGGDITVGTTNTSNRVNISINNTTLNASNGNIQLTGTGTDSGILFAGNNRLTAS
NIALTGNSTSGNAINLTGTATLNATNNITLTGSSTSGNAINLKGNNTLTASNITLTGESTSGNAINHTDTTGTTTLNATN
NITMQGTRVQIKHSNITAGNFALNATVAGSEISNTTLTATNNINLAAKTNSASSGVYLKDARITSTNGSITANGTATANG
KATHLDGNVTLNASNGRIKLTGNGHGSASGILFAGNNRLTASNIALTGNSTSGNAINLTGTATLNATNDITLTGSSTSGN
AINLTGTATLNATNNITLTGSSTSGNAINLKGNNTLTASNITLTGESTSGNAINLTDTTGTTTLNATNNITMQGTRVQIK
HSNITAGNFALNATVAGSEISNTTLTATNNINLAAKTNSASSGVYLKDARITSTNGSITANGTATANGKATHLDGNVTLN
ASNGRIKLTGNGHGSASGILFAGNNRLTASNIALTGNSTSGNAINLTGTATLNATNDITLTGSNTSGNAINLTGTATLNA
TNNITLTGSSTSGNAINLKGNNTLTASNITLTGESTSGNAINLTDTTGTTTLNATNNITMQGTRVQIKHSNITAGNFALN
ATVAGSEISNTTLTATNNINLAAKTNSASSGVYLKDARITSTNGSITANGTATANGKATHLDGNVTLNASNGRIKLTGNG
HGSASGILFAGNNRLTASNIALTGNSTSGNAINLTGTATLNATNDITLTGSSTSGNAINLTGTATLNATNNITLTGSSTS
GNAINLKGNNTLTASNITLTGESTSGNAINLTDTTGTTTLNATNNITMQGTRVQIKHSNITAGNFALNATVAGSEISNTT
LTATNNINLAAKTNSASSGVYLKDARITSTNGSITANGTAPANDNATYLDGNVTLNASNGSIKLTGNGNGSTSGILFAGN
NTLTASNITLTGNSEVYWQKLGPEQKLISEEDLNSAVDHHHHHH
;
A
2 'polypeptide(L)'
;MGWSCIILFLVATATGVHSEVQLQQSGGELMKPGASVKLSCKATGYTFTGYWIEWVEQRPGHGLEWIGEILPGSGSTDYN
EKFKGKATCSADTSSNTAYMKLSSLTTEDSAIYYCARKSPYAMEYWGQGTSVTVSSASTKGPSVFPLAPSSKSTSGGTAA
LGCLVKDYFPEPVTVSWNSGALTSGVHTFPAVLQSSGLYSLSSVVTVPSSSLGTQTYICNVNHKPSNTKVDKRVEPKSCD
KTHTCPPCPAPELLGGPSVFLFPPKPKDTLMISRTPEVTCVVVDVSHEDPEVKFNWYVDGVEVHNAKTKPREEQYNSTYR
VVSVLTVLHQDWLNGKEYKCKVSNKALPAPIEKTISKAKGQPREPQVYTLPPSREEMTKNQVSLTCLVKGFYPSDIAVEW
ESNGQPENNYKTTPPVLDSDGSFFLYSKLTVDKSRWQQGNVFSCSVMHEALHNHYTQKSLSLSPGK
;
H
3 'polypeptide(L)'
;MGWSCIILFLVATATGVHSDIQMTQSPASLSVSVGETVTITCRASENIYSNLAWLHQKQGKSPQLLVYGATNLADGVPSR
FSGSGSGTQYSLKINSLQSEDFGTYYCQQFWGSPYTFGGGTKLEIKRTVAAPSVFIFPPSDEQLKSGTASVVCLLNNFYP
REAKVQWKVDNALQSGNSQESVTEQDSKDSTYSLSSTLTLSKADYEKHKVYACEVTHQGLSSPVTKSFNRGEC
;
L
#
loop_
_chem_comp.id
_chem_comp.type
_chem_comp.name
_chem_comp.formula
BGC D-saccharide, beta linking beta-D-glucopyranose 'C6 H12 O6'
#
# COMPACT_ATOMS: atom_id res chain seq x y z
N ALA A 66 71.32 -9.61 23.63
CA ALA A 66 70.50 -9.83 22.45
C ALA A 66 70.12 -11.29 22.33
N ASN A 67 69.03 -11.57 21.60
CA ASN A 67 68.56 -12.95 21.41
C ASN A 67 68.00 -13.07 20.01
N LEU A 68 68.76 -13.70 19.13
CA LEU A 68 68.42 -13.96 17.74
C LEU A 68 68.13 -15.44 17.56
N PRO A 69 67.45 -15.84 16.49
CA PRO A 69 67.22 -17.27 16.25
C PRO A 69 68.54 -18.03 16.27
N THR A 70 68.48 -19.28 16.71
CA THR A 70 69.65 -20.13 16.85
C THR A 70 69.37 -21.50 16.27
N GLY A 71 70.44 -22.17 15.85
CA GLY A 71 70.32 -23.51 15.32
C GLY A 71 69.75 -23.56 13.92
N GLY A 72 69.93 -22.48 13.16
CA GLY A 72 69.34 -22.41 11.83
C GLY A 72 69.98 -23.41 10.89
N GLN A 73 69.15 -24.08 10.11
CA GLN A 73 69.60 -25.03 9.10
C GLN A 73 68.66 -24.93 7.92
N ILE A 74 69.24 -24.68 6.75
CA ILE A 74 68.48 -24.59 5.52
C ILE A 74 68.16 -26.01 5.06
N VAL A 75 66.89 -26.30 4.79
CA VAL A 75 66.53 -27.65 4.39
C VAL A 75 65.99 -27.74 2.96
N ALA A 76 65.52 -26.64 2.37
CA ALA A 76 65.09 -26.69 0.98
C ALA A 76 65.33 -25.32 0.36
N GLY A 77 65.57 -25.33 -0.95
CA GLY A 77 65.83 -24.07 -1.61
C GLY A 77 67.28 -23.71 -1.34
N SER A 78 67.59 -22.43 -1.48
CA SER A 78 68.97 -21.99 -1.34
C SER A 78 69.03 -20.61 -0.72
N GLY A 79 70.02 -20.42 0.15
CA GLY A 79 70.24 -19.17 0.84
C GLY A 79 71.16 -19.35 2.03
N SER A 80 71.86 -18.27 2.42
CA SER A 80 72.76 -18.35 3.56
C SER A 80 72.24 -17.53 4.74
N ILE A 81 72.70 -17.92 5.92
CA ILE A 81 72.36 -17.28 7.18
C ILE A 81 73.63 -16.69 7.77
N GLN A 82 73.62 -15.40 8.07
CA GLN A 82 74.78 -14.75 8.65
C GLN A 82 74.34 -13.82 9.77
N THR A 83 75.23 -13.61 10.73
CA THR A 83 74.95 -12.73 11.87
C THR A 83 76.10 -11.73 11.95
N PRO A 84 76.08 -10.68 11.11
CA PRO A 84 77.20 -9.74 11.11
C PRO A 84 77.37 -8.97 12.41
N SER A 85 76.32 -8.91 13.24
CA SER A 85 76.41 -8.23 14.52
C SER A 85 75.49 -8.93 15.51
N GLY A 86 75.81 -8.78 16.79
CA GLY A 86 74.97 -9.36 17.83
C GLY A 86 73.54 -8.87 17.78
N ASN A 87 73.33 -7.65 17.28
CA ASN A 87 72.01 -7.04 17.18
C ASN A 87 71.39 -7.13 15.79
N GLN A 88 72.03 -7.84 14.85
CA GLN A 88 71.55 -7.88 13.48
C GLN A 88 71.80 -9.26 12.89
N MET A 89 70.75 -9.86 12.34
CA MET A 89 70.85 -11.12 11.62
C MET A 89 70.40 -10.89 10.19
N ASN A 90 71.13 -11.46 9.23
CA ASN A 90 70.80 -11.32 7.81
C ASN A 90 70.63 -12.68 7.14
N ILE A 91 69.44 -12.91 6.59
CA ILE A 91 69.11 -14.15 5.89
C ILE A 91 69.02 -13.78 4.41
N HIS A 92 69.90 -14.35 3.58
CA HIS A 92 69.99 -13.99 2.17
C HIS A 92 69.40 -15.12 1.34
N GLN A 93 68.32 -14.82 0.62
CA GLN A 93 67.64 -15.85 -0.14
C GLN A 93 68.00 -15.78 -1.63
N ASN A 94 68.29 -16.95 -2.20
CA ASN A 94 68.60 -17.08 -3.62
C ASN A 94 67.44 -17.69 -4.40
N SER A 95 66.76 -18.69 -3.84
CA SER A 95 65.69 -19.36 -4.55
C SER A 95 64.39 -18.59 -4.46
N GLN A 96 63.43 -18.96 -5.31
CA GLN A 96 62.11 -18.34 -5.23
C GLN A 96 61.40 -18.74 -3.94
N ASN A 97 61.59 -19.98 -3.49
CA ASN A 97 60.98 -20.50 -2.28
C ASN A 97 62.02 -21.23 -1.47
N MET A 98 62.23 -20.83 -0.22
CA MET A 98 63.20 -21.49 0.64
C MET A 98 62.56 -21.85 1.96
N VAL A 99 62.91 -23.02 2.52
CA VAL A 99 62.41 -23.41 3.83
C VAL A 99 63.61 -23.79 4.69
N ALA A 100 63.66 -23.22 5.90
CA ALA A 100 64.67 -23.53 6.89
C ALA A 100 64.02 -23.86 8.23
N ASN A 101 64.65 -24.77 8.96
CA ASN A 101 64.20 -25.13 10.30
C ASN A 101 65.03 -24.36 11.30
N TRP A 102 64.43 -24.09 12.46
CA TRP A 102 65.12 -23.37 13.53
C TRP A 102 64.89 -24.10 14.83
N ASN A 103 65.88 -24.03 15.74
CA ASN A 103 65.66 -24.60 17.06
C ASN A 103 64.76 -23.69 17.88
N SER A 104 64.87 -22.39 17.67
CA SER A 104 64.02 -21.39 18.30
C SER A 104 64.08 -20.17 17.40
N PHE A 105 62.95 -19.47 17.23
CA PHE A 105 62.94 -18.25 16.45
C PHE A 105 62.54 -17.08 17.34
N ASP A 106 63.52 -16.57 18.10
CA ASP A 106 63.29 -15.48 19.03
C ASP A 106 63.97 -14.23 18.49
N ILE A 107 63.38 -13.07 18.75
CA ILE A 107 64.00 -11.80 18.43
C ILE A 107 63.93 -10.90 19.65
N GLY A 108 65.09 -10.54 20.19
CA GLY A 108 65.12 -9.74 21.39
C GLY A 108 64.88 -8.28 21.09
N LYS A 109 64.75 -7.49 22.15
CA LYS A 109 64.49 -6.07 21.97
C LYS A 109 65.71 -5.42 21.34
N GLY A 110 65.50 -4.61 20.32
CA GLY A 110 66.59 -3.92 19.67
C GLY A 110 67.26 -4.71 18.57
N ASN A 111 66.90 -5.97 18.38
CA ASN A 111 67.53 -6.83 17.39
C ASN A 111 66.72 -6.81 16.10
N THR A 112 67.41 -7.11 14.99
CA THR A 112 66.76 -7.19 13.70
C THR A 112 67.15 -8.48 12.98
N VAL A 113 66.16 -9.11 12.36
CA VAL A 113 66.36 -10.23 11.45
C VAL A 113 65.95 -9.74 10.08
N GLN A 114 66.90 -9.63 9.16
CA GLN A 114 66.67 -9.07 7.85
C GLN A 114 66.78 -10.13 6.77
N PHE A 115 65.73 -10.27 5.96
CA PHE A 115 65.74 -11.20 4.84
C PHE A 115 66.17 -10.44 3.59
N ASP A 116 66.93 -11.11 2.73
CA ASP A 116 67.36 -10.54 1.46
C ASP A 116 66.90 -11.50 0.37
N GLN A 117 65.79 -11.16 -0.27
CA GLN A 117 65.21 -12.09 -1.21
C GLN A 117 65.32 -11.57 -2.64
N PRO A 118 65.37 -12.46 -3.63
CA PRO A 118 65.53 -12.00 -5.02
C PRO A 118 64.37 -11.17 -5.55
N SER A 119 63.19 -11.28 -4.96
CA SER A 119 62.04 -10.52 -5.44
C SER A 119 61.01 -10.40 -4.34
N SER A 120 60.05 -9.49 -4.55
CA SER A 120 58.96 -9.30 -3.61
C SER A 120 58.04 -10.51 -3.57
N SER A 121 58.13 -11.39 -4.56
CA SER A 121 57.31 -12.59 -4.64
C SER A 121 58.02 -13.81 -4.08
N ALA A 122 59.26 -13.66 -3.60
CA ALA A 122 60.01 -14.75 -3.04
C ALA A 122 59.49 -15.04 -1.64
N VAL A 123 59.53 -16.30 -1.24
CA VAL A 123 58.97 -16.71 0.05
C VAL A 123 60.02 -17.46 0.88
N ALA A 124 60.18 -17.03 2.14
CA ALA A 124 61.05 -17.68 3.12
C ALA A 124 60.19 -18.28 4.22
N LEU A 125 60.31 -19.58 4.43
CA LEU A 125 59.59 -20.27 5.50
C LEU A 125 60.54 -20.59 6.66
N ASN A 126 60.16 -20.19 7.86
CA ASN A 126 60.90 -20.44 9.09
C ASN A 126 60.09 -21.39 9.96
N ARG A 127 60.45 -22.68 9.95
CA ARG A 127 59.73 -23.70 10.72
C ARG A 127 60.51 -23.96 12.00
N VAL A 128 59.86 -23.69 13.14
CA VAL A 128 60.50 -23.96 14.46
C VAL A 128 60.30 -25.44 14.80
N VAL A 129 61.39 -26.13 15.14
CA VAL A 129 61.33 -27.56 15.44
C VAL A 129 61.73 -27.86 16.88
N GLY A 130 61.68 -26.86 17.75
CA GLY A 130 62.05 -27.08 19.13
C GLY A 130 61.80 -25.84 19.96
N GLY A 131 62.37 -25.84 21.16
CA GLY A 131 62.20 -24.69 22.03
C GLY A 131 60.77 -24.55 22.52
N GLY A 132 60.36 -23.29 22.73
CA GLY A 132 58.96 -23.03 23.16
C GLY A 132 58.26 -22.13 22.16
N GLU A 133 57.59 -21.08 22.64
CA GLU A 133 56.88 -20.12 21.74
C GLU A 133 57.91 -19.15 21.13
N SER A 134 57.59 -18.57 19.96
CA SER A 134 58.51 -17.62 19.30
C SER A 134 58.36 -16.22 19.90
N GLN A 135 59.31 -15.80 20.74
CA GLN A 135 59.26 -14.47 21.34
C GLN A 135 59.86 -13.46 20.36
N ILE A 136 59.01 -12.73 19.65
CA ILE A 136 59.48 -11.71 18.72
C ILE A 136 59.23 -10.37 19.39
N MET A 137 60.31 -9.63 19.66
CA MET A 137 60.22 -8.37 20.36
C MET A 137 60.90 -7.23 19.63
N GLY A 138 61.76 -7.52 18.67
CA GLY A 138 62.50 -6.54 17.89
C GLY A 138 61.88 -6.37 16.53
N ASN A 139 62.70 -5.97 15.57
CA ASN A 139 62.22 -5.68 14.23
C ASN A 139 62.59 -6.84 13.32
N LEU A 140 61.61 -7.30 12.54
CA LEU A 140 61.82 -8.31 11.50
C LEU A 140 61.49 -7.66 10.17
N LYS A 141 62.43 -7.69 9.23
CA LYS A 141 62.21 -7.02 7.96
C LYS A 141 62.55 -7.98 6.83
N ALA A 142 61.81 -7.82 5.73
CA ALA A 142 62.03 -8.57 4.51
C ALA A 142 61.50 -7.76 3.33
N ASN A 143 62.07 -8.00 2.16
CA ASN A 143 61.56 -7.43 0.93
C ASN A 143 60.62 -8.38 0.19
N GLY A 144 60.44 -9.58 0.73
CA GLY A 144 59.56 -10.60 0.17
C GLY A 144 58.60 -11.11 1.21
N GLN A 145 58.08 -12.31 1.04
CA GLN A 145 57.07 -12.87 1.94
C GLN A 145 57.75 -13.80 2.95
N VAL A 146 57.26 -13.79 4.18
CA VAL A 146 57.78 -14.68 5.22
C VAL A 146 56.66 -15.46 5.89
N PHE A 147 56.84 -16.78 5.97
CA PHE A 147 55.91 -17.68 6.65
C PHE A 147 56.61 -18.22 7.89
N LEU A 148 56.10 -17.88 9.07
CA LEU A 148 56.68 -18.39 10.34
C LEU A 148 55.76 -19.46 10.92
N VAL A 149 56.29 -20.65 11.20
CA VAL A 149 55.46 -21.77 11.74
C VAL A 149 56.03 -22.22 13.09
N ASN A 150 55.24 -22.12 14.16
CA ASN A 150 55.68 -22.59 15.50
C ASN A 150 54.53 -23.33 16.18
N PRO A 151 54.63 -24.66 16.38
CA PRO A 151 53.56 -25.44 17.02
C PRO A 151 53.33 -24.99 18.46
N ASN A 152 54.25 -24.20 19.01
CA ASN A 152 54.12 -23.73 20.42
C ASN A 152 53.52 -22.31 20.43
N GLY A 153 52.99 -21.86 19.30
CA GLY A 153 52.37 -20.53 19.21
C GLY A 153 53.40 -19.44 18.98
N VAL A 154 52.96 -18.19 18.84
CA VAL A 154 53.91 -17.06 18.55
C VAL A 154 53.46 -15.81 19.32
N LEU A 155 54.40 -15.10 19.93
CA LEU A 155 54.08 -13.87 20.64
C LEU A 155 54.90 -12.71 20.09
N PHE A 156 54.22 -11.63 19.70
CA PHE A 156 54.83 -10.41 19.21
C PHE A 156 54.63 -9.38 20.31
N GLY A 157 55.70 -8.95 20.96
CA GLY A 157 55.57 -8.09 22.12
C GLY A 157 55.44 -6.63 21.75
N GLU A 158 55.34 -5.80 22.79
CA GLU A 158 55.18 -4.37 22.58
C GLU A 158 56.45 -3.79 21.97
N GLY A 159 56.29 -2.95 20.96
CA GLY A 159 57.40 -2.33 20.28
C GLY A 159 57.93 -3.12 19.10
N ALA A 160 57.49 -4.37 18.93
CA ALA A 160 57.95 -5.18 17.82
C ALA A 160 57.37 -4.70 16.51
N SER A 161 58.09 -4.94 15.42
CA SER A 161 57.61 -4.54 14.11
C SER A 161 58.05 -5.55 13.06
N VAL A 162 57.11 -5.90 12.19
CA VAL A 162 57.34 -6.80 11.07
C VAL A 162 56.94 -6.07 9.80
N SER A 163 57.87 -5.94 8.85
CA SER A 163 57.59 -5.28 7.59
C SER A 163 58.13 -6.13 6.45
N THR A 164 57.22 -6.77 5.72
CA THR A 164 57.54 -7.72 4.67
C THR A 164 56.63 -7.45 3.48
N SER A 165 56.81 -8.22 2.41
CA SER A 165 55.91 -8.11 1.28
C SER A 165 54.64 -8.91 1.54
N GLY A 166 54.63 -9.67 2.63
CA GLY A 166 53.53 -10.51 3.08
C GLY A 166 54.05 -11.30 4.26
N PHE A 167 53.19 -11.60 5.23
CA PHE A 167 53.65 -12.32 6.41
C PHE A 167 52.54 -13.22 6.92
N VAL A 168 52.88 -14.47 7.19
CA VAL A 168 51.95 -15.44 7.73
C VAL A 168 52.54 -16.00 9.01
N ALA A 169 51.75 -15.99 10.08
CA ALA A 169 52.15 -16.62 11.33
C ALA A 169 51.22 -17.79 11.54
N SER A 170 51.76 -18.96 11.86
CA SER A 170 50.89 -20.16 11.96
C SER A 170 51.43 -21.18 12.97
N THR A 171 50.54 -21.81 13.74
CA THR A 171 50.95 -22.87 14.69
C THR A 171 50.76 -24.22 13.99
N ARG A 172 50.25 -24.19 12.75
CA ARG A 172 50.01 -25.39 11.97
C ARG A 172 51.18 -25.60 11.05
N ASP A 173 51.64 -26.84 10.94
CA ASP A 173 52.82 -27.10 10.14
C ASP A 173 52.46 -27.25 8.66
N ILE A 174 53.46 -27.05 7.82
CA ILE A 174 53.34 -27.18 6.38
C ILE A 174 54.44 -28.12 5.90
N LYS A 175 54.11 -29.01 4.98
CA LYS A 175 55.10 -29.93 4.46
C LYS A 175 56.05 -29.22 3.50
N ASN A 176 57.30 -29.67 3.49
CA ASN A 176 58.29 -29.07 2.59
C ASN A 176 57.91 -29.29 1.14
N ASP A 177 57.26 -30.41 0.83
CA ASP A 177 56.92 -30.67 -0.57
C ASP A 177 55.84 -29.71 -1.03
N ASP A 178 54.90 -29.37 -0.14
CA ASP A 178 53.82 -28.47 -0.55
C ASP A 178 54.31 -27.03 -0.62
N PHE A 179 55.14 -26.62 0.35
CA PHE A 179 55.70 -25.27 0.32
C PHE A 179 56.56 -25.04 -0.90
N MET A 180 57.49 -25.98 -1.15
CA MET A 180 58.43 -25.82 -2.26
C MET A 180 57.73 -25.83 -3.60
N ASN A 181 56.56 -26.47 -3.70
CA ASN A 181 55.81 -26.53 -4.95
C ASN A 181 54.67 -25.52 -4.95
N ARG A 182 54.75 -24.51 -4.08
CA ARG A 182 53.79 -23.41 -4.02
C ARG A 182 52.36 -23.88 -3.72
N ARG A 183 52.23 -24.85 -2.83
CA ARG A 183 50.94 -25.34 -2.34
C ARG A 183 50.88 -24.99 -0.85
N TYR A 184 50.34 -23.82 -0.54
CA TYR A 184 50.41 -23.25 0.82
C TYR A 184 49.26 -23.72 1.72
N THR A 185 49.34 -24.98 2.16
CA THR A 185 48.31 -25.57 3.00
C THR A 185 48.85 -25.76 4.42
N PHE A 186 48.18 -25.17 5.40
CA PHE A 186 48.58 -25.23 6.81
C PHE A 186 47.57 -26.08 7.57
N SER A 187 48.00 -27.23 8.11
CA SER A 187 47.08 -28.08 8.86
C SER A 187 47.84 -28.91 9.88
N GLY A 188 47.25 -29.02 11.08
CA GLY A 188 47.74 -29.85 12.16
C GLY A 188 49.11 -29.55 12.73
N GLY A 189 49.53 -30.40 13.68
CA GLY A 189 50.86 -30.38 14.26
C GLY A 189 51.09 -29.39 15.38
N GLN A 190 50.05 -28.70 15.83
CA GLN A 190 50.19 -27.70 16.87
C GLN A 190 50.16 -28.33 18.25
N LYS A 191 50.80 -27.65 19.21
CA LYS A 191 50.67 -27.99 20.62
C LYS A 191 49.32 -27.50 21.12
N ALA A 192 48.62 -28.34 21.88
CA ALA A 192 47.31 -27.91 22.37
C ALA A 192 47.46 -26.68 23.25
N GLY A 193 46.61 -25.69 23.00
CA GLY A 193 46.55 -24.45 23.74
C GLY A 193 47.45 -23.37 23.19
N ALA A 194 48.18 -23.66 22.12
CA ALA A 194 49.08 -22.69 21.50
C ALA A 194 48.31 -21.48 20.99
N ALA A 195 48.93 -20.31 21.09
CA ALA A 195 48.28 -19.09 20.64
C ALA A 195 49.26 -18.16 19.95
N ILE A 196 48.71 -17.35 19.05
CA ILE A 196 49.45 -16.27 18.39
C ILE A 196 48.87 -14.97 18.92
N VAL A 197 49.70 -14.19 19.61
CA VAL A 197 49.29 -12.94 20.23
C VAL A 197 50.13 -11.83 19.62
N ASN A 198 49.47 -10.87 18.99
CA ASN A 198 50.14 -9.74 18.34
C ASN A 198 49.94 -8.47 19.15
N GLN A 199 50.99 -8.08 19.89
CA GLN A 199 50.97 -6.86 20.70
C GLN A 199 51.78 -5.74 20.07
N GLY A 200 52.35 -5.98 18.89
CA GLY A 200 53.24 -5.03 18.24
C GLY A 200 52.61 -4.46 17.00
N GLU A 201 53.41 -4.02 16.02
CA GLU A 201 52.89 -3.46 14.78
C GLU A 201 53.34 -4.28 13.59
N LEU A 202 52.39 -4.96 12.95
CA LEU A 202 52.67 -5.82 11.81
C LEU A 202 52.17 -5.14 10.54
N THR A 203 53.08 -4.80 9.64
CA THR A 203 52.67 -4.10 8.43
C THR A 203 53.31 -4.77 7.22
N THR A 204 52.73 -4.52 6.05
CA THR A 204 53.28 -4.96 4.78
C THR A 204 53.34 -3.81 3.79
N ASN A 205 54.04 -4.08 2.69
CA ASN A 205 54.05 -3.18 1.54
C ASN A 205 52.67 -3.24 0.90
N ALA A 206 52.32 -2.22 0.13
CA ALA A 206 50.99 -2.22 -0.47
C ALA A 206 50.84 -3.46 -1.34
N GLY A 207 49.66 -4.06 -1.26
CA GLY A 207 49.33 -5.25 -2.00
C GLY A 207 49.70 -6.54 -1.29
N GLY A 208 50.27 -6.46 -0.09
CA GLY A 208 50.67 -7.62 0.68
C GLY A 208 49.53 -8.18 1.52
N TYR A 209 49.90 -9.11 2.40
CA TYR A 209 48.89 -9.75 3.25
C TYR A 209 49.51 -10.20 4.56
N ILE A 210 48.67 -10.27 5.59
CA ILE A 210 49.04 -10.81 6.90
C ILE A 210 48.01 -11.86 7.30
N VAL A 211 48.46 -13.07 7.58
CA VAL A 211 47.57 -14.17 8.00
C VAL A 211 48.06 -14.76 9.31
N LEU A 212 47.20 -14.80 10.32
CA LEU A 212 47.54 -15.41 11.60
C LEU A 212 46.64 -16.62 11.82
N ALA A 213 47.23 -17.82 11.74
CA ALA A 213 46.50 -19.08 11.82
C ALA A 213 46.87 -19.85 13.10
N ALA A 214 45.92 -20.02 14.00
CA ALA A 214 46.23 -20.70 15.26
C ALA A 214 44.92 -21.09 15.95
N ASP A 215 45.05 -21.96 16.96
CA ASP A 215 43.88 -22.31 17.76
C ASP A 215 43.28 -21.07 18.41
N ARG A 216 44.14 -20.16 18.87
CA ARG A 216 43.74 -18.88 19.42
C ARG A 216 44.55 -17.79 18.73
N VAL A 217 43.86 -16.78 18.23
CA VAL A 217 44.48 -15.63 17.59
C VAL A 217 44.06 -14.39 18.36
N SER A 218 45.02 -13.57 18.75
CA SER A 218 44.72 -12.36 19.51
C SER A 218 45.53 -11.22 18.96
N ASN A 219 44.87 -10.11 18.68
CA ASN A 219 45.50 -8.91 18.13
C ASN A 219 45.35 -7.77 19.12
N SER A 220 46.43 -7.42 19.80
CA SER A 220 46.40 -6.33 20.76
C SER A 220 47.06 -5.08 20.23
N GLY A 221 47.86 -5.22 19.18
CA GLY A 221 48.59 -4.13 18.54
C GLY A 221 47.89 -3.68 17.29
N THR A 222 48.67 -3.34 16.26
CA THR A 222 48.15 -2.82 15.01
C THR A 222 48.60 -3.69 13.85
N ILE A 223 47.67 -4.02 12.95
CA ILE A 223 47.98 -4.78 11.75
C ILE A 223 47.57 -3.93 10.56
N ARG A 224 48.48 -3.72 9.62
CA ARG A 224 48.20 -2.93 8.44
C ARG A 224 48.66 -3.67 7.19
N THR A 225 47.74 -3.87 6.25
CA THR A 225 48.02 -4.53 4.97
C THR A 225 47.36 -3.71 3.86
N PRO A 226 47.84 -2.49 3.62
CA PRO A 226 47.14 -1.61 2.68
C PRO A 226 47.05 -2.25 1.30
N GLY A 227 45.85 -2.22 0.74
CA GLY A 227 45.64 -2.75 -0.59
C GLY A 227 45.64 -4.26 -0.67
N GLY A 228 45.71 -4.97 0.46
CA GLY A 228 45.82 -6.42 0.45
C GLY A 228 44.81 -7.05 1.38
N LYS A 229 45.24 -8.11 2.09
CA LYS A 229 44.32 -8.87 2.93
C LYS A 229 44.90 -9.18 4.29
N THR A 230 44.05 -9.10 5.31
CA THR A 230 44.39 -9.55 6.66
C THR A 230 43.42 -10.68 6.98
N VAL A 231 43.96 -11.83 7.40
CA VAL A 231 43.12 -12.96 7.79
C VAL A 231 43.53 -13.46 9.16
N LEU A 232 42.62 -13.37 10.12
CA LEU A 232 42.82 -13.87 11.48
C LEU A 232 41.91 -15.07 11.61
N ALA A 233 42.48 -16.27 11.80
CA ALA A 233 41.58 -17.41 11.79
C ALA A 233 42.02 -18.52 12.73
N ALA A 234 41.03 -19.21 13.26
CA ALA A 234 41.20 -20.38 14.13
C ALA A 234 40.53 -21.57 13.48
N SER A 235 41.32 -22.45 12.87
CA SER A 235 40.75 -23.61 12.20
C SER A 235 41.81 -24.69 12.07
N GLU A 236 41.35 -25.90 11.75
CA GLU A 236 42.28 -27.02 11.60
C GLU A 236 43.13 -26.87 10.34
N ARG A 237 42.54 -26.40 9.23
CA ARG A 237 43.30 -26.21 8.00
C ARG A 237 43.00 -24.87 7.36
N ILE A 238 44.05 -24.16 6.98
CA ILE A 238 43.92 -22.92 6.22
C ILE A 238 44.78 -23.04 4.97
N THR A 239 44.18 -22.84 3.82
CA THR A 239 44.88 -22.90 2.54
C THR A 239 44.96 -21.50 1.96
N LEU A 240 46.16 -21.06 1.60
CA LEU A 240 46.32 -19.74 1.01
C LEU A 240 46.60 -19.87 -0.48
N GLN A 241 45.74 -19.29 -1.30
CA GLN A 241 45.93 -19.25 -2.75
C GLN A 241 46.53 -17.90 -3.09
N LEU A 242 47.80 -17.91 -3.52
CA LEU A 242 48.58 -16.74 -3.86
C LEU A 242 48.76 -16.65 -5.37
N ASP A 243 48.90 -15.42 -5.88
CA ASP A 243 49.17 -15.22 -7.30
C ASP A 243 49.94 -13.94 -7.54
N ASN A 244 51.11 -14.08 -8.18
CA ASN A 244 51.96 -12.95 -8.57
C ASN A 244 52.30 -12.01 -7.43
N GLY A 245 52.60 -12.55 -6.25
CA GLY A 245 53.00 -11.74 -5.11
C GLY A 245 51.92 -11.35 -4.13
N GLY A 246 50.64 -11.55 -4.44
CA GLY A 246 49.58 -11.19 -3.53
C GLY A 246 48.74 -12.39 -3.15
N LEU A 247 47.76 -12.14 -2.29
CA LEU A 247 46.88 -13.19 -1.81
C LEU A 247 45.55 -13.13 -2.55
N MET A 248 45.20 -14.23 -3.21
CA MET A 248 43.99 -14.28 -4.01
C MET A 248 42.81 -14.78 -3.18
N SER A 249 43.01 -15.86 -2.43
CA SER A 249 41.92 -16.40 -1.65
C SER A 249 42.46 -17.17 -0.44
N VAL A 250 41.62 -17.31 0.57
CA VAL A 250 41.95 -18.12 1.74
C VAL A 250 40.79 -19.06 2.00
N GLN A 251 41.09 -20.35 2.15
CA GLN A 251 40.09 -21.36 2.48
C GLN A 251 40.33 -21.76 3.93
N VAL A 252 39.39 -21.41 4.80
CA VAL A 252 39.49 -21.69 6.23
C VAL A 252 38.49 -22.79 6.54
N THR A 253 38.97 -23.94 7.00
CA THR A 253 38.04 -25.02 7.28
C THR A 253 38.50 -25.85 8.46
N GLY A 254 37.53 -26.46 9.13
CA GLY A 254 37.76 -27.39 10.21
C GLY A 254 37.60 -26.79 11.58
N ASP A 255 36.68 -27.34 12.37
CA ASP A 255 36.46 -26.86 13.72
C ASP A 255 37.58 -27.34 14.64
N VAL A 256 37.92 -26.50 15.61
CA VAL A 256 38.91 -26.86 16.62
C VAL A 256 38.32 -26.63 18.00
N VAL A 257 38.96 -27.21 19.01
CA VAL A 257 38.51 -27.07 20.39
C VAL A 257 38.90 -25.71 20.95
N ASN A 258 37.92 -25.04 21.56
CA ASN A 258 38.10 -23.72 22.17
C ASN A 258 38.67 -22.70 21.20
N ALA A 259 38.17 -22.70 19.96
CA ALA A 259 38.63 -21.73 18.98
C ALA A 259 38.33 -20.33 19.48
N LEU A 260 39.25 -19.40 19.31
CA LEU A 260 38.95 -18.02 19.66
C LEU A 260 39.80 -17.09 18.82
N VAL A 261 39.14 -16.15 18.15
CA VAL A 261 39.83 -15.08 17.43
C VAL A 261 39.41 -13.77 18.08
N GLU A 262 40.37 -13.07 18.66
CA GLU A 262 40.10 -11.85 19.42
C GLU A 262 40.88 -10.69 18.84
N ASN A 263 40.21 -9.58 18.63
CA ASN A 263 40.82 -8.37 18.09
C ASN A 263 40.61 -7.22 19.05
N ARG A 264 41.66 -6.89 19.81
CA ARG A 264 41.63 -5.82 20.79
C ARG A 264 42.27 -4.55 20.28
N GLY A 265 43.16 -4.64 19.31
CA GLY A 265 43.87 -3.50 18.77
C GLY A 265 43.27 -2.99 17.48
N LEU A 266 44.13 -2.52 16.59
CA LEU A 266 43.70 -1.92 15.32
C LEU A 266 44.13 -2.76 14.13
N VAL A 267 43.16 -3.18 13.32
CA VAL A 267 43.41 -3.92 12.09
C VAL A 267 42.92 -3.01 10.98
N SER A 268 43.77 -2.72 9.99
CA SER A 268 43.37 -1.84 8.90
C SER A 268 43.86 -2.41 7.58
N ALA A 269 42.96 -2.50 6.62
CA ALA A 269 43.25 -3.00 5.28
C ALA A 269 42.57 -2.09 4.26
N ARG A 270 42.94 -0.81 4.22
CA ARG A 270 42.24 0.10 3.32
C ARG A 270 42.42 -0.37 1.89
N ASP A 271 41.30 -0.38 1.16
CA ASP A 271 41.21 -0.86 -0.22
C ASP A 271 41.49 -2.35 -0.31
N GLY A 272 41.44 -3.06 0.82
CA GLY A 272 41.64 -4.49 0.87
C GLY A 272 40.50 -5.17 1.61
N GLN A 273 40.81 -6.33 2.21
CA GLN A 273 39.81 -7.10 2.94
C GLN A 273 40.37 -7.56 4.27
N VAL A 274 39.48 -7.66 5.26
CA VAL A 274 39.78 -8.24 6.56
C VAL A 274 38.83 -9.41 6.80
N TYR A 275 39.38 -10.59 7.07
CA TYR A 275 38.61 -11.78 7.36
C TYR A 275 38.90 -12.23 8.79
N LEU A 276 37.84 -12.42 9.58
CA LEU A 276 37.98 -12.92 10.94
C LEU A 276 37.16 -14.20 11.04
N THR A 277 37.83 -15.35 11.18
CA THR A 277 37.13 -16.62 11.18
C THR A 277 37.49 -17.44 12.41
N ALA A 278 36.49 -17.93 13.13
CA ALA A 278 36.72 -18.77 14.30
C ALA A 278 35.80 -19.99 14.23
N LEU A 279 36.37 -21.18 14.08
CA LEU A 279 35.60 -22.40 13.93
C LEU A 279 35.76 -23.28 15.18
N GLY A 280 34.75 -23.28 16.05
CA GLY A 280 34.82 -24.01 17.30
C GLY A 280 34.12 -25.36 17.23
N ARG A 281 34.64 -26.34 17.99
CA ARG A 281 33.98 -27.64 18.07
C ARG A 281 32.86 -27.67 19.10
N GLY A 282 33.03 -26.93 20.19
CA GLY A 282 32.08 -26.88 21.29
C GLY A 282 31.55 -25.47 21.46
N MET A 283 31.90 -24.86 22.59
CA MET A 283 31.55 -23.47 22.88
C MET A 283 30.06 -23.20 22.71
N LEU A 284 29.25 -23.98 23.43
CA LEU A 284 27.80 -23.85 23.29
C LEU A 284 27.36 -22.40 23.37
N MET A 285 27.78 -21.69 24.41
CA MET A 285 27.50 -20.27 24.57
C MET A 285 28.74 -19.48 24.96
N ASN A 286 29.92 -19.98 24.61
CA ASN A 286 31.17 -19.27 24.88
C ASN A 286 31.49 -18.40 23.68
N THR A 287 32.31 -17.36 23.89
CA THR A 287 32.66 -16.49 22.78
C THR A 287 33.73 -17.16 21.92
N VAL A 288 33.49 -17.18 20.60
CA VAL A 288 34.48 -17.74 19.70
C VAL A 288 35.14 -16.65 18.87
N LEU A 289 34.45 -15.55 18.62
CA LEU A 289 34.99 -14.41 17.89
C LEU A 289 34.69 -13.18 18.73
N ASN A 290 35.71 -12.42 19.08
CA ASN A 290 35.54 -11.29 20.00
C ASN A 290 36.29 -10.09 19.45
N VAL A 291 35.57 -9.11 18.92
CA VAL A 291 36.18 -7.93 18.32
C VAL A 291 35.83 -6.75 19.22
N SER A 292 36.84 -6.21 19.88
CA SER A 292 36.67 -5.09 20.79
C SER A 292 37.39 -3.84 20.36
N GLY A 293 38.27 -3.92 19.37
CA GLY A 293 39.04 -2.81 18.86
C GLY A 293 38.44 -2.25 17.59
N VAL A 294 39.30 -1.84 16.67
CA VAL A 294 38.88 -1.17 15.45
C VAL A 294 39.36 -1.98 14.25
N VAL A 295 38.44 -2.28 13.34
CA VAL A 295 38.73 -2.95 12.09
C VAL A 295 38.41 -1.95 10.98
N GLU A 296 39.40 -1.62 10.17
CA GLU A 296 39.23 -0.64 9.11
C GLU A 296 39.53 -1.29 7.76
N ALA A 297 38.62 -1.11 6.82
CA ALA A 297 38.78 -1.58 5.45
C ALA A 297 38.12 -0.60 4.49
N SER A 298 38.52 0.67 4.54
CA SER A 298 37.91 1.67 3.68
C SER A 298 38.35 1.48 2.24
N GLY A 299 37.62 2.11 1.33
CA GLY A 299 37.91 1.97 -0.08
C GLY A 299 36.65 1.63 -0.87
N MET A 300 36.87 0.99 -2.01
CA MET A 300 35.80 0.66 -2.93
C MET A 300 34.94 -0.49 -2.41
N HIS A 301 33.72 -0.58 -2.96
CA HIS A 301 32.73 -1.59 -2.60
C HIS A 301 33.07 -2.95 -3.20
N ARG A 302 33.96 -3.68 -2.54
CA ARG A 302 34.28 -5.02 -2.98
C ARG A 302 33.07 -5.92 -2.79
N GLN A 303 32.73 -6.68 -3.84
CA GLN A 303 31.53 -7.49 -3.78
C GLN A 303 31.67 -8.70 -2.86
N ASP A 304 32.89 -9.06 -2.47
CA ASP A 304 33.10 -10.21 -1.61
C ASP A 304 33.13 -9.80 -0.13
N GLY A 305 32.98 -8.51 0.16
CA GLY A 305 32.99 -8.04 1.53
C GLY A 305 34.30 -7.37 1.89
N ASN A 306 34.23 -6.17 2.47
CA ASN A 306 35.45 -5.50 2.87
C ASN A 306 35.91 -5.98 4.24
N ILE A 307 34.96 -6.24 5.12
CA ILE A 307 35.21 -6.77 6.46
C ILE A 307 34.31 -8.00 6.55
N VAL A 308 34.90 -9.15 6.85
CA VAL A 308 34.13 -10.38 6.97
C VAL A 308 34.43 -11.05 8.30
N LEU A 309 33.40 -11.22 9.12
CA LEU A 309 33.50 -11.89 10.41
C LEU A 309 32.76 -13.21 10.26
N ASP A 310 33.40 -14.31 10.64
CA ASP A 310 32.79 -15.62 10.49
C ASP A 310 32.94 -16.40 11.79
N GLY A 311 31.84 -16.56 12.52
CA GLY A 311 31.83 -17.22 13.80
C GLY A 311 31.67 -18.71 13.70
N GLY A 312 31.63 -19.25 12.49
CA GLY A 312 31.48 -20.67 12.30
C GLY A 312 30.08 -21.13 12.65
N ASP A 313 29.99 -22.41 12.99
CA ASP A 313 28.72 -23.08 13.28
C ASP A 313 28.53 -23.31 14.77
N SER A 314 29.31 -22.61 15.61
CA SER A 314 29.19 -22.76 17.05
C SER A 314 29.61 -21.50 17.80
N GLY A 315 29.02 -21.33 18.99
CA GLY A 315 29.36 -20.28 19.92
C GLY A 315 28.75 -18.95 19.57
N VAL A 316 29.15 -17.94 20.33
CA VAL A 316 28.61 -16.60 20.22
C VAL A 316 29.70 -15.70 19.64
N VAL A 317 29.29 -14.82 18.73
CA VAL A 317 30.18 -13.80 18.21
C VAL A 317 29.85 -12.51 18.94
N HIS A 318 30.86 -11.91 19.57
CA HIS A 318 30.65 -10.71 20.37
C HIS A 318 31.51 -9.61 19.79
N LEU A 319 30.85 -8.57 19.28
CA LEU A 319 31.48 -7.40 18.70
C LEU A 319 31.18 -6.22 19.59
N SER A 320 32.22 -5.54 20.06
CA SER A 320 32.07 -4.36 20.89
C SER A 320 32.82 -3.18 20.32
N GLY A 321 33.67 -3.42 19.32
CA GLY A 321 34.46 -2.41 18.67
C GLY A 321 33.72 -1.86 17.48
N THR A 322 34.47 -1.19 16.60
CA THR A 322 33.83 -0.45 15.50
C THR A 322 34.18 -1.01 14.12
N LEU A 323 33.32 -1.88 13.59
CA LEU A 323 33.59 -2.29 12.20
C LEU A 323 33.34 -1.11 11.26
N GLN A 324 34.25 -0.86 10.30
CA GLN A 324 34.13 0.30 9.38
C GLN A 324 34.61 -0.08 7.97
N ALA A 325 34.02 0.47 6.92
CA ALA A 325 34.28 0.21 5.50
C ALA A 325 33.73 1.41 4.74
N ASP A 326 34.04 2.61 5.24
CA ASP A 326 33.50 3.85 4.63
C ASP A 326 34.36 4.29 3.45
N ASN A 327 33.80 5.02 2.49
CA ASN A 327 34.44 5.51 1.29
C ASN A 327 34.11 7.00 1.18
N ALA A 328 35.06 7.86 1.51
CA ALA A 328 34.79 9.29 1.56
C ALA A 328 34.38 9.86 0.22
N SER A 329 34.90 9.34 -0.89
CA SER A 329 34.62 9.93 -2.19
C SER A 329 33.78 9.05 -3.10
N GLY A 330 33.69 7.75 -2.81
CA GLY A 330 32.93 6.85 -3.65
C GLY A 330 31.76 6.22 -2.90
N GLN A 331 31.49 4.96 -3.20
CA GLN A 331 30.40 4.22 -2.58
C GLN A 331 30.95 3.44 -1.39
N GLY A 332 30.17 3.39 -0.31
CA GLY A 332 30.61 2.66 0.87
C GLY A 332 30.75 1.18 0.59
N GLY A 333 31.52 0.50 1.44
CA GLY A 333 31.82 -0.90 1.24
C GLY A 333 30.81 -1.83 1.87
N LYS A 334 31.21 -3.10 1.97
CA LYS A 334 30.33 -4.15 2.47
C LYS A 334 30.95 -4.82 3.70
N VAL A 335 30.19 -4.85 4.79
CA VAL A 335 30.60 -5.48 6.04
C VAL A 335 29.68 -6.66 6.30
N VAL A 336 30.25 -7.85 6.41
CA VAL A 336 29.49 -9.07 6.65
C VAL A 336 29.90 -9.66 7.99
N VAL A 337 28.94 -9.77 8.91
CA VAL A 337 29.15 -10.38 10.21
C VAL A 337 28.26 -11.61 10.25
N GLN A 338 28.85 -12.78 10.39
CA GLN A 338 28.08 -14.02 10.38
C GLN A 338 28.60 -14.96 11.45
N GLY A 339 27.69 -15.76 11.98
CA GLY A 339 28.02 -16.73 13.02
C GLY A 339 26.73 -17.30 13.59
N LYS A 340 26.88 -18.18 14.56
CA LYS A 340 25.71 -18.83 15.13
C LYS A 340 24.93 -17.87 16.01
N ASN A 341 25.60 -17.22 16.95
CA ASN A 341 24.98 -16.26 17.86
C ASN A 341 25.79 -14.97 17.78
N ILE A 342 25.18 -13.90 17.26
CA ILE A 342 25.90 -12.65 17.05
C ILE A 342 25.33 -11.64 18.04
N LEU A 343 26.21 -11.10 18.88
CA LEU A 343 25.83 -10.09 19.87
C LEU A 343 26.56 -8.79 19.56
N LEU A 344 25.81 -7.72 19.36
CA LEU A 344 26.38 -6.40 19.13
C LEU A 344 26.25 -5.63 20.44
N ASP A 345 27.39 -5.30 21.04
CA ASP A 345 27.40 -4.72 22.37
C ASP A 345 27.09 -3.23 22.30
N LYS A 346 27.02 -2.59 23.48
CA LYS A 346 26.56 -1.18 23.57
C LYS A 346 27.39 -0.17 22.76
N GLY A 347 28.71 -0.32 22.69
CA GLY A 347 29.49 0.72 21.99
C GLY A 347 29.77 0.39 20.54
N SER A 348 29.23 -0.71 20.02
CA SER A 348 29.56 -1.16 18.66
C SER A 348 29.08 -0.12 17.64
N ASN A 349 29.72 -0.05 16.47
CA ASN A 349 29.19 0.85 15.41
C ASN A 349 29.62 0.34 14.04
N ILE A 350 29.05 -0.78 13.58
CA ILE A 350 29.35 -1.27 12.21
C ILE A 350 28.95 -0.17 11.23
N THR A 351 29.92 0.46 10.56
CA THR A 351 29.60 1.60 9.67
C THR A 351 30.08 1.31 8.24
N ALA A 352 29.18 1.38 7.26
CA ALA A 352 29.56 1.19 5.87
C ALA A 352 28.99 2.29 4.98
N THR A 353 29.40 3.52 5.24
CA THR A 353 28.91 4.73 4.59
C THR A 353 29.86 5.18 3.49
N GLY A 354 29.42 6.18 2.72
CA GLY A 354 30.30 6.76 1.74
C GLY A 354 29.70 7.95 1.02
N GLY A 355 30.60 8.72 0.42
CA GLY A 355 30.33 9.98 -0.24
C GLY A 355 29.19 10.02 -1.25
N GLN A 356 29.27 9.13 -2.23
CA GLN A 356 28.32 9.08 -3.34
C GLN A 356 27.22 8.05 -3.12
N GLY A 357 27.11 7.49 -1.94
CA GLY A 357 26.12 6.48 -1.64
C GLY A 357 26.67 5.48 -0.65
N GLY A 358 25.76 4.85 0.09
CA GLY A 358 26.15 3.92 1.12
C GLY A 358 26.48 2.54 0.59
N GLY A 359 26.95 1.72 1.50
CA GLY A 359 27.34 0.35 1.25
C GLY A 359 26.31 -0.62 1.78
N GLU A 360 26.78 -1.77 2.24
CA GLU A 360 25.90 -2.82 2.73
C GLU A 360 26.47 -3.38 4.01
N VAL A 361 25.59 -3.61 4.99
CA VAL A 361 25.95 -4.27 6.24
C VAL A 361 25.01 -5.43 6.48
N TYR A 362 25.56 -6.63 6.59
CA TYR A 362 24.77 -7.83 6.84
C TYR A 362 25.20 -8.38 8.19
N VAL A 363 24.25 -8.62 9.08
CA VAL A 363 24.52 -9.24 10.37
C VAL A 363 23.63 -10.46 10.48
N GLY A 364 24.24 -11.64 10.37
CA GLY A 364 23.51 -12.87 10.51
C GLY A 364 22.83 -13.38 9.26
N GLY A 365 22.92 -12.66 8.14
CA GLY A 365 22.27 -13.13 6.93
C GLY A 365 22.06 -12.02 5.94
N GLY A 366 21.68 -12.42 4.73
CA GLY A 366 21.43 -11.49 3.66
C GLY A 366 20.00 -10.98 3.76
N TRP A 367 19.56 -10.26 2.73
CA TRP A 367 18.21 -9.71 2.79
C TRP A 367 17.22 -10.87 2.86
N GLN A 368 16.37 -10.84 3.89
CA GLN A 368 15.38 -11.88 4.17
C GLN A 368 16.03 -13.27 4.26
N GLY A 369 17.34 -13.32 4.48
CA GLY A 369 18.03 -14.58 4.65
C GLY A 369 18.22 -15.38 3.38
N LYS A 370 17.98 -14.78 2.22
CA LYS A 370 18.03 -15.47 0.94
C LYS A 370 19.40 -15.43 0.28
N ASP A 371 20.37 -14.75 0.85
CA ASP A 371 21.69 -14.64 0.22
C ASP A 371 22.51 -15.87 0.59
N SER A 372 22.78 -16.71 -0.41
CA SER A 372 23.47 -17.98 -0.22
C SER A 372 24.92 -17.85 0.21
N ASN A 373 25.51 -16.66 0.10
CA ASN A 373 26.91 -16.49 0.47
C ASN A 373 27.10 -16.01 1.91
N ILE A 374 26.03 -15.86 2.68
CA ILE A 374 26.12 -15.44 4.08
C ILE A 374 25.44 -16.50 4.94
N ARG A 375 26.16 -17.00 5.94
CA ARG A 375 25.59 -17.97 6.86
C ARG A 375 24.50 -17.29 7.68
N ASN A 376 23.35 -17.94 7.79
CA ASN A 376 22.28 -17.39 8.62
C ASN A 376 22.52 -17.69 10.09
N ALA A 377 22.41 -16.66 10.92
CA ALA A 377 22.59 -16.81 12.35
C ALA A 377 21.38 -17.50 12.98
N ASP A 378 21.61 -18.17 14.11
CA ASP A 378 20.47 -18.70 14.83
C ASP A 378 19.86 -17.63 15.73
N LYS A 379 20.71 -16.79 16.32
CA LYS A 379 20.23 -15.72 17.18
C LYS A 379 21.07 -14.47 16.94
N VAL A 380 20.43 -13.31 16.89
CA VAL A 380 21.14 -12.04 16.78
C VAL A 380 20.59 -11.11 17.85
N VAL A 381 21.46 -10.59 18.70
CA VAL A 381 21.05 -9.66 19.73
C VAL A 381 21.83 -8.37 19.55
N MET A 382 21.13 -7.25 19.43
CA MET A 382 21.76 -5.95 19.29
C MET A 382 21.25 -5.11 20.45
N GLN A 383 22.13 -4.85 21.43
CA GLN A 383 21.78 -4.19 22.66
C GLN A 383 21.63 -2.69 22.45
N GLY A 384 20.89 -2.07 23.38
CA GLY A 384 20.68 -0.63 23.31
C GLY A 384 21.99 0.10 23.39
N GLY A 385 22.14 1.12 22.52
CA GLY A 385 23.43 1.84 22.47
C GLY A 385 24.22 1.44 21.23
N ALA A 386 24.07 0.18 20.80
CA ALA A 386 24.75 -0.30 19.57
C ALA A 386 24.25 0.51 18.37
N ARG A 387 25.15 0.92 17.49
CA ARG A 387 24.73 1.75 16.35
C ARG A 387 25.30 1.17 15.06
N ILE A 388 24.46 0.98 14.05
CA ILE A 388 24.95 0.53 12.71
C ILE A 388 24.55 1.61 11.69
N ASP A 389 25.51 2.18 10.97
CA ASP A 389 25.18 3.31 10.06
C ASP A 389 25.62 3.01 8.63
N VAL A 390 24.67 2.97 7.69
CA VAL A 390 25.01 2.78 6.29
C VAL A 390 24.46 3.96 5.50
N SER A 391 24.29 5.09 6.15
CA SER A 391 23.78 6.30 5.55
C SER A 391 24.74 6.90 4.53
N ALA A 392 24.19 7.61 3.55
CA ALA A 392 25.04 8.38 2.65
C ALA A 392 25.40 9.68 3.36
N THR A 393 26.59 10.21 3.07
CA THR A 393 26.97 11.42 3.77
C THR A 393 26.87 12.71 2.96
N GLN A 394 26.93 12.65 1.63
CA GLN A 394 26.78 13.92 0.90
C GLN A 394 25.67 13.87 -0.15
N GLN A 395 25.80 12.97 -1.11
CA GLN A 395 24.82 12.85 -2.19
C GLN A 395 24.79 11.42 -2.68
N GLY A 396 23.63 10.80 -2.64
CA GLY A 396 23.51 9.42 -3.05
C GLY A 396 22.45 8.69 -2.25
N ASN A 397 22.20 7.46 -2.64
CA ASN A 397 21.15 6.67 -2.02
C ASN A 397 21.67 5.99 -0.76
N GLY A 398 20.76 5.73 0.17
CA GLY A 398 21.12 4.98 1.36
C GLY A 398 21.37 3.53 0.99
N GLY A 399 22.12 2.85 1.85
CA GLY A 399 22.48 1.47 1.61
C GLY A 399 21.51 0.47 2.21
N THR A 400 22.01 -0.75 2.36
CA THR A 400 21.25 -1.89 2.84
C THR A 400 21.81 -2.40 4.15
N ALA A 401 20.96 -2.56 5.17
CA ALA A 401 21.40 -3.13 6.43
C ALA A 401 20.43 -4.25 6.77
N VAL A 402 20.96 -5.39 7.20
CA VAL A 402 20.13 -6.54 7.53
C VAL A 402 20.53 -7.14 8.87
N LEU A 403 19.56 -7.35 9.75
CA LEU A 403 19.71 -8.14 10.97
C LEU A 403 18.86 -9.38 10.76
N TRP A 404 19.48 -10.53 10.61
CA TRP A 404 18.70 -11.73 10.32
C TRP A 404 19.03 -12.83 11.31
N SER A 405 17.99 -13.52 11.75
CA SER A 405 18.24 -14.70 12.57
C SER A 405 17.21 -15.78 12.23
N ASP A 406 17.60 -17.04 12.42
CA ASP A 406 16.63 -18.12 12.24
C ASP A 406 15.76 -18.37 13.47
N SER A 407 16.26 -18.13 14.68
CA SER A 407 15.49 -18.39 15.88
C SER A 407 15.08 -17.17 16.68
N TYR A 408 15.97 -16.20 16.90
CA TYR A 408 15.63 -15.07 17.75
C TYR A 408 16.45 -13.84 17.41
N THR A 409 15.77 -12.71 17.19
CA THR A 409 16.42 -11.42 16.96
C THR A 409 15.97 -10.46 18.04
N ASN A 410 16.92 -9.85 18.73
CA ASN A 410 16.65 -8.92 19.83
C ASN A 410 17.22 -7.57 19.40
N PHE A 411 16.39 -6.66 18.90
CA PHE A 411 16.85 -5.41 18.31
C PHE A 411 16.46 -4.18 19.13
N HIS A 412 17.44 -3.62 19.85
CA HIS A 412 17.24 -2.43 20.67
C HIS A 412 18.11 -1.25 20.27
N GLY A 413 18.98 -1.40 19.27
CA GLY A 413 19.93 -0.38 18.89
C GLY A 413 19.45 0.58 17.83
N GLN A 414 20.43 1.31 17.27
CA GLN A 414 20.11 2.34 16.25
C GLN A 414 20.76 1.98 14.91
N ILE A 415 19.96 1.91 13.85
CA ILE A 415 20.42 1.62 12.50
C ILE A 415 20.07 2.80 11.61
N GLY A 416 21.06 3.43 11.00
CA GLY A 416 20.80 4.51 10.09
C GLY A 416 21.05 4.05 8.66
N ALA A 417 20.28 4.60 7.74
CA ALA A 417 20.43 4.41 6.30
C ALA A 417 19.92 5.64 5.58
N LYS A 418 20.43 6.80 5.99
CA LYS A 418 19.93 8.06 5.48
C LYS A 418 20.44 8.36 4.07
N GLY A 419 19.62 9.09 3.33
CA GLY A 419 20.00 9.59 2.03
C GLY A 419 20.90 10.77 2.21
N GLY A 420 21.60 11.16 1.15
CA GLY A 420 22.50 12.29 1.28
C GLY A 420 21.71 13.57 1.48
N GLU A 421 22.33 14.53 2.16
CA GLU A 421 21.67 15.81 2.43
C GLU A 421 21.33 16.55 1.14
N THR A 422 22.16 16.42 0.11
CA THR A 422 21.95 17.17 -1.11
C THR A 422 21.32 16.34 -2.22
N GLY A 423 20.89 15.12 -1.93
CA GLY A 423 20.28 14.29 -2.95
C GLY A 423 20.42 12.82 -2.63
N GLY A 424 19.59 12.03 -3.29
CA GLY A 424 19.59 10.60 -3.12
C GLY A 424 18.43 10.11 -2.26
N ASN A 425 18.03 8.87 -2.50
CA ASN A 425 16.90 8.25 -1.83
C ASN A 425 17.36 7.58 -0.54
N GLY A 426 16.40 7.36 0.36
CA GLY A 426 16.71 6.63 1.58
C GLY A 426 16.99 5.17 1.28
N GLY A 427 17.72 4.52 2.18
CA GLY A 427 18.09 3.13 1.97
C GLY A 427 17.06 2.20 2.59
N ARG A 428 17.50 0.98 2.84
CA ARG A 428 16.63 -0.06 3.36
C ARG A 428 17.28 -0.82 4.52
N VAL A 429 16.49 -1.05 5.56
CA VAL A 429 16.95 -1.74 6.75
C VAL A 429 15.96 -2.86 7.05
N GLU A 430 16.46 -4.08 7.24
CA GLU A 430 15.65 -5.23 7.60
C GLU A 430 16.04 -5.68 8.99
N THR A 431 15.06 -5.90 9.85
CA THR A 431 15.29 -6.41 11.20
C THR A 431 14.37 -7.60 11.42
N SER A 432 14.85 -8.82 11.23
CA SER A 432 13.91 -9.92 11.18
C SER A 432 14.46 -11.22 11.75
N SER A 433 13.52 -12.14 12.00
CA SER A 433 13.85 -13.45 12.53
C SER A 433 12.78 -14.43 12.08
N HIS A 434 13.20 -15.62 11.65
CA HIS A 434 12.25 -16.64 11.25
C HIS A 434 11.44 -17.02 12.50
N GLY A 435 12.02 -16.79 13.68
CA GLY A 435 11.37 -17.12 14.93
C GLY A 435 10.81 -15.95 15.71
N ASN A 436 11.45 -15.64 16.84
CA ASN A 436 11.01 -14.59 17.76
C ASN A 436 11.78 -13.30 17.49
N LEU A 437 11.10 -12.30 16.95
CA LEU A 437 11.71 -11.01 16.66
C LEU A 437 11.23 -9.97 17.67
N GLN A 438 12.17 -9.39 18.43
CA GLN A 438 11.86 -8.31 19.35
C GLN A 438 12.36 -7.02 18.72
N ALA A 439 11.44 -6.20 18.20
CA ALA A 439 11.88 -4.99 17.50
C ALA A 439 11.48 -3.77 18.32
N PHE A 440 12.44 -3.28 19.10
CA PHE A 440 12.21 -2.16 20.02
C PHE A 440 13.13 -0.98 19.73
N GLY A 441 14.18 -1.17 18.93
CA GLY A 441 15.16 -0.14 18.67
C GLY A 441 14.76 0.89 17.64
N THR A 442 15.74 1.69 17.24
CA THR A 442 15.58 2.84 16.36
C THR A 442 16.21 2.58 15.00
N VAL A 443 15.48 2.90 13.95
CA VAL A 443 15.95 2.78 12.57
C VAL A 443 15.67 4.12 11.88
N SER A 444 16.65 4.62 11.13
CA SER A 444 16.41 5.88 10.42
C SER A 444 16.98 5.78 9.01
N ALA A 445 16.10 5.85 8.02
CA ALA A 445 16.46 5.73 6.62
C ALA A 445 15.72 6.81 5.84
N SER A 446 15.79 8.04 6.37
CA SER A 446 15.16 9.20 5.78
C SER A 446 16.06 9.78 4.69
N ALA A 447 15.55 10.75 3.95
CA ALA A 447 16.36 11.45 2.97
C ALA A 447 15.99 12.93 3.05
N LYS A 448 16.96 13.79 2.80
CA LYS A 448 16.65 15.22 2.83
C LYS A 448 16.01 15.68 1.53
N LYS A 449 16.41 15.10 0.40
CA LYS A 449 15.88 15.49 -0.90
C LYS A 449 15.14 14.39 -1.64
N GLY A 450 15.45 13.12 -1.37
CA GLY A 450 14.92 12.02 -2.14
C GLY A 450 13.74 11.32 -1.47
N LYS A 451 13.51 10.08 -1.89
CA LYS A 451 12.39 9.30 -1.40
C LYS A 451 12.69 8.68 -0.04
N ALA A 452 11.62 8.46 0.73
CA ALA A 452 11.71 7.76 1.99
C ALA A 452 12.18 6.31 1.80
N GLY A 453 13.01 5.83 2.72
CA GLY A 453 13.47 4.46 2.70
C GLY A 453 12.48 3.55 3.41
N ASN A 454 12.93 2.31 3.68
CA ASN A 454 12.00 1.35 4.27
C ASN A 454 12.63 0.56 5.41
N TRP A 455 11.89 0.48 6.52
CA TRP A 455 12.22 -0.38 7.65
C TRP A 455 11.36 -1.62 7.49
N LEU A 456 11.98 -2.76 7.26
CA LEU A 456 11.30 -4.03 7.05
C LEU A 456 11.39 -4.90 8.29
N LEU A 457 10.24 -5.41 8.73
CA LEU A 457 10.15 -6.34 9.84
C LEU A 457 9.64 -7.65 9.26
N ASP A 458 10.16 -8.78 9.75
CA ASP A 458 9.75 -10.07 9.19
C ASP A 458 9.84 -11.14 10.27
N SER A 459 8.68 -11.65 10.71
CA SER A 459 8.69 -12.65 11.77
C SER A 459 7.45 -13.52 11.71
N ALA A 460 7.44 -14.59 12.52
CA ALA A 460 6.36 -15.57 12.44
C ALA A 460 4.99 -14.98 12.76
N ASP A 461 4.86 -14.34 13.91
CA ASP A 461 3.59 -13.72 14.32
C ASP A 461 3.97 -12.43 15.02
N ILE A 462 3.46 -11.30 14.53
CA ILE A 462 3.84 -10.00 15.08
C ILE A 462 2.69 -9.39 15.86
N THR A 463 3.00 -8.92 17.06
CA THR A 463 2.05 -8.23 17.91
C THR A 463 2.63 -6.86 18.22
N ILE A 464 1.85 -5.81 17.99
CA ILE A 464 2.27 -4.45 18.28
C ILE A 464 1.81 -4.07 19.68
N VAL A 465 2.74 -3.60 20.51
CA VAL A 465 2.45 -3.33 21.91
C VAL A 465 2.76 -1.87 22.20
N ASN A 466 2.21 -1.38 23.31
CA ASN A 466 2.34 0.01 23.71
C ASN A 466 3.64 0.26 24.48
N GLY A 467 4.53 1.05 23.88
CA GLY A 467 5.78 1.40 24.53
C GLY A 467 6.84 0.31 24.52
N SER A 468 7.86 0.58 25.34
CA SER A 468 9.03 -0.29 25.48
C SER A 468 9.06 -1.00 26.83
N ASN A 469 8.00 -0.84 27.63
CA ASN A 469 7.98 -1.43 28.96
C ASN A 469 7.53 -2.89 28.87
N VAL A 470 8.43 -3.72 28.34
CA VAL A 470 8.15 -5.13 28.07
C VAL A 470 9.10 -6.04 28.84
N SER A 471 9.70 -5.54 29.93
CA SER A 471 10.67 -6.30 30.73
C SER A 471 11.79 -6.84 29.84
N LYS A 472 12.37 -5.92 29.06
CA LYS A 472 13.47 -6.27 28.16
C LYS A 472 14.73 -6.55 28.95
N THR A 473 15.57 -7.43 28.41
CA THR A 473 16.85 -7.76 29.02
C THR A 473 18.01 -7.32 28.13
N GLU A 474 18.93 -6.55 28.72
CA GLU A 474 20.12 -6.09 28.00
C GLU A 474 21.28 -5.83 28.95
N THR A 475 21.20 -4.77 29.75
CA THR A 475 22.32 -4.35 30.59
C THR A 475 22.04 -4.44 32.08
N THR A 476 20.78 -4.53 32.50
CA THR A 476 20.40 -4.59 33.90
C THR A 476 19.90 -5.99 34.23
N GLN A 477 20.38 -6.55 35.33
CA GLN A 477 20.02 -7.92 35.74
C GLN A 477 20.21 -8.88 34.57
N SER A 478 21.35 -8.73 33.88
CA SER A 478 21.63 -9.49 32.67
C SER A 478 23.06 -10.03 32.66
N PRO A 479 23.28 -11.18 33.28
CA PRO A 479 24.63 -11.77 33.25
C PRO A 479 25.05 -12.00 31.82
N PRO A 480 26.36 -12.00 31.54
CA PRO A 480 26.79 -12.15 30.15
C PRO A 480 26.19 -13.40 29.50
N HIS A 481 25.70 -13.22 28.26
CA HIS A 481 25.11 -14.24 27.40
C HIS A 481 23.72 -14.72 27.84
N THR A 482 23.04 -14.03 28.77
CA THR A 482 21.66 -14.41 29.09
C THR A 482 20.69 -13.86 28.06
N GLN A 483 21.15 -12.93 27.22
CA GLN A 483 20.35 -12.26 26.21
C GLN A 483 19.95 -13.20 25.08
N PHE A 484 20.55 -14.38 25.02
CA PHE A 484 20.24 -15.34 23.96
C PHE A 484 19.23 -16.38 24.42
N ALA A 485 18.63 -16.20 25.61
CA ALA A 485 17.65 -17.14 26.15
C ALA A 485 16.32 -16.40 26.15
N PRO A 486 15.52 -16.51 25.09
CA PRO A 486 14.30 -15.71 24.99
C PRO A 486 13.24 -16.12 26.00
N THR A 487 12.51 -15.11 26.49
CA THR A 487 11.36 -15.29 27.36
C THR A 487 10.13 -14.58 26.81
N ALA A 488 10.30 -13.58 25.96
CA ALA A 488 9.26 -12.73 25.41
C ALA A 488 8.65 -13.45 24.21
N ALA A 489 7.84 -14.47 24.49
CA ALA A 489 7.24 -15.23 23.40
C ALA A 489 6.37 -14.31 22.55
N GLY A 490 6.46 -14.48 21.25
CA GLY A 490 5.73 -13.70 20.27
C GLY A 490 6.61 -12.56 19.79
N SER A 491 6.44 -12.18 18.53
CA SER A 491 7.28 -11.12 17.95
C SER A 491 6.70 -9.75 18.29
N ALA A 492 6.88 -9.37 19.55
CA ALA A 492 6.41 -8.07 20.01
C ALA A 492 7.16 -6.97 19.28
N VAL A 493 6.44 -5.95 18.83
CA VAL A 493 7.01 -4.78 18.18
C VAL A 493 6.52 -3.56 18.93
N SER A 494 7.45 -2.67 19.28
CA SER A 494 7.08 -1.43 19.97
C SER A 494 6.32 -0.52 19.02
N ASN A 495 5.19 0.01 19.47
CA ASN A 495 4.42 0.96 18.67
C ASN A 495 5.14 2.29 18.61
N THR A 496 5.94 2.61 19.63
CA THR A 496 6.69 3.84 19.64
C THR A 496 7.71 3.86 18.50
N SER A 497 8.38 2.74 18.25
CA SER A 497 9.36 2.69 17.17
C SER A 497 8.69 2.93 15.82
N ILE A 498 7.54 2.28 15.59
CA ILE A 498 6.83 2.49 14.33
C ILE A 498 6.38 3.94 14.21
N ASN A 499 5.84 4.50 15.29
CA ASN A 499 5.34 5.88 15.22
C ASN A 499 6.50 6.83 14.92
N ASN A 500 7.65 6.57 15.54
CA ASN A 500 8.85 7.39 15.34
C ASN A 500 9.36 7.25 13.92
N ARG A 501 9.11 6.08 13.30
CA ARG A 501 9.57 5.91 11.94
C ARG A 501 8.66 6.69 11.01
N LEU A 502 7.35 6.64 11.26
CA LEU A 502 6.46 7.37 10.39
C LEU A 502 6.72 8.86 10.55
N ASN A 503 7.01 9.31 11.76
CA ASN A 503 7.19 10.77 11.91
C ASN A 503 8.54 11.19 11.32
N ASN A 504 9.53 10.28 11.18
CA ASN A 504 10.82 10.75 10.70
C ASN A 504 11.05 10.48 9.22
N GLY A 505 9.99 10.19 8.47
CA GLY A 505 10.15 10.01 7.05
C GLY A 505 10.60 8.64 6.61
N THR A 506 10.39 7.61 7.43
CA THR A 506 10.75 6.24 7.07
C THR A 506 9.50 5.40 6.92
N SER A 507 9.41 4.66 5.82
CA SER A 507 8.27 3.78 5.60
C SER A 507 8.47 2.52 6.43
N VAL A 508 7.37 1.85 6.78
CA VAL A 508 7.44 0.62 7.56
C VAL A 508 6.68 -0.49 6.86
N THR A 509 7.35 -1.61 6.60
CA THR A 509 6.74 -2.77 5.97
C THR A 509 6.87 -3.93 6.95
N ILE A 510 5.74 -4.52 7.34
CA ILE A 510 5.72 -5.63 8.28
C ILE A 510 5.22 -6.90 7.60
N LEU A 511 6.06 -7.94 7.54
CA LEU A 511 5.67 -9.23 6.98
C LEU A 511 5.75 -10.34 8.02
N THR A 512 4.86 -11.32 7.84
CA THR A 512 4.89 -12.54 8.61
C THR A 512 4.83 -13.71 7.63
N HIS A 513 4.74 -14.92 8.17
CA HIS A 513 4.75 -16.12 7.34
C HIS A 513 4.50 -17.34 8.20
N ARG A 514 3.52 -18.14 7.79
CA ARG A 514 3.12 -19.32 8.52
C ARG A 514 4.23 -20.37 8.47
N THR A 515 4.45 -21.02 9.61
CA THR A 515 5.45 -22.06 9.74
C THR A 515 4.78 -23.42 9.64
N ARG A 516 5.58 -24.48 9.81
CA ARG A 516 5.11 -25.84 9.57
C ARG A 516 3.88 -26.19 10.38
N THR A 517 3.11 -27.18 9.90
CA THR A 517 1.94 -27.67 10.61
C THR A 517 2.31 -28.18 11.99
N GLY A 518 1.53 -27.77 13.00
CA GLY A 518 1.74 -28.17 14.37
C GLY A 518 2.15 -27.04 15.30
N THR A 519 2.59 -25.90 14.78
CA THR A 519 2.96 -24.79 15.62
C THR A 519 1.77 -23.83 15.78
N ALA A 520 1.90 -22.86 16.68
CA ALA A 520 0.79 -21.89 16.90
C ALA A 520 0.93 -20.67 15.98
N GLN A 521 2.13 -20.12 15.84
CA GLN A 521 2.32 -18.87 15.04
C GLN A 521 1.74 -19.08 13.64
N GLY A 522 0.98 -18.10 13.12
CA GLY A 522 0.35 -18.25 11.80
C GLY A 522 0.54 -17.03 10.91
N GLY A 523 1.14 -15.95 11.43
CA GLY A 523 1.25 -14.71 10.65
C GLY A 523 0.25 -13.69 11.16
N ASN A 524 -0.45 -14.04 12.22
CA ASN A 524 -1.50 -13.17 12.77
C ASN A 524 -0.89 -11.84 13.22
N ILE A 525 -0.98 -10.80 12.40
CA ILE A 525 -0.51 -9.51 12.88
C ILE A 525 -1.63 -8.91 13.73
N THR A 526 -1.35 -8.68 15.00
CA THR A 526 -2.31 -8.10 15.92
C THR A 526 -1.79 -6.73 16.34
N VAL A 527 -2.65 -5.72 16.25
CA VAL A 527 -2.28 -4.36 16.64
C VAL A 527 -2.94 -4.09 17.99
N ASN A 528 -2.13 -4.05 19.05
CA ASN A 528 -2.62 -3.79 20.39
C ASN A 528 -2.18 -2.43 20.91
N ALA A 529 -1.75 -1.54 20.02
CA ALA A 529 -1.32 -0.21 20.39
C ALA A 529 -1.57 0.72 19.21
N ALA A 530 -1.86 1.98 19.52
CA ALA A 530 -2.16 2.93 18.45
C ALA A 530 -0.90 3.32 17.69
N ILE A 531 -1.07 3.49 16.38
CA ILE A 531 -0.04 3.98 15.46
C ILE A 531 -0.44 5.39 15.07
N ASN A 532 0.45 6.38 15.11
CA ASN A 532 0.03 7.71 14.61
C ASN A 532 1.15 8.35 13.79
N LYS A 533 0.84 9.32 12.94
CA LYS A 533 1.88 10.00 12.13
C LYS A 533 1.70 11.51 12.27
N GLY A 534 2.02 12.06 13.44
CA GLY A 534 1.78 13.50 13.69
C GLY A 534 2.66 14.44 12.90
N ASN A 535 3.72 13.95 12.25
CA ASN A 535 4.65 14.89 11.58
C ASN A 535 5.47 14.19 10.48
N GLY A 536 6.35 14.93 9.80
CA GLY A 536 7.18 14.41 8.73
C GLY A 536 6.49 14.33 7.39
N SER A 537 7.29 13.98 6.38
CA SER A 537 6.86 13.87 4.99
C SER A 537 6.07 12.59 4.75
N ASP A 538 5.48 12.51 3.55
CA ASP A 538 4.65 11.37 3.17
C ASP A 538 5.45 10.08 3.27
N VAL A 539 4.86 9.09 3.94
CA VAL A 539 5.46 7.77 4.15
C VAL A 539 4.38 6.74 3.90
N ASN A 540 4.80 5.50 3.66
CA ASN A 540 3.87 4.39 3.53
C ASN A 540 3.97 3.48 4.75
N LEU A 541 2.84 2.84 5.09
CA LEU A 541 2.79 1.81 6.12
C LEU A 541 2.08 0.57 5.56
N THR A 542 2.82 -0.53 5.46
CA THR A 542 2.27 -1.76 4.91
C THR A 542 2.36 -2.90 5.91
N LEU A 543 1.25 -3.59 6.13
CA LEU A 543 1.18 -4.73 7.05
C LEU A 543 0.68 -5.96 6.29
N GLN A 544 1.59 -6.79 5.78
CA GLN A 544 1.13 -7.90 4.97
C GLN A 544 1.37 -9.20 5.73
N ALA A 545 0.32 -9.70 6.36
CA ALA A 545 0.35 -10.88 7.22
C ALA A 545 0.29 -12.18 6.46
N GLY A 546 0.93 -13.19 7.03
CA GLY A 546 0.85 -14.56 6.55
C GLY A 546 -0.45 -15.19 7.01
N GLY A 547 -1.00 -14.64 8.09
CA GLY A 547 -2.19 -15.03 8.81
C GLY A 547 -3.21 -13.91 8.89
N ASN A 548 -3.58 -13.56 10.12
CA ASN A 548 -4.66 -12.56 10.30
C ASN A 548 -4.11 -11.16 10.55
N ILE A 549 -4.86 -10.14 10.18
CA ILE A 549 -4.54 -8.72 10.38
C ILE A 549 -5.47 -8.12 11.44
N THR A 550 -5.65 -8.80 12.57
CA THR A 550 -6.51 -8.20 13.59
C THR A 550 -5.96 -6.86 14.05
N VAL A 551 -6.76 -5.81 13.89
CA VAL A 551 -6.41 -4.45 14.28
C VAL A 551 -7.28 -4.06 15.47
N ASN A 552 -6.67 -3.89 16.64
CA ASN A 552 -7.42 -3.54 17.84
C ASN A 552 -7.20 -2.10 18.27
N ASN A 553 -6.50 -1.30 17.47
CA ASN A 553 -6.23 0.10 17.82
C ASN A 553 -6.21 0.92 16.55
N SER A 554 -6.39 2.23 16.70
CA SER A 554 -6.44 3.11 15.55
C SER A 554 -5.05 3.31 14.92
N ILE A 555 -5.10 3.66 13.64
CA ILE A 555 -3.94 4.08 12.84
C ILE A 555 -4.28 5.46 12.31
N THR A 556 -3.60 6.49 12.81
CA THR A 556 -3.96 7.85 12.45
C THR A 556 -2.74 8.63 11.95
N SER A 557 -3.04 9.79 11.37
CA SER A 557 -2.03 10.71 10.87
C SER A 557 -2.52 12.14 11.06
N THR A 558 -1.70 13.02 11.64
CA THR A 558 -2.21 14.38 11.90
C THR A 558 -1.44 15.32 10.97
N GLU A 559 -0.52 14.76 10.18
CA GLU A 559 0.29 15.56 9.23
C GLU A 559 0.83 14.61 8.16
N GLY A 560 1.25 15.15 7.02
CA GLY A 560 1.75 14.33 5.94
C GLY A 560 0.73 13.29 5.50
N LYS A 561 1.05 12.59 4.43
CA LYS A 561 0.19 11.52 3.93
C LYS A 561 0.72 10.19 4.44
N LEU A 562 -0.16 9.40 5.05
CA LEU A 562 0.19 8.05 5.52
C LEU A 562 -0.53 7.04 4.63
N ASN A 563 0.23 6.31 3.81
CA ASN A 563 -0.37 5.34 2.91
C ASN A 563 -0.46 4.02 3.67
N VAL A 564 -1.68 3.55 3.92
CA VAL A 564 -1.90 2.34 4.72
C VAL A 564 -2.27 1.20 3.78
N ASN A 565 -1.53 0.10 3.85
CA ASN A 565 -1.77 -1.06 3.00
C ASN A 565 -1.85 -2.29 3.90
N LEU A 566 -3.07 -2.70 4.24
CA LEU A 566 -3.28 -3.83 5.15
C LEU A 566 -3.62 -5.07 4.31
N SER A 567 -2.68 -5.43 3.44
CA SER A 567 -2.91 -6.54 2.54
C SER A 567 -2.60 -7.88 3.21
N GLY A 568 -3.09 -8.95 2.59
CA GLY A 568 -2.77 -10.30 3.00
C GLY A 568 -1.55 -10.80 2.23
N ALA A 569 -0.97 -11.89 2.70
CA ALA A 569 0.13 -12.50 1.95
C ALA A 569 -0.39 -13.06 0.64
N ARG A 570 0.49 -13.10 -0.36
CA ARG A 570 0.12 -13.58 -1.69
C ARG A 570 -0.66 -14.89 -1.66
N THR A 571 -0.30 -15.78 -0.74
CA THR A 571 -0.95 -17.09 -0.65
C THR A 571 -1.69 -17.25 0.67
N SER A 572 -1.93 -16.15 1.37
CA SER A 572 -2.54 -16.20 2.69
C SER A 572 -3.95 -16.76 2.63
N ASN A 573 -4.38 -17.33 3.76
CA ASN A 573 -5.70 -17.95 3.88
C ASN A 573 -6.30 -17.56 5.22
N GLY A 574 -6.11 -16.30 5.61
CA GLY A 574 -6.62 -15.81 6.88
C GLY A 574 -7.76 -14.83 6.77
N SER A 575 -7.74 -13.82 7.65
CA SER A 575 -8.79 -12.81 7.69
C SER A 575 -8.19 -11.48 8.13
N ILE A 576 -8.83 -10.40 7.71
CA ILE A 576 -8.46 -9.06 8.15
C ILE A 576 -9.66 -8.50 8.90
N THR A 577 -9.48 -8.23 10.20
CA THR A 577 -10.55 -7.71 11.04
C THR A 577 -10.12 -6.36 11.59
N ILE A 578 -10.96 -5.34 11.46
CA ILE A 578 -10.58 -4.07 12.07
C ILE A 578 -11.59 -3.81 13.19
N SER A 579 -11.43 -4.55 14.28
CA SER A 579 -12.33 -4.57 15.41
C SER A 579 -12.09 -3.43 16.40
N ASN A 580 -12.96 -3.38 17.40
CA ASN A 580 -13.03 -2.41 18.49
C ASN A 580 -12.69 -0.93 18.29
N ASN A 581 -13.43 -0.16 17.49
CA ASN A 581 -13.14 1.27 17.38
C ASN A 581 -11.77 1.59 16.78
N ALA A 582 -11.14 0.63 16.10
CA ALA A 582 -9.82 0.85 15.51
C ALA A 582 -9.90 1.57 14.16
N ASN A 583 -10.27 2.85 14.25
CA ASN A 583 -10.48 3.70 13.09
C ASN A 583 -9.15 3.96 12.40
N ILE A 584 -9.17 4.02 11.08
CA ILE A 584 -7.97 4.32 10.28
C ILE A 584 -8.18 5.64 9.54
N THR A 585 -7.27 6.58 9.81
CA THR A 585 -7.27 7.91 9.21
C THR A 585 -5.89 8.13 8.61
N THR A 586 -5.85 8.59 7.35
CA THR A 586 -4.58 8.78 6.65
C THR A 586 -4.23 10.23 6.37
N ASN A 587 -5.15 11.17 6.62
CA ASN A 587 -4.87 12.58 6.35
C ASN A 587 -4.45 12.80 4.90
N GLY A 588 -5.12 12.12 3.97
CA GLY A 588 -4.85 12.25 2.56
C GLY A 588 -4.18 11.06 1.91
N GLY A 589 -3.67 10.10 2.67
CA GLY A 589 -3.09 8.91 2.10
C GLY A 589 -4.18 7.93 1.70
N ASP A 590 -3.76 6.84 1.07
CA ASP A 590 -4.72 5.84 0.64
C ASP A 590 -4.91 4.78 1.71
N ILE A 591 -6.09 4.18 1.70
CA ILE A 591 -6.40 3.03 2.57
C ILE A 591 -6.65 1.84 1.66
N THR A 592 -5.76 0.86 1.67
CA THR A 592 -5.92 -0.36 0.91
C THR A 592 -5.96 -1.52 1.89
N VAL A 593 -7.03 -2.32 1.84
CA VAL A 593 -7.12 -3.45 2.75
C VAL A 593 -7.33 -4.75 1.95
N GLY A 594 -7.06 -4.68 0.65
CA GLY A 594 -7.18 -5.83 -0.23
C GLY A 594 -5.87 -6.11 -0.91
N THR A 595 -5.96 -6.61 -2.15
CA THR A 595 -4.77 -6.93 -2.93
C THR A 595 -4.85 -6.08 -4.19
N THR A 596 -5.41 -6.65 -5.26
CA THR A 596 -5.66 -6.00 -6.55
C THR A 596 -6.08 -7.02 -7.60
N ASN A 597 -5.29 -8.08 -7.78
CA ASN A 597 -5.60 -9.05 -8.84
C ASN A 597 -5.01 -10.43 -8.56
N THR A 598 -4.77 -10.81 -7.31
CA THR A 598 -4.05 -12.05 -7.02
C THR A 598 -4.95 -13.18 -6.55
N SER A 599 -6.27 -12.97 -6.47
CA SER A 599 -7.18 -14.01 -5.99
C SER A 599 -6.74 -14.54 -4.63
N ASN A 600 -6.35 -13.64 -3.74
CA ASN A 600 -5.93 -14.00 -2.39
C ASN A 600 -7.14 -14.01 -1.48
N ARG A 601 -7.54 -15.20 -1.04
CA ARG A 601 -8.82 -15.38 -0.35
C ARG A 601 -8.72 -14.90 1.10
N VAL A 602 -8.58 -13.58 1.22
CA VAL A 602 -8.45 -12.89 2.51
C VAL A 602 -9.74 -12.09 2.72
N ASN A 603 -10.49 -12.42 3.76
CA ASN A 603 -11.74 -11.70 3.96
C ASN A 603 -11.53 -10.53 4.91
N ILE A 604 -12.42 -9.53 4.78
CA ILE A 604 -12.39 -8.34 5.61
C ILE A 604 -13.65 -8.27 6.46
N SER A 605 -13.48 -8.06 7.76
CA SER A 605 -14.59 -7.92 8.70
C SER A 605 -14.34 -6.64 9.50
N ILE A 606 -15.17 -5.62 9.27
CA ILE A 606 -14.99 -4.33 9.91
C ILE A 606 -16.15 -4.06 10.86
N ASN A 607 -15.81 -3.81 12.12
CA ASN A 607 -16.77 -3.58 13.19
C ASN A 607 -16.50 -2.24 13.84
N ASN A 608 -17.49 -1.34 13.83
CA ASN A 608 -17.40 -0.04 14.50
C ASN A 608 -16.12 0.71 14.18
N THR A 609 -15.77 0.81 12.90
CA THR A 609 -14.52 1.42 12.49
C THR A 609 -14.79 2.52 11.47
N THR A 610 -14.07 3.64 11.62
CA THR A 610 -14.09 4.75 10.68
C THR A 610 -12.85 4.69 9.80
N LEU A 611 -13.05 4.74 8.49
CA LEU A 611 -11.94 4.79 7.53
C LEU A 611 -11.99 6.15 6.86
N ASN A 612 -11.06 7.04 7.21
CA ASN A 612 -11.09 8.42 6.72
C ASN A 612 -9.83 8.69 5.92
N ALA A 613 -9.95 8.67 4.60
CA ALA A 613 -8.84 8.85 3.69
C ALA A 613 -8.59 10.32 3.36
N SER A 614 -9.43 11.22 3.86
CA SER A 614 -9.37 12.63 3.50
C SER A 614 -9.53 12.79 2.00
N ASN A 615 -8.49 13.26 1.30
CA ASN A 615 -8.57 13.43 -0.14
C ASN A 615 -7.91 12.26 -0.87
N GLY A 616 -7.64 11.16 -0.17
CA GLY A 616 -7.08 9.98 -0.79
C GLY A 616 -8.17 9.01 -1.21
N ASN A 617 -7.74 7.83 -1.64
CA ASN A 617 -8.68 6.80 -2.08
C ASN A 617 -8.79 5.72 -1.02
N ILE A 618 -9.94 5.04 -1.00
CA ILE A 618 -10.16 3.85 -0.18
C ILE A 618 -10.48 2.69 -1.11
N GLN A 619 -9.74 1.59 -0.99
CA GLN A 619 -10.02 0.39 -1.78
C GLN A 619 -9.95 -0.85 -0.91
N LEU A 620 -11.08 -1.54 -0.78
CA LEU A 620 -11.18 -2.76 0.02
C LEU A 620 -11.45 -3.93 -0.90
N THR A 621 -10.67 -5.00 -0.78
CA THR A 621 -10.97 -6.19 -1.54
C THR A 621 -10.80 -7.43 -0.66
N GLY A 622 -11.52 -8.49 -1.00
CA GLY A 622 -11.31 -9.76 -0.34
C GLY A 622 -12.28 -10.80 -0.86
N THR A 623 -11.92 -12.06 -0.65
CA THR A 623 -12.73 -13.20 -1.09
C THR A 623 -12.80 -14.20 0.05
N GLY A 624 -13.99 -14.73 0.30
CA GLY A 624 -14.17 -15.75 1.33
C GLY A 624 -15.24 -16.74 0.93
N THR A 625 -15.85 -17.38 1.94
CA THR A 625 -16.90 -18.36 1.73
C THR A 625 -18.24 -17.89 2.27
N ASP A 626 -18.29 -17.47 3.53
CA ASP A 626 -19.55 -17.02 4.11
C ASP A 626 -19.77 -15.55 3.88
N SER A 627 -18.69 -14.79 3.75
CA SER A 627 -18.75 -13.36 3.47
C SER A 627 -17.43 -12.94 2.83
N GLY A 628 -17.50 -11.91 2.01
CA GLY A 628 -16.31 -11.30 1.44
C GLY A 628 -15.90 -10.14 2.32
N ILE A 629 -16.58 -9.01 2.17
CA ILE A 629 -16.34 -7.83 2.98
C ILE A 629 -17.60 -7.64 3.83
N LEU A 630 -17.47 -7.86 5.13
CA LEU A 630 -18.56 -7.78 6.08
C LEU A 630 -18.41 -6.57 6.97
N PHE A 631 -19.44 -5.72 6.99
CA PHE A 631 -19.48 -4.52 7.84
C PHE A 631 -20.57 -4.66 8.88
N ALA A 632 -20.22 -4.39 10.13
CA ALA A 632 -21.13 -4.49 11.26
C ALA A 632 -20.82 -3.32 12.18
N GLY A 633 -21.79 -2.96 13.02
CA GLY A 633 -21.55 -1.83 13.89
C GLY A 633 -21.80 -0.55 13.12
N ASN A 634 -21.30 0.56 13.64
CA ASN A 634 -21.52 1.86 13.01
C ASN A 634 -20.21 2.30 12.35
N ASN A 635 -20.14 2.10 11.02
CA ASN A 635 -18.92 2.33 10.26
C ASN A 635 -19.05 3.62 9.46
N ARG A 636 -17.92 4.26 9.19
CA ARG A 636 -17.93 5.47 8.38
C ARG A 636 -16.74 5.44 7.42
N LEU A 637 -16.97 5.81 6.17
CA LEU A 637 -15.89 5.85 5.19
C LEU A 637 -15.93 7.16 4.41
N THR A 638 -14.87 7.96 4.54
CA THR A 638 -14.75 9.24 3.86
C THR A 638 -13.54 9.18 2.94
N ALA A 639 -13.73 9.52 1.67
CA ALA A 639 -12.61 9.47 0.73
C ALA A 639 -12.95 10.23 -0.53
N SER A 640 -11.92 10.47 -1.34
CA SER A 640 -12.15 10.94 -2.70
C SER A 640 -12.77 9.83 -3.55
N ASN A 641 -12.35 8.59 -3.33
CA ASN A 641 -12.87 7.45 -4.07
C ASN A 641 -13.01 6.28 -3.10
N ILE A 642 -14.18 5.66 -3.05
CA ILE A 642 -14.42 4.49 -2.21
C ILE A 642 -14.76 3.32 -3.11
N ALA A 643 -13.89 2.30 -3.15
CA ALA A 643 -14.13 1.13 -3.97
C ALA A 643 -14.17 -0.12 -3.10
N LEU A 644 -15.31 -0.80 -3.06
CA LEU A 644 -15.46 -2.03 -2.29
C LEU A 644 -15.65 -3.18 -3.27
N THR A 645 -14.72 -4.12 -3.30
CA THR A 645 -14.79 -5.26 -4.20
C THR A 645 -14.62 -6.56 -3.42
N GLY A 646 -15.47 -7.55 -3.68
CA GLY A 646 -15.22 -8.81 -3.00
C GLY A 646 -15.96 -9.96 -3.64
N ASN A 647 -15.63 -11.16 -3.18
CA ASN A 647 -16.19 -12.39 -3.72
C ASN A 647 -16.54 -13.37 -2.60
N SER A 648 -17.53 -14.20 -2.88
CA SER A 648 -17.94 -15.26 -1.96
C SER A 648 -18.50 -16.41 -2.79
N THR A 649 -18.77 -17.52 -2.11
CA THR A 649 -19.33 -18.69 -2.78
C THR A 649 -20.71 -19.05 -2.26
N SER A 650 -20.90 -19.07 -0.94
CA SER A 650 -22.17 -19.45 -0.34
C SER A 650 -22.95 -18.26 0.19
N GLY A 651 -22.26 -17.28 0.78
CA GLY A 651 -22.88 -16.13 1.38
C GLY A 651 -22.80 -14.90 0.49
N ASN A 652 -22.94 -13.75 1.14
CA ASN A 652 -22.96 -12.45 0.46
C ASN A 652 -21.55 -11.92 0.27
N ALA A 653 -21.19 -11.58 -0.97
CA ALA A 653 -19.84 -11.13 -1.25
C ALA A 653 -19.54 -9.84 -0.49
N ILE A 654 -20.43 -8.86 -0.59
CA ILE A 654 -20.39 -7.65 0.23
C ILE A 654 -21.61 -7.71 1.12
N ASN A 655 -21.41 -7.61 2.43
CA ASN A 655 -22.51 -7.74 3.38
C ASN A 655 -22.46 -6.64 4.42
N LEU A 656 -23.30 -5.61 4.26
CA LEU A 656 -23.32 -4.49 5.18
C LEU A 656 -24.49 -4.72 6.13
N THR A 657 -24.21 -5.08 7.38
CA THR A 657 -25.28 -5.46 8.28
C THR A 657 -25.55 -4.43 9.36
N GLY A 658 -24.59 -3.58 9.67
CA GLY A 658 -24.71 -2.55 10.67
C GLY A 658 -25.08 -1.24 10.01
N THR A 659 -24.73 -0.15 10.69
CA THR A 659 -25.01 1.18 10.18
C THR A 659 -23.71 1.63 9.52
N ALA A 660 -23.79 2.16 8.32
CA ALA A 660 -22.58 2.61 7.65
C ALA A 660 -22.84 3.83 6.80
N THR A 661 -21.95 4.81 6.91
CA THR A 661 -22.00 6.00 6.09
C THR A 661 -20.78 6.01 5.19
N LEU A 662 -21.01 6.00 3.88
CA LEU A 662 -19.94 6.02 2.89
C LEU A 662 -20.06 7.36 2.18
N ASN A 663 -19.09 8.25 2.40
CA ASN A 663 -19.16 9.59 1.85
C ASN A 663 -17.92 9.84 1.00
N ALA A 664 -18.09 9.70 -0.31
CA ALA A 664 -17.01 9.90 -1.26
C ALA A 664 -17.14 11.29 -1.88
N THR A 665 -16.01 11.92 -2.16
CA THR A 665 -16.06 13.17 -2.90
C THR A 665 -16.37 12.90 -4.36
N ASN A 666 -15.75 11.87 -4.94
CA ASN A 666 -15.98 11.60 -6.34
C ASN A 666 -16.84 10.36 -6.59
N ASN A 667 -16.25 9.16 -6.57
CA ASN A 667 -16.96 7.94 -6.91
C ASN A 667 -17.04 6.95 -5.76
N ILE A 668 -18.15 6.22 -5.72
CA ILE A 668 -18.32 5.02 -4.91
C ILE A 668 -18.60 3.87 -5.86
N THR A 669 -17.81 2.80 -5.74
CA THR A 669 -18.03 1.60 -6.55
C THR A 669 -18.14 0.39 -5.64
N LEU A 670 -19.22 -0.36 -5.80
CA LEU A 670 -19.41 -1.62 -5.09
C LEU A 670 -19.44 -2.73 -6.13
N THR A 671 -18.52 -3.67 -6.02
CA THR A 671 -18.42 -4.78 -6.96
C THR A 671 -18.33 -6.10 -6.22
N GLY A 672 -19.01 -7.13 -6.73
CA GLY A 672 -18.81 -8.44 -6.12
C GLY A 672 -19.48 -9.55 -6.90
N SER A 673 -19.20 -10.77 -6.45
CA SER A 673 -19.73 -11.97 -7.08
C SER A 673 -19.92 -13.06 -6.03
N SER A 674 -21.06 -13.74 -6.06
CA SER A 674 -21.32 -14.84 -5.14
C SER A 674 -22.03 -15.95 -5.91
N THR A 675 -21.42 -17.14 -5.96
CA THR A 675 -21.99 -18.23 -6.74
C THR A 675 -23.36 -18.63 -6.24
N SER A 676 -23.51 -18.88 -4.93
CA SER A 676 -24.78 -19.31 -4.38
C SER A 676 -25.51 -18.24 -3.59
N GLY A 677 -24.82 -17.18 -3.17
CA GLY A 677 -25.41 -16.14 -2.36
C GLY A 677 -25.68 -14.88 -3.15
N ASN A 678 -25.75 -13.76 -2.44
CA ASN A 678 -25.96 -12.49 -3.11
C ASN A 678 -24.61 -11.84 -3.37
N ALA A 679 -24.56 -10.99 -4.38
CA ALA A 679 -23.31 -10.25 -4.60
C ALA A 679 -23.17 -9.08 -3.63
N ILE A 680 -24.12 -8.16 -3.66
CA ILE A 680 -24.14 -7.01 -2.78
C ILE A 680 -25.39 -7.07 -1.92
N ASN A 681 -25.22 -7.12 -0.60
CA ASN A 681 -26.35 -7.21 0.32
C ASN A 681 -26.20 -6.10 1.35
N LEU A 682 -27.13 -5.14 1.25
CA LEU A 682 -27.14 -3.97 2.16
C LEU A 682 -28.42 -4.01 3.01
N LYS A 683 -28.32 -4.42 4.27
CA LYS A 683 -29.55 -4.52 5.07
C LYS A 683 -29.63 -3.48 6.16
N GLY A 684 -28.51 -2.96 6.64
CA GLY A 684 -28.54 -2.03 7.74
C GLY A 684 -28.75 -0.61 7.23
N ASN A 685 -28.52 0.36 8.11
CA ASN A 685 -28.75 1.76 7.76
C ASN A 685 -27.56 2.30 6.98
N ASN A 686 -27.53 1.98 5.70
CA ASN A 686 -26.45 2.34 4.80
C ASN A 686 -26.78 3.63 4.06
N THR A 687 -25.97 4.67 4.28
CA THR A 687 -26.15 5.95 3.60
C THR A 687 -24.93 6.17 2.72
N LEU A 688 -25.15 6.31 1.41
CA LEU A 688 -24.06 6.47 0.45
C LEU A 688 -24.17 7.81 -0.28
N THR A 689 -23.21 8.70 -0.05
CA THR A 689 -23.17 10.01 -0.68
C THR A 689 -21.95 10.06 -1.58
N ALA A 690 -22.14 10.49 -2.82
CA ALA A 690 -21.03 10.56 -3.77
C ALA A 690 -21.43 11.42 -4.95
N SER A 691 -20.46 11.74 -5.80
CA SER A 691 -20.82 12.32 -7.08
C SER A 691 -21.38 11.25 -8.02
N ASN A 692 -20.77 10.07 -8.01
CA ASN A 692 -21.23 8.95 -8.82
C ASN A 692 -21.23 7.70 -7.94
N ILE A 693 -22.33 6.96 -7.96
CA ILE A 693 -22.45 5.72 -7.20
C ILE A 693 -22.73 4.59 -8.18
N THR A 694 -21.86 3.58 -8.20
CA THR A 694 -22.03 2.43 -9.07
C THR A 694 -22.09 1.17 -8.23
N LEU A 695 -23.10 0.35 -8.52
CA LEU A 695 -23.29 -0.92 -7.80
C LEU A 695 -23.35 -2.03 -8.84
N THR A 696 -22.33 -2.89 -8.91
CA THR A 696 -22.25 -3.94 -9.91
C THR A 696 -21.94 -5.27 -9.26
N GLY A 697 -22.64 -6.32 -9.68
CA GLY A 697 -22.27 -7.65 -9.19
C GLY A 697 -23.03 -8.73 -9.91
N GLU A 698 -22.63 -9.98 -9.63
CA GLU A 698 -23.23 -11.15 -10.25
C GLU A 698 -23.53 -12.22 -9.21
N SER A 699 -24.60 -12.98 -9.47
CA SER A 699 -24.93 -14.14 -8.65
C SER A 699 -25.70 -15.13 -9.53
N THR A 700 -25.45 -16.41 -9.31
CA THR A 700 -26.15 -17.43 -10.09
C THR A 700 -27.45 -17.86 -9.43
N SER A 701 -27.43 -18.12 -8.12
CA SER A 701 -28.60 -18.59 -7.39
C SER A 701 -29.26 -17.50 -6.56
N GLY A 702 -28.56 -16.40 -6.28
CA GLY A 702 -29.08 -15.37 -5.44
C GLY A 702 -29.29 -14.04 -6.13
N ASN A 703 -29.18 -12.95 -5.38
CA ASN A 703 -29.38 -11.61 -5.88
C ASN A 703 -28.04 -10.99 -6.27
N ALA A 704 -28.08 -10.07 -7.23
CA ALA A 704 -26.89 -9.30 -7.51
C ALA A 704 -26.83 -8.13 -6.54
N ILE A 705 -27.91 -7.35 -6.59
CA ILE A 705 -28.01 -6.14 -5.72
C ILE A 705 -29.27 -6.31 -4.89
N ASN A 706 -29.50 -5.42 -3.93
CA ASN A 706 -30.65 -5.56 -3.00
C ASN A 706 -30.58 -4.45 -1.96
N HIS A 707 -31.71 -4.07 -1.38
CA HIS A 707 -31.71 -3.06 -0.28
C HIS A 707 -32.76 -3.51 0.72
N THR A 708 -33.05 -4.82 0.71
CA THR A 708 -34.14 -5.37 1.55
C THR A 708 -33.77 -5.43 3.03
N ASP A 709 -34.71 -5.09 3.91
CA ASP A 709 -34.51 -5.16 5.38
C ASP A 709 -35.80 -4.62 5.99
N THR A 710 -36.38 -5.33 6.95
CA THR A 710 -37.67 -4.86 7.43
C THR A 710 -37.56 -3.63 8.32
N THR A 711 -36.37 -3.31 8.82
CA THR A 711 -36.19 -2.14 9.67
C THR A 711 -35.24 -1.10 9.09
N GLY A 712 -34.30 -1.50 8.23
CA GLY A 712 -33.33 -0.57 7.71
C GLY A 712 -33.78 0.18 6.47
N THR A 713 -33.17 1.34 6.28
CA THR A 713 -33.39 2.16 5.11
C THR A 713 -32.06 2.42 4.42
N THR A 714 -32.08 2.24 3.09
CA THR A 714 -30.86 2.43 2.27
C THR A 714 -30.94 3.77 1.55
N THR A 715 -30.04 4.69 1.88
CA THR A 715 -30.14 6.03 1.32
C THR A 715 -28.96 6.28 0.40
N LEU A 716 -29.28 6.67 -0.85
CA LEU A 716 -28.21 6.94 -1.86
C LEU A 716 -28.33 8.40 -2.33
N ASN A 717 -27.21 9.10 -2.42
CA ASN A 717 -27.19 10.50 -2.85
C ASN A 717 -26.03 10.74 -3.79
N ALA A 718 -26.31 10.73 -5.09
CA ALA A 718 -25.28 10.92 -6.11
C ALA A 718 -25.58 12.23 -6.81
N THR A 719 -24.63 13.17 -6.77
CA THR A 719 -24.90 14.46 -7.35
C THR A 719 -24.92 14.41 -8.88
N ASN A 720 -24.26 13.42 -9.50
CA ASN A 720 -24.31 13.37 -10.96
C ASN A 720 -25.07 12.16 -11.51
N ASN A 721 -24.63 10.93 -11.26
CA ASN A 721 -25.30 9.77 -11.83
C ASN A 721 -25.19 8.54 -10.92
N ILE A 722 -26.27 7.77 -10.82
CA ILE A 722 -26.25 6.43 -10.20
C ILE A 722 -26.59 5.37 -11.23
N THR A 723 -25.71 4.38 -11.35
CA THR A 723 -25.90 3.26 -12.24
C THR A 723 -25.73 1.98 -11.41
N MET A 724 -26.72 1.11 -11.59
CA MET A 724 -26.71 -0.17 -10.87
C MET A 724 -26.76 -1.30 -11.91
N GLN A 725 -25.94 -2.33 -11.75
CA GLN A 725 -25.94 -3.44 -12.68
C GLN A 725 -25.84 -4.76 -11.93
N GLY A 726 -26.44 -5.79 -12.49
CA GLY A 726 -26.30 -7.12 -11.96
C GLY A 726 -27.34 -8.05 -12.55
N THR A 727 -27.28 -9.31 -12.12
CA THR A 727 -28.23 -10.28 -12.65
C THR A 727 -29.67 -9.97 -12.20
N ARG A 728 -29.83 -9.55 -10.95
CA ARG A 728 -31.12 -9.14 -10.42
C ARG A 728 -30.87 -8.05 -9.38
N VAL A 729 -31.57 -6.92 -9.52
CA VAL A 729 -31.39 -5.79 -8.61
C VAL A 729 -32.70 -5.54 -7.87
N GLN A 730 -32.77 -5.80 -6.57
CA GLN A 730 -34.11 -5.65 -5.93
C GLN A 730 -34.14 -4.43 -5.01
N ILE A 731 -34.20 -3.22 -5.56
CA ILE A 731 -34.16 -2.00 -4.69
C ILE A 731 -35.39 -1.99 -3.77
N LYS A 732 -35.30 -1.39 -2.59
CA LYS A 732 -36.42 -1.41 -1.61
C LYS A 732 -36.14 -0.46 -0.43
N HIS A 733 -37.13 -0.21 0.46
CA HIS A 733 -37.05 0.70 1.59
C HIS A 733 -35.84 1.62 1.46
N SER A 734 -35.75 2.14 0.23
CA SER A 734 -34.60 3.00 -0.14
C SER A 734 -35.05 4.42 -0.44
N ASN A 735 -34.12 5.35 -0.33
CA ASN A 735 -34.37 6.75 -0.67
C ASN A 735 -33.21 7.15 -1.58
N ILE A 736 -33.48 7.20 -2.88
CA ILE A 736 -32.39 7.41 -3.82
C ILE A 736 -32.51 8.74 -4.53
N THR A 737 -31.48 9.57 -4.44
CA THR A 737 -31.42 10.84 -5.16
C THR A 737 -30.27 10.73 -6.15
N ALA A 738 -30.54 11.05 -7.41
CA ALA A 738 -29.51 10.91 -8.43
C ALA A 738 -29.70 11.99 -9.48
N GLY A 739 -28.64 12.28 -10.22
CA GLY A 739 -28.74 13.10 -11.40
C GLY A 739 -29.36 12.29 -12.53
N ASN A 740 -28.55 11.46 -13.16
CA ASN A 740 -29.03 10.44 -14.09
C ASN A 740 -28.96 9.07 -13.41
N PHE A 741 -30.11 8.62 -12.93
CA PHE A 741 -30.21 7.30 -12.30
C PHE A 741 -30.50 6.24 -13.34
N ALA A 742 -29.81 5.11 -13.26
CA ALA A 742 -30.09 4.01 -14.18
C ALA A 742 -29.88 2.66 -13.52
N LEU A 743 -30.69 1.69 -13.93
CA LEU A 743 -30.57 0.29 -13.55
C LEU A 743 -30.36 -0.52 -14.81
N ASN A 744 -29.60 -1.62 -14.70
CA ASN A 744 -29.50 -2.61 -15.79
C ASN A 744 -29.44 -4.02 -15.21
N ALA A 745 -30.60 -4.67 -15.07
CA ALA A 745 -30.64 -6.03 -14.58
C ALA A 745 -30.61 -6.97 -15.79
N THR A 746 -29.75 -7.98 -15.75
CA THR A 746 -29.56 -8.83 -16.92
C THR A 746 -30.08 -10.26 -16.85
N VAL A 747 -30.40 -10.84 -15.69
CA VAL A 747 -30.80 -12.24 -15.62
C VAL A 747 -32.19 -12.43 -15.03
N ALA A 748 -32.49 -11.80 -13.90
CA ALA A 748 -33.75 -12.09 -13.23
C ALA A 748 -34.57 -10.84 -12.95
N GLY A 749 -34.46 -9.84 -13.81
CA GLY A 749 -35.25 -8.64 -13.65
C GLY A 749 -34.77 -7.74 -12.53
N SER A 750 -35.63 -6.81 -12.18
CA SER A 750 -35.36 -5.85 -11.12
C SER A 750 -36.66 -5.49 -10.41
N GLU A 751 -36.52 -5.04 -9.18
CA GLU A 751 -37.68 -4.65 -8.37
C GLU A 751 -37.36 -3.38 -7.59
N ILE A 752 -38.29 -2.44 -7.62
CA ILE A 752 -38.22 -1.20 -6.83
C ILE A 752 -39.44 -1.21 -5.91
N SER A 753 -39.24 -1.42 -4.61
CA SER A 753 -40.37 -1.53 -3.69
C SER A 753 -40.16 -0.68 -2.44
N ASN A 754 -41.21 0.04 -2.05
CA ASN A 754 -41.20 0.90 -0.85
C ASN A 754 -40.07 1.93 -0.87
N THR A 755 -39.79 2.49 -2.05
CA THR A 755 -38.71 3.46 -2.14
C THR A 755 -39.23 4.77 -2.71
N THR A 756 -38.41 5.80 -2.56
CA THR A 756 -38.66 7.07 -3.22
C THR A 756 -37.47 7.34 -4.14
N LEU A 757 -37.73 7.55 -5.41
CA LEU A 757 -36.64 7.79 -6.35
C LEU A 757 -36.87 9.08 -7.12
N THR A 758 -36.05 10.09 -6.85
CA THR A 758 -36.20 11.36 -7.52
C THR A 758 -34.88 11.69 -8.20
N ALA A 759 -34.95 12.02 -9.48
CA ALA A 759 -33.77 12.40 -10.23
C ALA A 759 -33.95 13.78 -10.85
N THR A 760 -32.84 14.51 -10.95
CA THR A 760 -32.88 15.78 -11.66
C THR A 760 -33.07 15.56 -13.15
N ASN A 761 -32.33 14.60 -13.72
CA ASN A 761 -32.34 14.28 -15.14
C ASN A 761 -32.83 12.84 -15.36
N ASN A 762 -32.63 12.37 -16.60
CA ASN A 762 -33.20 11.12 -17.09
C ASN A 762 -32.97 9.95 -16.14
N ILE A 763 -33.99 9.09 -16.03
CA ILE A 763 -33.96 7.83 -15.31
C ILE A 763 -34.13 6.72 -16.33
N ASN A 764 -33.19 5.78 -16.37
CA ASN A 764 -33.26 4.66 -17.31
C ASN A 764 -33.19 3.33 -16.58
N LEU A 765 -34.33 2.66 -16.47
CA LEU A 765 -34.47 1.41 -15.74
C LEU A 765 -34.63 0.26 -16.74
N ALA A 766 -33.57 -0.52 -16.97
CA ALA A 766 -33.64 -1.63 -17.90
C ALA A 766 -33.57 -2.93 -17.13
N ALA A 767 -34.33 -3.94 -17.56
CA ALA A 767 -34.23 -5.22 -16.89
C ALA A 767 -34.68 -6.34 -17.83
N LYS A 768 -33.99 -7.47 -17.71
CA LYS A 768 -34.32 -8.69 -18.44
C LYS A 768 -34.50 -9.81 -17.42
N THR A 769 -35.58 -10.58 -17.56
CA THR A 769 -35.84 -11.71 -16.68
C THR A 769 -35.91 -12.99 -17.50
N ASN A 770 -35.12 -13.98 -17.09
CA ASN A 770 -35.10 -15.30 -17.72
C ASN A 770 -35.82 -16.36 -16.87
N SER A 771 -36.64 -15.95 -15.93
CA SER A 771 -37.34 -16.89 -15.06
C SER A 771 -38.74 -16.37 -14.76
N ALA A 772 -39.34 -16.94 -13.71
CA ALA A 772 -40.70 -16.59 -13.31
C ALA A 772 -40.84 -15.15 -12.85
N SER A 773 -39.80 -14.57 -12.27
CA SER A 773 -39.91 -13.22 -11.75
C SER A 773 -40.10 -12.21 -12.87
N SER A 774 -40.74 -11.09 -12.53
CA SER A 774 -40.99 -10.00 -13.46
C SER A 774 -39.72 -9.22 -13.76
N GLY A 775 -39.69 -8.60 -14.93
CA GLY A 775 -38.54 -7.81 -15.34
C GLY A 775 -38.40 -6.54 -14.52
N VAL A 776 -39.19 -5.51 -14.84
CA VAL A 776 -39.19 -4.28 -14.08
C VAL A 776 -40.45 -4.28 -13.21
N TYR A 777 -40.30 -4.58 -11.93
CA TYR A 777 -41.42 -4.67 -11.01
C TYR A 777 -41.39 -3.47 -10.07
N LEU A 778 -42.40 -2.62 -10.14
CA LEU A 778 -42.46 -1.43 -9.31
C LEU A 778 -43.62 -1.59 -8.35
N LYS A 779 -43.34 -1.59 -7.05
CA LYS A 779 -44.36 -1.75 -6.02
C LYS A 779 -44.18 -0.68 -4.97
N ASP A 780 -45.23 0.11 -4.71
CA ASP A 780 -45.19 1.18 -3.72
C ASP A 780 -43.99 2.11 -3.92
N ALA A 781 -43.69 2.44 -5.15
CA ALA A 781 -42.53 3.28 -5.45
C ALA A 781 -42.99 4.64 -5.96
N ARG A 782 -42.22 5.67 -5.61
CA ARG A 782 -42.44 7.03 -6.10
C ARG A 782 -41.25 7.44 -6.96
N ILE A 783 -41.43 7.47 -8.27
CA ILE A 783 -40.34 7.74 -9.20
C ILE A 783 -40.63 9.06 -9.90
N THR A 784 -39.72 10.02 -9.75
CA THR A 784 -39.90 11.36 -10.29
C THR A 784 -38.64 11.79 -11.03
N SER A 785 -38.82 12.50 -12.14
CA SER A 785 -37.73 13.13 -12.86
C SER A 785 -38.03 14.63 -12.91
N THR A 786 -37.18 15.42 -12.23
CA THR A 786 -37.44 16.85 -12.12
C THR A 786 -37.34 17.56 -13.47
N ASN A 787 -36.27 17.29 -14.22
CA ASN A 787 -36.09 17.91 -15.53
C ASN A 787 -35.91 16.92 -16.67
N GLY A 788 -35.98 15.62 -16.42
CA GLY A 788 -35.72 14.68 -17.49
C GLY A 788 -36.84 13.69 -17.69
N SER A 789 -36.52 12.51 -18.22
CA SER A 789 -37.53 11.52 -18.55
C SER A 789 -37.35 10.28 -17.70
N ILE A 790 -38.43 9.50 -17.59
CA ILE A 790 -38.41 8.20 -16.91
C ILE A 790 -38.68 7.14 -17.98
N THR A 791 -37.67 6.33 -18.29
CA THR A 791 -37.78 5.29 -19.28
C THR A 791 -37.51 3.95 -18.62
N ALA A 792 -38.39 2.99 -18.86
CA ALA A 792 -38.25 1.63 -18.37
C ALA A 792 -38.28 0.70 -19.58
N ASN A 793 -37.49 -0.36 -19.53
CA ASN A 793 -37.43 -1.33 -20.64
C ASN A 793 -37.29 -2.73 -20.08
N GLY A 794 -38.41 -3.44 -19.93
CA GLY A 794 -38.40 -4.79 -19.40
C GLY A 794 -38.45 -5.78 -20.55
N THR A 795 -37.76 -6.90 -20.36
CA THR A 795 -37.76 -8.02 -21.28
C THR A 795 -38.06 -9.29 -20.50
N ALA A 796 -38.95 -10.13 -21.03
CA ALA A 796 -39.25 -11.41 -20.40
C ALA A 796 -39.12 -12.52 -21.42
N THR A 797 -38.28 -13.51 -21.10
CA THR A 797 -37.99 -14.64 -21.96
C THR A 797 -38.67 -15.92 -21.48
N ALA A 798 -39.34 -15.87 -20.33
CA ALA A 798 -40.03 -16.99 -19.72
C ALA A 798 -41.52 -16.66 -19.64
N ASN A 799 -42.11 -16.77 -18.44
CA ASN A 799 -43.54 -16.48 -18.30
C ASN A 799 -43.79 -15.38 -17.27
N GLY A 800 -42.78 -14.58 -16.94
CA GLY A 800 -42.97 -13.47 -16.04
C GLY A 800 -43.41 -12.25 -16.82
N LYS A 801 -43.78 -11.20 -16.10
CA LYS A 801 -44.20 -9.99 -16.78
C LYS A 801 -42.99 -9.14 -17.13
N ALA A 802 -42.99 -8.59 -18.34
CA ALA A 802 -41.88 -7.74 -18.76
C ALA A 802 -41.82 -6.48 -17.91
N THR A 803 -42.98 -5.86 -17.71
CA THR A 803 -43.16 -4.66 -16.90
C THR A 803 -44.36 -4.92 -16.01
N HIS A 804 -44.23 -4.59 -14.73
CA HIS A 804 -45.29 -4.89 -13.76
C HIS A 804 -45.33 -3.77 -12.75
N LEU A 805 -46.50 -3.16 -12.62
CA LEU A 805 -46.74 -2.07 -11.68
C LEU A 805 -47.78 -2.51 -10.66
N ASP A 806 -47.56 -2.20 -9.39
CA ASP A 806 -48.51 -2.55 -8.35
C ASP A 806 -48.40 -1.53 -7.24
N GLY A 807 -49.25 -1.68 -6.22
CA GLY A 807 -49.29 -0.79 -5.08
C GLY A 807 -49.60 0.65 -5.49
N ASN A 808 -49.09 1.59 -4.69
CA ASN A 808 -49.26 3.02 -4.93
C ASN A 808 -48.00 3.57 -5.61
N VAL A 809 -48.01 3.62 -6.94
CA VAL A 809 -46.85 4.05 -7.71
C VAL A 809 -47.18 5.37 -8.42
N THR A 810 -46.33 6.37 -8.23
CA THR A 810 -46.48 7.67 -8.88
C THR A 810 -45.27 7.89 -9.77
N LEU A 811 -45.50 8.19 -11.04
CA LEU A 811 -44.43 8.49 -11.98
C LEU A 811 -44.61 9.91 -12.47
N ASN A 812 -43.62 10.76 -12.23
CA ASN A 812 -43.71 12.17 -12.59
C ASN A 812 -42.54 12.60 -13.44
N ALA A 813 -42.82 12.97 -14.69
CA ALA A 813 -41.80 13.46 -15.62
C ALA A 813 -42.37 14.67 -16.35
N SER A 814 -42.82 15.66 -15.57
CA SER A 814 -43.52 16.81 -16.13
C SER A 814 -42.65 17.61 -17.09
N ASN A 815 -41.33 17.53 -16.91
CA ASN A 815 -40.40 18.20 -17.80
C ASN A 815 -39.78 17.27 -18.82
N GLY A 816 -40.26 16.04 -18.90
CA GLY A 816 -39.71 15.06 -19.80
C GLY A 816 -40.75 14.11 -20.36
N ARG A 817 -40.38 12.85 -20.52
CA ARG A 817 -41.26 11.83 -21.09
C ARG A 817 -41.33 10.64 -20.14
N ILE A 818 -42.43 9.90 -20.23
CA ILE A 818 -42.49 8.61 -19.55
C ILE A 818 -42.62 7.59 -20.67
N LYS A 819 -41.64 6.70 -20.77
CA LYS A 819 -41.67 5.67 -21.81
C LYS A 819 -41.48 4.31 -21.13
N LEU A 820 -42.50 3.48 -21.19
CA LEU A 820 -42.44 2.16 -20.59
C LEU A 820 -42.48 1.16 -21.73
N THR A 821 -41.49 0.28 -21.81
CA THR A 821 -41.43 -0.76 -22.81
C THR A 821 -41.49 -2.13 -22.15
N GLY A 822 -42.30 -3.02 -22.72
CA GLY A 822 -42.37 -4.39 -22.20
C GLY A 822 -42.38 -5.42 -23.30
N ASN A 823 -41.25 -6.11 -23.50
CA ASN A 823 -41.12 -7.12 -24.56
C ASN A 823 -41.12 -8.51 -23.92
N GLY A 824 -42.26 -9.20 -23.95
CA GLY A 824 -42.36 -10.52 -23.37
C GLY A 824 -42.29 -11.59 -24.45
N HIS A 825 -42.38 -12.85 -24.01
CA HIS A 825 -42.37 -13.98 -24.92
C HIS A 825 -43.39 -15.01 -24.48
N GLY A 826 -43.93 -15.74 -25.45
CA GLY A 826 -44.89 -16.79 -25.12
C GLY A 826 -46.10 -16.26 -24.40
N SER A 827 -46.47 -16.94 -23.32
CA SER A 827 -47.64 -16.57 -22.51
C SER A 827 -47.39 -15.33 -21.66
N ALA A 828 -46.15 -14.89 -21.53
CA ALA A 828 -45.84 -13.71 -20.73
C ALA A 828 -46.51 -12.48 -21.32
N SER A 829 -47.03 -11.64 -20.44
CA SER A 829 -47.60 -10.36 -20.84
C SER A 829 -46.51 -9.30 -20.93
N GLY A 830 -46.85 -8.17 -21.52
CA GLY A 830 -45.89 -7.08 -21.59
C GLY A 830 -45.86 -6.17 -20.40
N ILE A 831 -46.66 -5.09 -20.43
CA ILE A 831 -46.72 -4.13 -19.34
C ILE A 831 -48.09 -4.21 -18.67
N LEU A 832 -48.08 -4.58 -17.39
CA LEU A 832 -49.27 -4.72 -16.57
C LEU A 832 -49.35 -3.59 -15.54
N PHE A 833 -50.50 -2.92 -15.45
CA PHE A 833 -50.73 -1.87 -14.46
C PHE A 833 -51.82 -2.28 -13.49
N ALA A 834 -51.41 -2.66 -12.29
CA ALA A 834 -52.31 -3.12 -11.24
C ALA A 834 -52.30 -2.10 -10.10
N GLY A 835 -53.19 -2.32 -9.13
CA GLY A 835 -53.25 -1.42 -7.99
C GLY A 835 -53.70 -0.02 -8.39
N ASN A 836 -52.90 0.98 -8.02
CA ASN A 836 -53.23 2.37 -8.31
C ASN A 836 -51.97 3.08 -8.80
N ASN A 837 -51.92 3.38 -10.10
CA ASN A 837 -50.74 3.93 -10.76
C ASN A 837 -51.05 5.31 -11.28
N ARG A 838 -50.38 6.33 -10.75
CA ARG A 838 -50.61 7.73 -11.10
C ARG A 838 -49.41 8.22 -11.89
N LEU A 839 -49.58 8.45 -13.19
CA LEU A 839 -48.48 8.86 -14.05
C LEU A 839 -48.74 10.26 -14.59
N THR A 840 -47.78 11.16 -14.35
CA THR A 840 -47.85 12.54 -14.83
C THR A 840 -46.59 12.83 -15.63
N ALA A 841 -46.75 13.38 -16.83
CA ALA A 841 -45.61 13.73 -17.65
C ALA A 841 -46.03 14.69 -18.76
N SER A 842 -45.05 15.27 -19.43
CA SER A 842 -45.34 16.03 -20.65
C SER A 842 -45.79 15.10 -21.76
N ASN A 843 -45.05 14.02 -21.98
CA ASN A 843 -45.37 13.01 -22.98
C ASN A 843 -45.35 11.65 -22.31
N ILE A 844 -46.46 10.90 -22.43
CA ILE A 844 -46.58 9.57 -21.85
C ILE A 844 -46.67 8.57 -23.00
N ALA A 845 -45.83 7.54 -22.95
CA ALA A 845 -45.88 6.50 -23.98
C ALA A 845 -45.73 5.12 -23.37
N LEU A 846 -46.57 4.20 -23.80
CA LEU A 846 -46.53 2.80 -23.37
C LEU A 846 -46.34 1.97 -24.63
N THR A 847 -45.28 1.17 -24.67
CA THR A 847 -44.98 0.33 -25.82
C THR A 847 -44.83 -1.12 -25.38
N GLY A 848 -45.40 -2.06 -26.14
CA GLY A 848 -45.13 -3.43 -25.75
C GLY A 848 -45.49 -4.48 -26.78
N ASN A 849 -44.98 -5.69 -26.51
CA ASN A 849 -45.13 -6.85 -27.37
C ASN A 849 -45.34 -8.11 -26.54
N SER A 850 -46.08 -9.06 -27.12
CA SER A 850 -46.30 -10.36 -26.51
C SER A 850 -46.65 -11.34 -27.63
N THR A 851 -46.73 -12.62 -27.27
CA THR A 851 -47.14 -13.65 -28.21
C THR A 851 -48.46 -14.29 -27.80
N SER A 852 -48.54 -14.89 -26.62
CA SER A 852 -49.79 -15.49 -26.18
C SER A 852 -50.53 -14.59 -25.20
N GLY A 853 -49.79 -13.72 -24.51
CA GLY A 853 -50.36 -12.79 -23.58
C GLY A 853 -50.72 -11.48 -24.26
N ASN A 854 -51.11 -10.52 -23.44
CA ASN A 854 -51.47 -9.19 -23.90
C ASN A 854 -50.25 -8.29 -23.89
N ALA A 855 -50.23 -7.28 -24.76
CA ALA A 855 -49.08 -6.38 -24.77
C ALA A 855 -49.17 -5.31 -23.69
N ILE A 856 -50.23 -4.52 -23.67
CA ILE A 856 -50.47 -3.51 -22.64
C ILE A 856 -51.79 -3.83 -21.92
N ASN A 857 -51.74 -4.02 -20.59
CA ASN A 857 -52.93 -4.43 -19.84
C ASN A 857 -53.07 -3.63 -18.54
N LEU A 858 -54.04 -2.72 -18.51
CA LEU A 858 -54.28 -1.85 -17.36
C LEU A 858 -55.51 -2.41 -16.66
N THR A 859 -55.29 -3.04 -15.50
CA THR A 859 -56.35 -3.78 -14.82
C THR A 859 -56.79 -3.15 -13.50
N GLY A 860 -55.98 -2.28 -12.90
CA GLY A 860 -56.32 -1.63 -11.66
C GLY A 860 -56.80 -0.21 -11.93
N THR A 861 -56.46 0.68 -11.00
CA THR A 861 -56.84 2.07 -11.17
C THR A 861 -55.61 2.86 -11.62
N ALA A 862 -55.76 3.61 -12.70
CA ALA A 862 -54.63 4.40 -13.18
C ALA A 862 -55.09 5.76 -13.66
N THR A 863 -54.27 6.78 -13.40
CA THR A 863 -54.51 8.13 -13.88
C THR A 863 -53.28 8.57 -14.65
N LEU A 864 -53.47 9.00 -15.89
CA LEU A 864 -52.41 9.53 -16.73
C LEU A 864 -52.70 10.98 -17.11
N ASN A 865 -51.83 11.89 -16.66
CA ASN A 865 -52.02 13.31 -16.95
C ASN A 865 -50.86 13.76 -17.83
N ALA A 866 -51.15 14.02 -19.09
CA ALA A 866 -50.14 14.42 -20.07
C ALA A 866 -50.35 15.87 -20.46
N THR A 867 -49.27 16.64 -20.52
CA THR A 867 -49.43 18.03 -20.94
C THR A 867 -49.46 18.14 -22.46
N ASN A 868 -49.09 17.09 -23.18
CA ASN A 868 -49.26 17.07 -24.62
C ASN A 868 -50.01 15.81 -25.07
N ASP A 869 -49.27 14.75 -25.43
CA ASP A 869 -49.85 13.53 -25.99
C ASP A 869 -49.68 12.33 -25.08
N ILE A 870 -50.58 11.36 -25.26
CA ILE A 870 -50.50 10.03 -24.67
C ILE A 870 -50.52 9.03 -25.82
N THR A 871 -49.54 8.13 -25.87
CA THR A 871 -49.51 7.12 -26.91
C THR A 871 -49.40 5.73 -26.30
N LEU A 872 -50.30 4.84 -26.71
CA LEU A 872 -50.28 3.43 -26.31
C LEU A 872 -50.13 2.61 -27.57
N THR A 873 -49.04 1.84 -27.67
CA THR A 873 -48.76 1.04 -28.85
C THR A 873 -48.30 -0.36 -28.48
N GLY A 874 -48.76 -1.34 -29.25
CA GLY A 874 -48.26 -2.69 -29.00
C GLY A 874 -48.77 -3.73 -29.97
N SER A 875 -48.23 -4.93 -29.80
CA SER A 875 -48.53 -6.08 -30.64
C SER A 875 -48.61 -7.35 -29.81
N SER A 876 -49.66 -8.14 -30.02
CA SER A 876 -49.83 -9.40 -29.31
C SER A 876 -50.34 -10.45 -30.29
N THR A 877 -49.57 -11.52 -30.49
CA THR A 877 -49.93 -12.53 -31.49
C THR A 877 -51.25 -13.20 -31.17
N SER A 878 -51.43 -13.68 -29.93
CA SER A 878 -52.66 -14.37 -29.58
C SER A 878 -53.53 -13.62 -28.60
N GLY A 879 -52.99 -12.62 -27.91
CA GLY A 879 -53.71 -11.85 -26.93
C GLY A 879 -54.17 -10.53 -27.51
N ASN A 880 -54.53 -9.61 -26.63
CA ASN A 880 -54.97 -8.30 -27.07
C ASN A 880 -53.77 -7.37 -27.06
N ALA A 881 -53.78 -6.39 -27.97
CA ALA A 881 -52.69 -5.41 -27.96
C ALA A 881 -52.86 -4.39 -26.85
N ILE A 882 -54.01 -3.72 -26.81
CA ILE A 882 -54.34 -2.77 -25.76
C ILE A 882 -55.55 -3.29 -25.02
N ASN A 883 -55.42 -3.51 -23.71
CA ASN A 883 -56.48 -4.09 -22.91
C ASN A 883 -56.66 -3.27 -21.64
N LEU A 884 -57.81 -2.60 -21.50
CA LEU A 884 -58.12 -1.78 -20.33
C LEU A 884 -59.35 -2.34 -19.63
N THR A 885 -59.16 -3.10 -18.56
CA THR A 885 -60.26 -3.79 -17.92
C THR A 885 -60.61 -3.20 -16.56
N GLY A 886 -59.74 -2.39 -15.99
CA GLY A 886 -59.98 -1.76 -14.71
C GLY A 886 -60.57 -0.37 -14.90
N THR A 887 -60.26 0.51 -13.96
CA THR A 887 -60.79 1.86 -14.00
C THR A 887 -59.64 2.82 -14.29
N ALA A 888 -59.81 3.69 -15.27
CA ALA A 888 -58.75 4.61 -15.63
C ALA A 888 -59.29 5.92 -16.19
N THR A 889 -58.52 6.98 -15.95
CA THR A 889 -58.78 8.31 -16.49
C THR A 889 -57.54 8.74 -17.26
N LEU A 890 -57.59 8.60 -18.59
CA LEU A 890 -56.47 9.05 -19.40
C LEU A 890 -56.75 10.45 -19.86
N ASN A 891 -56.03 11.40 -19.25
CA ASN A 891 -56.22 12.82 -19.51
C ASN A 891 -55.00 13.36 -20.24
N ALA A 892 -55.21 13.90 -21.43
CA ALA A 892 -54.13 14.50 -22.20
C ALA A 892 -54.58 15.87 -22.67
N THR A 893 -53.66 16.83 -22.63
CA THR A 893 -53.97 18.14 -23.16
C THR A 893 -54.20 18.12 -24.67
N ASN A 894 -53.37 17.39 -25.43
CA ASN A 894 -53.48 17.44 -26.87
C ASN A 894 -54.03 16.17 -27.48
N ASN A 895 -53.20 15.20 -27.85
CA ASN A 895 -53.69 14.01 -28.54
C ASN A 895 -53.53 12.75 -27.69
N ILE A 896 -54.47 11.82 -27.84
CA ILE A 896 -54.36 10.44 -27.34
C ILE A 896 -54.44 9.49 -28.53
N THR A 897 -53.38 8.71 -28.77
CA THR A 897 -53.37 7.73 -29.86
C THR A 897 -53.13 6.33 -29.33
N LEU A 898 -54.03 5.40 -29.67
CA LEU A 898 -53.93 3.98 -29.33
C LEU A 898 -53.77 3.15 -30.60
N THR A 899 -52.61 2.53 -30.76
CA THR A 899 -52.27 1.72 -31.93
C THR A 899 -51.73 0.36 -31.50
N GLY A 900 -52.18 -0.69 -32.20
CA GLY A 900 -51.67 -2.02 -31.91
C GLY A 900 -52.12 -3.02 -32.93
N SER A 901 -51.69 -4.27 -32.75
CA SER A 901 -51.94 -5.35 -33.67
C SER A 901 -52.13 -6.68 -32.97
N SER A 902 -53.03 -7.50 -33.49
CA SER A 902 -53.30 -8.83 -32.97
C SER A 902 -53.67 -9.73 -34.13
N THR A 903 -53.67 -11.05 -33.88
CA THR A 903 -54.10 -12.03 -34.88
C THR A 903 -55.40 -12.71 -34.49
N SER A 904 -55.45 -13.35 -33.33
CA SER A 904 -56.64 -14.05 -32.89
C SER A 904 -57.48 -13.24 -31.93
N GLY A 905 -56.86 -12.31 -31.22
CA GLY A 905 -57.53 -11.50 -30.22
C GLY A 905 -57.96 -10.16 -30.79
N ASN A 906 -58.30 -9.25 -29.88
CA ASN A 906 -58.72 -7.92 -30.27
C ASN A 906 -57.53 -6.98 -30.22
N ALA A 907 -57.58 -5.93 -31.05
CA ALA A 907 -56.53 -4.93 -30.99
C ALA A 907 -56.71 -4.00 -29.80
N ILE A 908 -57.92 -3.44 -29.63
CA ILE A 908 -58.24 -2.60 -28.50
C ILE A 908 -59.46 -3.20 -27.81
N ASN A 909 -59.32 -3.48 -26.51
CA ASN A 909 -60.41 -4.06 -25.70
C ASN A 909 -60.55 -3.22 -24.44
N LEU A 910 -61.58 -2.38 -24.39
CA LEU A 910 -61.86 -1.54 -23.22
C LEU A 910 -63.04 -2.16 -22.48
N LYS A 911 -62.78 -2.71 -21.30
CA LYS A 911 -63.78 -3.45 -20.55
C LYS A 911 -64.27 -2.73 -19.30
N GLY A 912 -63.41 -2.03 -18.57
CA GLY A 912 -63.81 -1.40 -17.34
C GLY A 912 -64.30 0.02 -17.55
N ASN A 913 -64.29 0.79 -16.47
CA ASN A 913 -64.73 2.19 -16.52
C ASN A 913 -63.55 3.01 -16.99
N ASN A 914 -63.58 3.44 -18.25
CA ASN A 914 -62.45 4.10 -18.86
C ASN A 914 -62.88 5.44 -19.44
N THR A 915 -62.30 6.51 -18.91
CA THR A 915 -62.61 7.87 -19.37
C THR A 915 -61.38 8.40 -20.09
N LEU A 916 -61.52 8.77 -21.36
CA LEU A 916 -60.43 9.33 -22.13
C LEU A 916 -60.79 10.77 -22.47
N THR A 917 -60.01 11.72 -21.94
CA THR A 917 -60.26 13.13 -22.19
C THR A 917 -59.06 13.74 -22.89
N ALA A 918 -59.29 14.40 -24.02
CA ALA A 918 -58.18 14.94 -24.80
C ALA A 918 -58.71 15.98 -25.78
N SER A 919 -57.78 16.70 -26.39
CA SER A 919 -58.15 17.54 -27.52
C SER A 919 -58.47 16.68 -28.74
N ASN A 920 -57.66 15.65 -28.98
CA ASN A 920 -57.85 14.71 -30.09
C ASN A 920 -57.69 13.30 -29.56
N ILE A 921 -58.59 12.41 -29.94
CA ILE A 921 -58.51 10.99 -29.57
C ILE A 921 -58.44 10.17 -30.85
N THR A 922 -57.38 9.38 -31.00
CA THR A 922 -57.22 8.52 -32.18
C THR A 922 -57.12 7.06 -31.73
N LEU A 923 -58.02 6.23 -32.24
CA LEU A 923 -58.01 4.79 -31.96
C LEU A 923 -57.82 4.03 -33.26
N THR A 924 -56.74 3.26 -33.33
CA THR A 924 -56.45 2.50 -34.55
C THR A 924 -55.82 1.16 -34.21
N GLY A 925 -56.08 0.17 -35.05
CA GLY A 925 -55.47 -1.13 -34.91
C GLY A 925 -56.01 -2.11 -35.92
N GLU A 926 -55.43 -3.31 -35.90
CA GLU A 926 -55.80 -4.39 -36.80
C GLU A 926 -55.93 -5.71 -36.04
N SER A 927 -56.91 -6.52 -36.44
CA SER A 927 -57.07 -7.86 -35.90
C SER A 927 -57.46 -8.79 -37.04
N THR A 928 -56.68 -9.86 -37.24
CA THR A 928 -56.93 -10.78 -38.34
C THR A 928 -58.26 -11.51 -38.17
N SER A 929 -58.53 -12.04 -36.97
CA SER A 929 -59.75 -12.78 -36.72
C SER A 929 -60.67 -12.15 -35.70
N GLY A 930 -60.21 -11.18 -34.92
CA GLY A 930 -61.03 -10.59 -33.88
C GLY A 930 -61.47 -9.18 -34.21
N ASN A 931 -61.73 -8.39 -33.19
CA ASN A 931 -62.14 -7.00 -33.37
C ASN A 931 -60.92 -6.10 -33.40
N ALA A 932 -61.02 -5.00 -34.14
CA ALA A 932 -59.94 -4.01 -34.11
C ALA A 932 -60.13 -3.04 -32.95
N ILE A 933 -61.32 -2.48 -32.82
CA ILE A 933 -61.64 -1.55 -31.75
C ILE A 933 -62.85 -2.12 -31.04
N ASN A 934 -62.73 -2.36 -29.74
CA ASN A 934 -63.82 -2.93 -28.96
C ASN A 934 -63.98 -2.14 -27.66
N LEU A 935 -65.12 -1.47 -27.53
CA LEU A 935 -65.45 -0.68 -26.35
C LEU A 935 -66.75 -1.26 -25.80
N THR A 936 -66.70 -2.48 -25.26
CA THR A 936 -67.91 -3.17 -24.86
C THR A 936 -67.77 -3.79 -23.48
N ASP A 937 -68.83 -3.65 -22.69
CA ASP A 937 -69.01 -4.32 -21.40
C ASP A 937 -70.44 -4.08 -20.94
N THR A 938 -71.03 -5.08 -20.29
CA THR A 938 -72.39 -4.94 -19.81
C THR A 938 -72.47 -4.36 -18.41
N THR A 939 -71.32 -4.16 -17.75
CA THR A 939 -71.27 -3.59 -16.41
C THR A 939 -70.66 -2.20 -16.39
N GLY A 940 -69.53 -2.01 -17.08
CA GLY A 940 -68.86 -0.73 -17.09
C GLY A 940 -69.37 0.21 -18.16
N THR A 941 -68.91 1.46 -18.08
CA THR A 941 -69.23 2.50 -19.06
C THR A 941 -67.94 3.14 -19.54
N THR A 942 -67.84 3.34 -20.85
CA THR A 942 -66.71 4.04 -21.45
C THR A 942 -67.12 5.47 -21.77
N THR A 943 -66.33 6.43 -21.31
CA THR A 943 -66.62 7.85 -21.54
C THR A 943 -65.48 8.49 -22.31
N LEU A 944 -65.81 9.14 -23.42
CA LEU A 944 -64.81 9.85 -24.22
C LEU A 944 -65.18 11.33 -24.25
N ASN A 945 -64.17 12.20 -24.18
CA ASN A 945 -64.40 13.64 -24.25
C ASN A 945 -63.28 14.30 -25.03
N ALA A 946 -63.53 14.56 -26.32
CA ALA A 946 -62.55 15.19 -27.19
C ALA A 946 -63.04 16.57 -27.59
N THR A 947 -62.12 17.52 -27.71
CA THR A 947 -62.52 18.83 -28.22
C THR A 947 -62.56 18.81 -29.75
N ASN A 948 -61.57 18.17 -30.35
CA ASN A 948 -61.38 18.08 -31.80
C ASN A 948 -61.68 16.68 -32.32
N ASN A 949 -61.32 16.46 -33.59
CA ASN A 949 -61.60 15.24 -34.35
C ASN A 949 -61.29 13.97 -33.56
N ILE A 950 -62.19 13.00 -33.67
CA ILE A 950 -61.97 11.64 -33.21
C ILE A 950 -62.06 10.70 -34.40
N THR A 951 -61.00 9.91 -34.60
CA THR A 951 -60.94 8.96 -35.69
C THR A 951 -60.77 7.56 -35.11
N MET A 952 -61.61 6.63 -35.55
CA MET A 952 -61.55 5.24 -35.13
C MET A 952 -61.48 4.38 -36.38
N GLN A 953 -60.31 3.80 -36.65
CA GLN A 953 -60.08 3.05 -37.88
C GLN A 953 -59.55 1.66 -37.56
N GLY A 954 -60.13 0.65 -38.18
CA GLY A 954 -59.68 -0.71 -37.99
C GLY A 954 -60.55 -1.67 -38.78
N THR A 955 -60.28 -2.96 -38.59
CA THR A 955 -61.01 -3.97 -39.35
C THR A 955 -62.46 -4.08 -38.89
N ARG A 956 -62.69 -4.04 -37.58
CA ARG A 956 -64.03 -4.07 -37.00
C ARG A 956 -64.08 -3.14 -35.79
N VAL A 957 -65.07 -2.27 -35.72
CA VAL A 957 -65.21 -1.35 -34.59
C VAL A 957 -66.57 -1.58 -33.95
N GLN A 958 -66.57 -1.97 -32.68
CA GLN A 958 -67.79 -2.22 -31.92
C GLN A 958 -67.78 -1.31 -30.68
N ILE A 959 -68.74 -0.40 -30.61
CA ILE A 959 -68.86 0.55 -29.51
C ILE A 959 -70.17 0.27 -28.79
N LYS A 960 -70.11 -0.08 -27.50
CA LYS A 960 -71.30 -0.39 -26.73
C LYS A 960 -71.18 0.23 -25.33
N HIS A 961 -72.31 0.71 -24.82
CA HIS A 961 -72.40 1.27 -23.46
C HIS A 961 -71.37 2.37 -23.23
N SER A 962 -71.46 3.43 -24.03
CA SER A 962 -70.50 4.52 -23.94
C SER A 962 -71.18 5.87 -24.08
N ASN A 963 -70.43 6.91 -23.72
CA ASN A 963 -70.86 8.31 -23.79
C ASN A 963 -69.71 9.08 -24.42
N ILE A 964 -69.84 9.44 -25.70
CA ILE A 964 -68.77 10.08 -26.44
C ILE A 964 -69.15 11.52 -26.78
N THR A 965 -68.31 12.47 -26.35
CA THR A 965 -68.48 13.88 -26.68
C THR A 965 -67.35 14.23 -27.64
N ALA A 966 -67.67 14.86 -28.76
CA ALA A 966 -66.64 15.14 -29.74
C ALA A 966 -66.88 16.44 -30.49
N GLY A 967 -65.79 16.93 -31.10
CA GLY A 967 -65.81 18.02 -32.04
C GLY A 967 -66.22 17.42 -33.36
N ASN A 968 -65.28 16.81 -34.07
CA ASN A 968 -65.60 15.94 -35.19
C ASN A 968 -65.50 14.50 -34.70
N PHE A 969 -66.24 13.61 -35.35
CA PHE A 969 -66.17 12.19 -35.05
C PHE A 969 -66.25 11.43 -36.36
N ALA A 970 -65.41 10.41 -36.51
CA ALA A 970 -65.53 9.58 -37.69
C ALA A 970 -65.06 8.16 -37.41
N LEU A 971 -65.70 7.21 -38.09
CA LEU A 971 -65.31 5.81 -38.07
C LEU A 971 -64.80 5.44 -39.45
N ASN A 972 -63.86 4.51 -39.52
CA ASN A 972 -63.44 3.94 -40.80
C ASN A 972 -63.16 2.44 -40.62
N ALA A 973 -64.18 1.61 -40.81
CA ALA A 973 -64.02 0.18 -40.72
C ALA A 973 -63.74 -0.38 -42.11
N THR A 974 -62.75 -1.26 -42.22
CA THR A 974 -62.33 -1.75 -43.53
C THR A 974 -62.61 -3.23 -43.83
N VAL A 975 -62.89 -4.07 -42.84
CA VAL A 975 -63.05 -5.50 -43.07
C VAL A 975 -64.44 -6.02 -42.71
N ALA A 976 -64.91 -5.71 -41.50
CA ALA A 976 -66.19 -6.27 -41.08
C ALA A 976 -67.19 -5.23 -40.63
N GLY A 977 -67.09 -4.01 -41.15
CA GLY A 977 -68.07 -3.02 -40.78
C GLY A 977 -67.89 -2.51 -39.35
N SER A 978 -68.94 -1.87 -38.85
CA SER A 978 -68.91 -1.32 -37.50
C SER A 978 -70.31 -1.37 -36.89
N GLU A 979 -70.35 -1.34 -35.57
CA GLU A 979 -71.60 -1.34 -34.82
C GLU A 979 -71.52 -0.38 -33.66
N ILE A 980 -72.59 0.39 -33.48
CA ILE A 980 -72.79 1.27 -32.33
C ILE A 980 -74.08 0.83 -31.64
N SER A 981 -73.98 0.41 -30.37
CA SER A 981 -75.20 0.02 -29.68
C SER A 981 -75.17 0.37 -28.20
N ASN A 982 -76.34 0.76 -27.67
CA ASN A 982 -76.52 1.16 -26.28
C ASN A 982 -75.58 2.30 -25.86
N THR A 983 -75.33 3.23 -26.77
CA THR A 983 -74.44 4.34 -26.48
C THR A 983 -75.12 5.67 -26.79
N THR A 984 -74.54 6.74 -26.24
CA THR A 984 -74.95 8.10 -26.58
C THR A 984 -73.75 8.75 -27.24
N LEU A 985 -73.93 9.24 -28.46
CA LEU A 985 -72.86 9.90 -29.21
C LEU A 985 -73.30 11.29 -29.64
N THR A 986 -72.72 12.33 -29.06
CA THR A 986 -73.09 13.69 -29.41
C THR A 986 -71.85 14.42 -29.89
N ALA A 987 -71.94 14.99 -31.09
CA ALA A 987 -70.85 15.75 -31.69
C ALA A 987 -71.31 17.17 -31.99
N THR A 988 -70.38 18.11 -31.86
CA THR A 988 -70.67 19.47 -32.30
C THR A 988 -70.71 19.54 -33.82
N ASN A 989 -69.79 18.87 -34.48
CA ASN A 989 -69.62 18.90 -35.93
C ASN A 989 -70.07 17.56 -36.52
N ASN A 990 -69.27 16.90 -37.36
CA ASN A 990 -69.69 15.72 -38.11
C ASN A 990 -69.37 14.41 -37.41
N ILE A 991 -70.23 13.42 -37.65
CA ILE A 991 -70.12 12.02 -37.20
C ILE A 991 -69.98 11.08 -38.40
N ASN A 992 -69.07 11.40 -39.32
CA ASN A 992 -68.90 10.57 -40.52
C ASN A 992 -68.51 9.12 -40.23
N LEU A 993 -69.46 8.20 -40.39
CA LEU A 993 -69.30 6.79 -40.08
C LEU A 993 -69.14 5.98 -41.37
N ALA A 994 -67.93 5.56 -41.70
CA ALA A 994 -67.71 4.79 -42.93
C ALA A 994 -67.37 3.36 -42.54
N ALA A 995 -67.94 2.38 -43.26
CA ALA A 995 -67.62 1.00 -42.94
C ALA A 995 -67.86 0.06 -44.11
N LYS A 996 -66.84 -0.71 -44.45
CA LYS A 996 -66.89 -1.73 -45.49
C LYS A 996 -66.83 -3.10 -44.79
N THR A 997 -67.71 -4.02 -45.21
CA THR A 997 -67.71 -5.38 -44.69
C THR A 997 -67.57 -6.37 -45.83
N ASN A 998 -66.66 -7.34 -45.66
CA ASN A 998 -66.43 -8.39 -46.64
C ASN A 998 -66.96 -9.75 -46.16
N SER A 999 -67.86 -9.74 -45.19
CA SER A 999 -68.43 -10.96 -44.64
C SER A 999 -69.93 -10.77 -44.50
N ALA A 1000 -70.59 -11.66 -43.76
CA ALA A 1000 -72.03 -11.58 -43.58
C ALA A 1000 -72.43 -10.53 -42.54
N SER A 1001 -71.45 -9.95 -41.85
CA SER A 1001 -71.73 -8.95 -40.83
C SER A 1001 -72.25 -7.67 -41.47
N SER A 1002 -72.89 -6.84 -40.65
CA SER A 1002 -73.38 -5.56 -41.13
C SER A 1002 -72.23 -4.57 -41.32
N GLY A 1003 -72.43 -3.63 -42.23
CA GLY A 1003 -71.48 -2.55 -42.42
C GLY A 1003 -71.57 -1.52 -41.33
N VAL A 1004 -72.55 -0.63 -41.41
CA VAL A 1004 -72.83 0.31 -40.33
C VAL A 1004 -74.12 -0.13 -39.68
N TYR A 1005 -74.04 -0.64 -38.45
CA TYR A 1005 -75.20 -1.13 -37.73
C TYR A 1005 -75.38 -0.30 -36.47
N LEU A 1006 -76.57 0.27 -36.29
CA LEU A 1006 -76.90 1.08 -35.13
C LEU A 1006 -78.04 0.40 -34.39
N LYS A 1007 -77.83 0.10 -33.10
CA LYS A 1007 -78.87 -0.52 -32.28
C LYS A 1007 -79.03 0.27 -30.99
N ASP A 1008 -80.23 0.83 -30.78
CA ASP A 1008 -80.50 1.64 -29.59
C ASP A 1008 -79.47 2.76 -29.44
N ALA A 1009 -79.08 3.35 -30.55
CA ALA A 1009 -78.07 4.41 -30.55
C ALA A 1009 -78.72 5.77 -30.47
N ARG A 1010 -78.10 6.67 -29.71
CA ARG A 1010 -78.54 8.05 -29.59
C ARG A 1010 -77.45 8.96 -30.16
N ILE A 1011 -77.63 9.38 -31.41
CA ILE A 1011 -76.62 10.13 -32.14
C ILE A 1011 -77.17 11.53 -32.41
N THR A 1012 -76.47 12.55 -31.94
CA THR A 1012 -76.89 13.93 -32.11
C THR A 1012 -75.72 14.77 -32.61
N SER A 1013 -76.01 15.67 -33.55
CA SER A 1013 -75.03 16.65 -34.02
C SER A 1013 -75.60 18.04 -33.71
N THR A 1014 -74.98 18.73 -32.76
CA THR A 1014 -75.53 20.01 -32.32
C THR A 1014 -75.48 21.06 -33.42
N ASN A 1015 -74.31 21.22 -34.05
CA ASN A 1015 -74.15 22.18 -35.13
C ASN A 1015 -73.67 21.53 -36.42
N GLY A 1016 -73.65 20.20 -36.50
CA GLY A 1016 -73.14 19.56 -37.70
C GLY A 1016 -74.08 18.58 -38.36
N SER A 1017 -73.52 17.70 -39.19
CA SER A 1017 -74.27 16.72 -39.96
C SER A 1017 -73.96 15.30 -39.47
N ILE A 1018 -74.83 14.37 -39.85
CA ILE A 1018 -74.63 12.95 -39.59
C ILE A 1018 -74.56 12.25 -40.94
N THR A 1019 -73.41 11.64 -41.23
CA THR A 1019 -73.19 10.93 -42.47
C THR A 1019 -72.76 9.50 -42.18
N ALA A 1020 -73.29 8.54 -42.95
CA ALA A 1020 -72.88 7.16 -42.86
C ALA A 1020 -72.72 6.61 -44.26
N ASN A 1021 -71.74 5.72 -44.44
CA ASN A 1021 -71.51 5.09 -45.74
C ASN A 1021 -71.07 3.64 -45.54
N GLY A 1022 -72.04 2.73 -45.65
CA GLY A 1022 -71.77 1.31 -45.49
C GLY A 1022 -71.66 0.64 -46.85
N THR A 1023 -70.76 -0.35 -46.91
CA THR A 1023 -70.57 -1.16 -48.11
C THR A 1023 -70.61 -2.61 -47.69
N ALA A 1024 -71.39 -3.42 -48.39
CA ALA A 1024 -71.46 -4.86 -48.15
C ALA A 1024 -71.05 -5.61 -49.40
N THR A 1025 -69.85 -6.20 -49.39
CA THR A 1025 -69.32 -6.87 -50.57
C THR A 1025 -69.74 -8.33 -50.60
N ALA A 1026 -70.18 -8.86 -49.48
CA ALA A 1026 -70.68 -10.22 -49.34
C ALA A 1026 -72.21 -10.18 -49.33
N ASN A 1027 -72.90 -10.87 -48.44
CA ASN A 1027 -74.36 -10.85 -48.44
C ASN A 1027 -74.92 -10.24 -47.16
N GLY A 1028 -74.11 -9.47 -46.43
CA GLY A 1028 -74.56 -8.84 -45.20
C GLY A 1028 -75.29 -7.54 -45.49
N LYS A 1029 -75.78 -6.91 -44.44
CA LYS A 1029 -76.51 -5.66 -44.61
C LYS A 1029 -75.51 -4.50 -44.72
N ALA A 1030 -75.69 -3.66 -45.75
CA ALA A 1030 -74.78 -2.53 -45.91
C ALA A 1030 -74.97 -1.52 -44.80
N THR A 1031 -76.22 -1.12 -44.56
CA THR A 1031 -76.59 -0.20 -43.50
C THR A 1031 -77.80 -0.80 -42.78
N HIS A 1032 -77.78 -0.81 -41.45
CA HIS A 1032 -78.87 -1.43 -40.72
C HIS A 1032 -79.11 -0.71 -39.40
N LEU A 1033 -80.35 -0.32 -39.17
CA LEU A 1033 -80.77 0.34 -37.94
C LEU A 1033 -81.81 -0.51 -37.24
N ASP A 1034 -81.69 -0.63 -35.92
CA ASP A 1034 -82.64 -1.36 -35.11
C ASP A 1034 -82.68 -0.73 -33.73
N GLY A 1035 -83.54 -1.26 -32.87
CA GLY A 1035 -83.68 -0.69 -31.55
C GLY A 1035 -84.27 0.71 -31.60
N ASN A 1036 -83.97 1.49 -30.56
CA ASN A 1036 -84.44 2.87 -30.44
C ASN A 1036 -83.32 3.82 -30.86
N VAL A 1037 -83.38 4.29 -32.10
CA VAL A 1037 -82.31 5.11 -32.67
C VAL A 1037 -82.84 6.52 -32.87
N THR A 1038 -82.08 7.51 -32.38
CA THR A 1038 -82.41 8.91 -32.57
C THR A 1038 -81.27 9.58 -33.30
N LEU A 1039 -81.56 10.21 -34.44
CA LEU A 1039 -80.59 10.97 -35.21
C LEU A 1039 -81.04 12.43 -35.24
N ASN A 1040 -80.22 13.31 -34.67
CA ASN A 1040 -80.56 14.72 -34.58
C ASN A 1040 -79.48 15.52 -35.29
N ALA A 1041 -79.87 16.19 -36.39
CA ALA A 1041 -78.98 17.03 -37.17
C ALA A 1041 -79.74 18.30 -37.56
N SER A 1042 -80.27 19.01 -36.56
CA SER A 1042 -81.10 20.17 -36.82
C SER A 1042 -80.34 21.29 -37.52
N ASN A 1043 -79.00 21.28 -37.44
CA ASN A 1043 -78.18 22.27 -38.12
C ASN A 1043 -77.47 21.69 -39.34
N GLY A 1044 -77.88 20.52 -39.80
CA GLY A 1044 -77.21 19.90 -40.93
C GLY A 1044 -78.04 18.83 -41.60
N ARG A 1045 -77.35 17.96 -42.32
CA ARG A 1045 -77.95 16.90 -43.12
C ARG A 1045 -77.68 15.53 -42.50
N ILE A 1046 -78.61 14.61 -42.68
CA ILE A 1046 -78.39 13.20 -42.38
C ILE A 1046 -78.38 12.47 -43.72
N LYS A 1047 -77.21 11.93 -44.08
CA LYS A 1047 -77.04 11.24 -45.35
C LYS A 1047 -76.54 9.81 -45.08
N LEU A 1048 -77.35 8.83 -45.46
CA LEU A 1048 -77.01 7.43 -45.27
C LEU A 1048 -76.81 6.79 -46.64
N THR A 1049 -75.67 6.14 -46.82
CA THR A 1049 -75.33 5.41 -48.05
C THR A 1049 -75.20 3.93 -47.73
N GLY A 1050 -75.81 3.09 -48.56
CA GLY A 1050 -75.70 1.65 -48.37
C GLY A 1050 -75.52 0.96 -49.70
N ASN A 1051 -74.30 0.49 -49.99
CA ASN A 1051 -74.00 -0.18 -51.25
C ASN A 1051 -73.75 -1.67 -51.03
N GLY A 1052 -74.74 -2.50 -51.35
CA GLY A 1052 -74.64 -3.93 -51.16
C GLY A 1052 -74.53 -4.66 -52.50
N HIS A 1053 -74.20 -5.94 -52.42
CA HIS A 1053 -74.09 -6.79 -53.60
C HIS A 1053 -74.88 -8.08 -53.43
N GLY A 1054 -75.18 -8.72 -54.55
CA GLY A 1054 -75.86 -10.00 -54.55
C GLY A 1054 -77.26 -9.90 -53.97
N SER A 1055 -77.54 -10.75 -52.97
CA SER A 1055 -78.83 -10.78 -52.31
C SER A 1055 -78.95 -9.76 -51.20
N ALA A 1056 -77.85 -9.09 -50.87
CA ALA A 1056 -77.83 -8.13 -49.77
C ALA A 1056 -78.72 -6.94 -50.04
N SER A 1057 -79.35 -6.44 -48.98
CA SER A 1057 -80.11 -5.20 -49.04
C SER A 1057 -79.19 -4.01 -48.82
N GLY A 1058 -79.73 -2.82 -49.08
CA GLY A 1058 -78.97 -1.61 -48.87
C GLY A 1058 -79.11 -1.00 -47.50
N ILE A 1059 -80.06 -0.08 -47.34
CA ILE A 1059 -80.29 0.58 -46.06
C ILE A 1059 -81.58 0.02 -45.47
N LEU A 1060 -81.46 -0.72 -44.37
CA LEU A 1060 -82.57 -1.36 -43.68
C LEU A 1060 -82.92 -0.59 -42.42
N PHE A 1061 -84.19 -0.19 -42.30
CA PHE A 1061 -84.69 0.52 -41.12
C PHE A 1061 -85.64 -0.39 -40.34
N ALA A 1062 -85.20 -0.85 -39.18
CA ALA A 1062 -85.95 -1.75 -38.31
C ALA A 1062 -86.21 -1.06 -36.99
N GLY A 1063 -87.06 -1.65 -36.17
CA GLY A 1063 -87.34 -1.07 -34.86
C GLY A 1063 -88.06 0.26 -34.98
N ASN A 1064 -87.50 1.28 -34.33
CA ASN A 1064 -88.09 2.62 -34.32
C ASN A 1064 -86.95 3.62 -34.45
N ASN A 1065 -86.83 4.23 -35.62
CA ASN A 1065 -85.72 5.13 -35.95
C ASN A 1065 -86.26 6.52 -36.20
N ARG A 1066 -85.89 7.46 -35.33
CA ARG A 1066 -86.33 8.86 -35.43
C ARG A 1066 -85.17 9.67 -36.01
N LEU A 1067 -85.35 10.20 -37.21
CA LEU A 1067 -84.33 11.00 -37.87
C LEU A 1067 -84.75 12.45 -37.97
N THR A 1068 -84.06 13.32 -37.25
CA THR A 1068 -84.37 14.75 -37.22
C THR A 1068 -83.23 15.48 -37.92
N ALA A 1069 -83.55 16.25 -38.95
CA ALA A 1069 -82.53 16.99 -39.67
C ALA A 1069 -83.15 18.13 -40.45
N SER A 1070 -82.29 19.06 -40.89
CA SER A 1070 -82.72 20.06 -41.87
C SER A 1070 -83.07 19.39 -43.19
N ASN A 1071 -82.21 18.48 -43.65
CA ASN A 1071 -82.42 17.71 -44.86
C ASN A 1071 -82.08 16.25 -44.58
N ILE A 1072 -82.89 15.34 -45.12
CA ILE A 1072 -82.68 13.91 -44.98
C ILE A 1072 -82.56 13.30 -46.37
N ALA A 1073 -81.55 12.47 -46.57
CA ALA A 1073 -81.39 11.76 -47.83
C ALA A 1073 -80.92 10.34 -47.57
N LEU A 1074 -81.55 9.39 -48.25
CA LEU A 1074 -81.18 7.97 -48.20
C LEU A 1074 -80.83 7.56 -49.63
N THR A 1075 -79.57 7.22 -49.86
CA THR A 1075 -79.09 6.82 -51.17
C THR A 1075 -78.48 5.43 -51.09
N GLY A 1076 -78.83 4.56 -52.03
CA GLY A 1076 -78.20 3.25 -52.00
C GLY A 1076 -78.46 2.45 -53.26
N ASN A 1077 -77.81 1.29 -53.32
CA ASN A 1077 -77.91 0.42 -54.48
C ASN A 1077 -78.00 -1.04 -54.03
N SER A 1078 -78.65 -1.84 -54.86
CA SER A 1078 -78.75 -3.27 -54.62
C SER A 1078 -78.85 -3.98 -55.96
N THR A 1079 -78.64 -5.30 -55.95
CA THR A 1079 -78.80 -6.10 -57.15
C THR A 1079 -80.08 -6.92 -57.08
N SER A 1080 -80.04 -8.02 -56.32
CA SER A 1080 -81.21 -8.86 -56.13
C SER A 1080 -82.05 -8.44 -54.94
N GLY A 1081 -81.51 -7.63 -54.03
CA GLY A 1081 -82.23 -7.21 -52.84
C GLY A 1081 -82.92 -5.87 -53.02
N ASN A 1082 -83.36 -5.32 -51.89
CA ASN A 1082 -84.04 -4.03 -51.84
C ASN A 1082 -83.05 -2.94 -51.47
N ALA A 1083 -82.91 -1.94 -52.35
CA ALA A 1083 -81.94 -0.86 -52.12
C ALA A 1083 -82.26 -0.12 -50.82
N ILE A 1084 -83.54 0.11 -50.55
CA ILE A 1084 -84.03 0.69 -49.31
C ILE A 1084 -85.14 -0.22 -48.80
N ASN A 1085 -85.05 -0.62 -47.53
CA ASN A 1085 -86.02 -1.55 -46.96
C ASN A 1085 -86.47 -1.06 -45.58
N LEU A 1086 -87.69 -0.54 -45.52
CA LEU A 1086 -88.27 0.00 -44.30
C LEU A 1086 -89.21 -1.05 -43.74
N THR A 1087 -88.83 -1.66 -42.61
CA THR A 1087 -89.61 -2.75 -42.04
C THR A 1087 -90.24 -2.41 -40.70
N GLY A 1088 -89.66 -1.46 -39.97
CA GLY A 1088 -90.19 -1.07 -38.67
C GLY A 1088 -90.82 0.31 -38.72
N THR A 1089 -90.73 1.04 -37.63
CA THR A 1089 -91.28 2.38 -37.54
C THR A 1089 -90.18 3.39 -37.81
N ALA A 1090 -90.44 4.34 -38.70
CA ALA A 1090 -89.45 5.37 -38.99
C ALA A 1090 -90.16 6.69 -39.29
N THR A 1091 -89.60 7.77 -38.74
CA THR A 1091 -90.10 9.12 -38.97
C THR A 1091 -88.96 9.96 -39.54
N LEU A 1092 -89.19 10.57 -40.70
CA LEU A 1092 -88.20 11.43 -41.35
C LEU A 1092 -88.73 12.86 -41.33
N ASN A 1093 -88.17 13.69 -40.47
CA ASN A 1093 -88.60 15.07 -40.30
C ASN A 1093 -87.52 16.00 -40.85
N ALA A 1094 -87.85 16.76 -41.88
CA ALA A 1094 -86.91 17.68 -42.49
C ALA A 1094 -87.59 19.02 -42.71
N THR A 1095 -86.80 20.09 -42.57
CA THR A 1095 -87.33 21.43 -42.81
C THR A 1095 -87.36 21.82 -44.28
N ASN A 1096 -86.58 21.15 -45.13
CA ASN A 1096 -86.62 21.46 -46.56
C ASN A 1096 -87.02 20.26 -47.41
N ASP A 1097 -86.02 19.48 -47.84
CA ASP A 1097 -86.23 18.36 -48.74
C ASP A 1097 -85.95 17.03 -48.06
N ILE A 1098 -86.64 15.99 -48.54
CA ILE A 1098 -86.36 14.60 -48.19
C ILE A 1098 -86.15 13.86 -49.50
N THR A 1099 -84.99 13.24 -49.67
CA THR A 1099 -84.65 12.52 -50.89
C THR A 1099 -84.39 11.05 -50.60
N LEU A 1100 -85.04 10.18 -51.37
CA LEU A 1100 -84.84 8.73 -51.29
C LEU A 1100 -84.51 8.24 -52.69
N THR A 1101 -83.30 7.72 -52.88
CA THR A 1101 -82.90 7.27 -54.21
C THR A 1101 -82.00 6.04 -54.11
N GLY A 1102 -82.03 5.24 -55.16
CA GLY A 1102 -81.18 4.06 -55.20
C GLY A 1102 -81.58 3.15 -56.34
N SER A 1103 -80.82 2.07 -56.43
CA SER A 1103 -81.01 1.06 -57.47
C SER A 1103 -80.40 -0.27 -57.04
N VAL B 21 32.39 3.56 30.71
CA VAL B 21 33.66 4.10 30.24
C VAL B 21 34.02 5.37 30.99
N GLN B 22 35.25 5.41 31.55
CA GLN B 22 35.68 6.58 32.35
C GLN B 22 37.13 6.93 32.05
N LEU B 23 37.46 8.22 31.97
CA LEU B 23 38.85 8.67 31.69
C LEU B 23 39.28 9.70 32.74
N GLN B 24 39.45 9.27 33.99
CA GLN B 24 39.89 10.20 35.07
C GLN B 24 41.29 10.72 34.73
N GLN B 25 41.65 11.91 35.24
CA GLN B 25 42.97 12.49 34.91
C GLN B 25 43.70 12.94 36.19
N SER B 26 45.03 13.05 36.17
CA SER B 26 45.67 13.59 37.35
C SER B 26 45.22 15.03 37.57
N GLY B 27 45.54 15.58 38.74
CA GLY B 27 45.14 16.93 39.07
C GLY B 27 46.07 17.93 38.43
N GLY B 28 45.94 19.18 38.86
CA GLY B 28 46.75 20.21 38.24
C GLY B 28 48.16 20.23 38.79
N GLU B 29 49.02 20.99 38.12
CA GLU B 29 50.41 21.11 38.53
C GLU B 29 50.89 22.55 38.38
N LEU B 30 51.79 22.95 39.28
CA LEU B 30 52.45 24.25 39.22
C LEU B 30 53.92 23.97 38.96
N MET B 31 54.44 24.50 37.87
CA MET B 31 55.80 24.24 37.45
C MET B 31 56.63 25.51 37.26
N LYS B 32 58.01 25.37 37.47
CA LYS B 32 58.93 26.46 37.18
C LYS B 32 59.34 26.39 35.71
N PRO B 33 59.63 27.52 35.09
CA PRO B 33 60.06 27.52 33.68
C PRO B 33 61.26 26.62 33.40
N GLY B 34 61.17 25.89 32.29
CA GLY B 34 62.21 24.99 31.81
C GLY B 34 62.00 23.54 32.19
N ALA B 35 61.11 23.27 33.13
CA ALA B 35 60.78 21.93 33.59
C ALA B 35 59.92 21.20 32.56
N SER B 36 59.93 19.88 32.67
CA SER B 36 59.09 18.98 31.87
C SER B 36 58.11 18.28 32.80
N VAL B 37 56.97 17.85 32.26
CA VAL B 37 56.00 17.08 33.02
C VAL B 37 55.55 15.84 32.29
N LYS B 38 55.02 14.90 33.06
CA LYS B 38 54.39 13.71 32.52
C LYS B 38 53.04 13.58 33.21
N LEU B 39 51.94 13.80 32.47
CA LEU B 39 50.57 13.86 33.08
C LEU B 39 49.91 12.49 33.27
N SER B 40 48.57 12.42 33.28
CA SER B 40 47.91 11.12 33.55
C SER B 40 46.46 11.11 33.07
N CYS B 41 46.00 9.96 32.57
CA CYS B 41 44.58 9.81 32.14
C CYS B 41 44.18 8.33 32.24
N LYS B 42 43.64 7.92 33.38
CA LYS B 42 43.27 6.48 33.58
C LYS B 42 42.15 6.11 32.60
N ALA B 43 42.30 4.99 31.89
CA ALA B 43 41.26 4.52 30.95
C ALA B 43 40.59 3.27 31.51
N THR B 44 39.25 3.28 31.63
CA THR B 44 38.55 2.12 32.25
C THR B 44 37.21 1.88 31.57
N GLY B 45 36.67 0.65 31.69
CA GLY B 45 35.37 0.35 31.14
C GLY B 45 35.36 0.02 29.67
N TYR B 46 36.52 -0.05 29.02
CA TYR B 46 36.61 -0.37 27.60
C TYR B 46 37.97 -0.98 27.37
N THR B 47 38.14 -1.61 26.21
CA THR B 47 39.45 -2.16 25.86
C THR B 47 40.40 -0.99 25.61
N PHE B 48 41.39 -0.86 26.50
CA PHE B 48 42.31 0.27 26.44
C PHE B 48 43.08 0.29 25.11
N THR B 49 43.56 -0.86 24.68
CA THR B 49 44.38 -0.96 23.47
C THR B 49 43.61 -0.75 22.17
N GLY B 50 42.28 -0.68 22.21
CA GLY B 50 41.52 -0.54 20.97
C GLY B 50 41.09 0.83 20.54
N TYR B 51 41.33 1.87 21.33
CA TYR B 51 40.89 3.21 21.01
C TYR B 51 42.09 4.14 21.09
N TRP B 52 42.03 5.25 20.37
CA TRP B 52 43.15 6.17 20.40
C TRP B 52 42.95 7.14 21.56
N ILE B 53 43.99 7.47 22.33
CA ILE B 53 43.83 8.53 23.39
C ILE B 53 44.50 9.80 22.88
N GLU B 54 43.72 10.80 22.51
CA GLU B 54 44.12 12.06 21.92
C GLU B 54 44.25 13.13 22.99
N TRP B 55 45.33 13.89 22.92
CA TRP B 55 45.56 14.97 23.90
C TRP B 55 45.33 16.32 23.24
N VAL B 56 44.45 17.14 23.80
CA VAL B 56 43.99 18.44 23.30
C VAL B 56 44.28 19.54 24.32
N GLU B 57 44.85 20.65 23.87
CA GLU B 57 45.15 21.79 24.74
C GLU B 57 44.03 22.82 24.67
N GLN B 58 43.53 23.22 25.85
CA GLN B 58 42.51 24.25 26.00
C GLN B 58 43.12 25.45 26.71
N ARG B 59 43.01 26.63 26.09
CA ARG B 59 43.55 27.84 26.68
C ARG B 59 42.54 28.97 26.47
N PRO B 60 42.45 29.91 27.40
CA PRO B 60 41.60 31.08 27.19
C PRO B 60 42.12 31.92 26.03
N GLY B 61 41.22 32.34 25.16
CA GLY B 61 41.58 33.14 24.00
C GLY B 61 41.93 32.32 22.78
N HIS B 62 42.09 31.00 22.94
CA HIS B 62 42.44 30.07 21.88
C HIS B 62 41.45 28.94 21.73
N GLY B 63 40.69 28.63 22.77
CA GLY B 63 39.80 27.49 22.74
C GLY B 63 40.57 26.18 22.73
N LEU B 64 40.21 25.28 21.83
CA LEU B 64 40.83 23.96 21.76
C LEU B 64 41.73 23.84 20.54
N GLU B 65 42.88 23.17 20.71
CA GLU B 65 43.77 22.85 19.62
C GLU B 65 44.20 21.41 19.78
N TRP B 66 44.24 20.65 18.69
CA TRP B 66 44.71 19.25 18.85
C TRP B 66 46.22 19.23 19.12
N ILE B 67 46.65 18.41 20.07
CA ILE B 67 48.04 18.20 20.44
C ILE B 67 48.60 16.92 19.84
N GLY B 68 47.89 15.80 19.99
CA GLY B 68 48.49 14.57 19.50
C GLY B 68 47.62 13.36 19.78
N GLU B 69 48.10 12.21 19.31
CA GLU B 69 47.37 10.95 19.39
C GLU B 69 48.30 9.78 19.65
N ILE B 70 47.87 8.87 20.53
CA ILE B 70 48.55 7.61 20.81
C ILE B 70 47.58 6.43 20.69
N LEU B 71 48.04 5.34 20.08
CA LEU B 71 47.24 4.13 20.08
C LEU B 71 47.90 3.22 21.10
N PRO B 72 47.36 3.10 22.32
CA PRO B 72 48.11 2.41 23.38
C PRO B 72 48.59 1.01 23.05
N GLY B 73 47.87 0.24 22.25
CA GLY B 73 48.28 -1.11 21.95
C GLY B 73 49.61 -1.24 21.25
N SER B 74 49.71 -0.68 20.05
CA SER B 74 50.92 -0.72 19.24
C SER B 74 51.89 0.39 19.56
N GLY B 75 51.43 1.47 20.19
CA GLY B 75 52.29 2.58 20.53
C GLY B 75 52.48 3.58 19.42
N SER B 76 51.72 3.44 18.33
CA SER B 76 51.81 4.36 17.20
C SER B 76 51.32 5.74 17.62
N THR B 77 52.00 6.78 17.16
CA THR B 77 51.62 8.13 17.54
C THR B 77 51.52 9.03 16.32
N ASP B 78 50.89 10.20 16.58
CA ASP B 78 50.72 11.27 15.55
C ASP B 78 50.68 12.59 16.32
N TYR B 79 51.38 13.63 15.86
CA TYR B 79 51.47 14.88 16.60
C TYR B 79 51.12 16.06 15.72
N ASN B 80 50.64 17.12 16.35
CA ASN B 80 50.46 18.38 15.65
C ASN B 80 51.85 18.89 15.31
N GLU B 81 52.03 19.44 14.11
CA GLU B 81 53.36 19.87 13.73
C GLU B 81 53.92 20.90 14.70
N LYS B 82 53.04 21.77 15.23
CA LYS B 82 53.51 22.79 16.14
C LYS B 82 53.96 22.21 17.49
N PHE B 83 53.57 20.96 17.78
CA PHE B 83 53.92 20.30 19.03
C PHE B 83 54.96 19.19 18.88
N LYS B 84 55.55 19.03 17.71
CA LYS B 84 56.56 17.98 17.56
C LYS B 84 57.79 18.34 18.37
N GLY B 85 58.41 17.34 18.98
CA GLY B 85 59.58 17.60 19.79
C GLY B 85 59.26 17.97 21.23
N LYS B 86 58.39 18.97 21.41
CA LYS B 86 57.98 19.39 22.75
C LYS B 86 57.18 18.31 23.47
N ALA B 87 56.26 17.65 22.78
CA ALA B 87 55.41 16.63 23.40
C ALA B 87 55.73 15.24 22.90
N THR B 88 55.69 14.28 23.83
CA THR B 88 55.79 12.85 23.54
C THR B 88 54.64 12.12 24.21
N CYS B 89 53.95 11.27 23.45
CA CYS B 89 52.85 10.48 24.01
C CYS B 89 53.26 9.02 24.13
N SER B 90 52.79 8.37 25.20
CA SER B 90 53.08 6.96 25.45
C SER B 90 51.95 6.38 26.27
N ALA B 91 51.94 5.06 26.42
CA ALA B 91 50.91 4.44 27.25
C ALA B 91 51.41 3.14 27.84
N ASP B 92 50.86 2.82 29.00
CA ASP B 92 51.10 1.57 29.73
C ASP B 92 49.84 0.74 29.63
N THR B 93 49.85 -0.25 28.73
CA THR B 93 48.66 -1.05 28.50
C THR B 93 48.33 -1.94 29.69
N SER B 94 49.37 -2.40 30.40
CA SER B 94 49.12 -3.27 31.55
C SER B 94 48.39 -2.51 32.65
N SER B 95 48.73 -1.23 32.83
CA SER B 95 48.11 -0.41 33.85
C SER B 95 46.91 0.36 33.31
N ASN B 96 46.67 0.27 32.00
CA ASN B 96 45.52 0.95 31.36
C ASN B 96 45.50 2.44 31.74
N THR B 97 46.62 3.15 31.55
CA THR B 97 46.67 4.61 31.81
C THR B 97 47.44 5.28 30.67
N ALA B 98 47.19 6.57 30.39
CA ALA B 98 47.86 7.17 29.20
C ALA B 98 48.82 8.27 29.64
N TYR B 99 50.07 8.27 29.15
CA TYR B 99 50.92 9.33 29.66
C TYR B 99 51.26 10.28 28.52
N MET B 100 51.45 11.54 28.91
CA MET B 100 51.96 12.58 28.03
C MET B 100 53.07 13.37 28.67
N LYS B 101 54.20 13.51 27.99
CA LYS B 101 55.32 14.29 28.50
C LYS B 101 55.43 15.59 27.70
N LEU B 102 55.55 16.70 28.42
CA LEU B 102 55.73 18.03 27.84
C LEU B 102 57.08 18.54 28.27
N SER B 103 57.95 18.82 27.30
CA SER B 103 59.29 19.29 27.57
C SER B 103 59.39 20.81 27.52
N SER B 104 60.32 21.34 28.33
CA SER B 104 60.68 22.76 28.32
C SER B 104 59.47 23.69 28.40
N LEU B 105 58.63 23.47 29.40
CA LEU B 105 57.40 24.26 29.51
C LEU B 105 57.77 25.73 29.78
N THR B 106 57.02 26.64 29.17
CA THR B 106 57.18 28.06 29.41
C THR B 106 55.87 28.68 29.87
N THR B 107 55.91 30.00 30.12
CA THR B 107 54.73 30.72 30.58
C THR B 107 53.57 30.57 29.61
N GLU B 108 53.87 30.58 28.31
CA GLU B 108 52.83 30.51 27.29
C GLU B 108 52.30 29.10 27.08
N ASP B 109 52.82 28.12 27.81
CA ASP B 109 52.33 26.75 27.73
C ASP B 109 51.33 26.39 28.82
N SER B 110 50.95 27.34 29.67
CA SER B 110 49.94 27.04 30.69
C SER B 110 48.61 26.78 30.00
N ALA B 111 47.98 25.66 30.35
CA ALA B 111 46.75 25.27 29.67
C ALA B 111 46.08 24.14 30.43
N ILE B 112 44.84 23.84 30.07
CA ILE B 112 44.19 22.64 30.55
C ILE B 112 44.38 21.61 29.45
N TYR B 113 44.96 20.47 29.80
CA TYR B 113 45.24 19.43 28.83
C TYR B 113 44.25 18.29 29.03
N TYR B 114 43.49 17.97 27.99
CA TYR B 114 42.50 16.92 28.09
C TYR B 114 42.98 15.71 27.31
N CYS B 115 42.53 14.56 27.84
CA CYS B 115 42.81 13.28 27.18
C CYS B 115 41.44 12.78 26.74
N ALA B 116 41.34 12.17 25.57
CA ALA B 116 40.03 11.64 25.26
C ALA B 116 40.18 10.35 24.50
N ARG B 117 39.17 9.51 24.61
CA ARG B 117 39.14 8.26 23.86
C ARG B 117 38.50 8.60 22.53
N LYS B 118 39.22 8.31 21.46
CA LYS B 118 38.74 8.56 20.12
C LYS B 118 38.58 7.27 19.34
N SER B 119 37.33 7.06 18.91
CA SER B 119 37.00 5.90 18.05
C SER B 119 36.98 6.44 16.64
N PRO B 120 36.77 5.65 15.57
CA PRO B 120 36.83 6.21 14.23
C PRO B 120 35.98 7.48 14.09
N TYR B 121 34.98 7.67 14.93
CA TYR B 121 34.09 8.84 14.71
C TYR B 121 33.89 9.60 16.02
N ALA B 122 34.65 10.67 16.24
CA ALA B 122 34.45 11.55 17.41
C ALA B 122 35.29 11.17 18.63
N MET B 123 36.04 12.12 19.17
CA MET B 123 36.75 11.91 20.43
C MET B 123 35.83 11.79 21.64
N GLU B 124 35.16 10.66 21.77
CA GLU B 124 34.15 10.63 22.85
C GLU B 124 34.77 10.69 24.25
N TYR B 125 33.95 10.52 25.25
CA TYR B 125 34.26 10.49 26.69
C TYR B 125 35.50 11.27 27.11
N TRP B 126 35.45 12.59 27.00
CA TRP B 126 36.60 13.39 27.41
C TRP B 126 36.80 13.30 28.92
N GLY B 127 38.07 13.36 29.35
CA GLY B 127 38.37 13.40 30.77
C GLY B 127 38.18 14.80 31.30
N GLN B 128 38.45 14.99 32.60
CA GLN B 128 38.22 16.33 33.13
C GLN B 128 39.33 17.30 32.78
N GLY B 129 40.51 16.82 32.40
CA GLY B 129 41.56 17.77 32.09
C GLY B 129 42.47 18.07 33.28
N THR B 130 43.73 18.32 32.98
CA THR B 130 44.71 18.69 34.01
C THR B 130 45.13 20.12 33.77
N SER B 131 45.09 20.95 34.81
CA SER B 131 45.47 22.35 34.69
C SER B 131 46.98 22.47 34.94
N VAL B 132 47.73 22.85 33.92
CA VAL B 132 49.17 22.96 34.01
C VAL B 132 49.52 24.44 33.96
N THR B 133 50.06 24.95 35.07
CA THR B 133 50.38 26.36 35.22
C THR B 133 51.90 26.46 35.36
N VAL B 134 52.52 27.31 34.55
CA VAL B 134 53.96 27.51 34.59
C VAL B 134 54.25 28.95 34.95
N SER B 135 55.02 29.14 36.02
CA SER B 135 55.39 30.46 36.51
C SER B 135 56.63 30.33 37.36
N SER B 136 57.32 31.45 37.54
CA SER B 136 58.52 31.49 38.38
C SER B 136 58.16 31.26 39.85
N ILE C 21 44.08 22.27 7.40
CA ILE C 21 42.69 22.66 7.26
C ILE C 21 42.26 23.57 8.40
N GLN C 22 41.84 24.79 8.06
CA GLN C 22 41.38 25.74 9.05
C GLN C 22 39.88 25.61 9.19
N MET C 23 39.37 25.77 10.41
CA MET C 23 37.92 25.74 10.62
C MET C 23 37.49 27.06 11.23
N THR C 24 36.41 27.63 10.70
CA THR C 24 35.82 28.87 11.18
C THR C 24 34.37 28.62 11.57
N GLN C 25 33.95 29.11 12.72
CA GLN C 25 32.56 28.93 13.11
C GLN C 25 32.01 30.26 13.62
N SER C 26 30.70 30.41 13.51
CA SER C 26 30.08 31.66 13.92
C SER C 26 28.59 31.41 14.17
N PRO C 27 27.92 32.34 14.89
CA PRO C 27 28.47 33.52 15.59
C PRO C 27 29.41 33.12 16.72
N ALA C 28 30.37 33.98 17.10
CA ALA C 28 31.26 33.64 18.21
C ALA C 28 30.49 33.56 19.51
N SER C 29 29.45 34.36 19.66
CA SER C 29 28.63 34.37 20.87
C SER C 29 27.24 34.78 20.45
N LEU C 30 26.22 34.05 20.93
CA LEU C 30 24.84 34.34 20.59
C LEU C 30 24.04 34.62 21.84
N SER C 31 23.21 35.67 21.79
CA SER C 31 22.28 35.97 22.85
C SER C 31 20.93 35.41 22.42
N VAL C 32 20.47 34.38 23.15
CA VAL C 32 19.28 33.65 22.74
C VAL C 32 18.29 33.56 23.89
N SER C 33 17.03 33.34 23.53
CA SER C 33 15.94 33.19 24.47
C SER C 33 15.78 31.71 24.81
N VAL C 34 15.24 31.44 26.00
CA VAL C 34 14.95 30.06 26.35
C VAL C 34 13.72 29.61 25.57
N GLY C 35 13.82 28.46 24.92
CA GLY C 35 12.75 27.96 24.08
C GLY C 35 12.92 28.27 22.62
N GLU C 36 13.88 29.12 22.28
CA GLU C 36 14.15 29.49 20.88
C GLU C 36 15.03 28.44 20.22
N THR C 37 14.78 28.23 18.93
CA THR C 37 15.63 27.36 18.11
C THR C 37 16.71 28.22 17.46
N VAL C 38 17.97 27.79 17.61
CA VAL C 38 19.09 28.57 17.10
C VAL C 38 19.96 27.70 16.18
N THR C 39 20.74 28.37 15.33
CA THR C 39 21.66 27.68 14.43
C THR C 39 23.08 28.22 14.59
N ILE C 40 24.04 27.30 14.69
CA ILE C 40 25.47 27.59 14.75
C ILE C 40 26.11 27.06 13.47
N THR C 41 26.90 27.89 12.78
CA THR C 41 27.50 27.37 11.55
C THR C 41 29.00 27.20 11.70
N CYS C 42 29.54 26.34 10.82
CA CYS C 42 30.96 25.99 10.76
C CYS C 42 31.35 25.73 9.31
N ARG C 43 32.48 26.33 8.90
CA ARG C 43 33.03 26.24 7.56
C ARG C 43 34.47 25.77 7.60
N ALA C 44 34.81 24.85 6.71
CA ALA C 44 36.14 24.30 6.56
C ALA C 44 36.88 25.03 5.44
N SER C 45 38.20 25.15 5.60
CA SER C 45 39.04 25.72 4.55
C SER C 45 39.29 24.74 3.42
N GLU C 46 38.90 23.49 3.60
CA GLU C 46 39.11 22.41 2.63
C GLU C 46 37.87 21.55 2.69
N ASN C 47 37.62 20.81 1.62
CA ASN C 47 36.46 19.92 1.62
C ASN C 47 36.64 18.76 2.58
N ILE C 48 35.76 18.69 3.57
CA ILE C 48 35.79 17.66 4.61
C ILE C 48 34.57 16.79 4.29
N TYR C 49 34.82 15.52 4.01
CA TYR C 49 33.76 14.56 3.74
C TYR C 49 32.96 14.12 4.96
N SER C 50 32.13 15.03 5.47
CA SER C 50 31.22 14.82 6.59
C SER C 50 31.89 14.43 7.90
N ASN C 51 33.21 14.36 7.95
CA ASN C 51 33.88 13.92 9.17
C ASN C 51 34.04 15.12 10.10
N LEU C 52 32.89 15.68 10.49
CA LEU C 52 32.82 16.84 11.35
C LEU C 52 32.05 16.50 12.62
N ALA C 53 32.71 16.60 13.77
CA ALA C 53 32.09 16.30 15.04
C ALA C 53 31.80 17.62 15.73
N TRP C 54 30.78 17.62 16.60
CA TRP C 54 30.46 18.77 17.43
C TRP C 54 30.59 18.39 18.90
N LEU C 55 31.19 19.28 19.67
CA LEU C 55 31.40 19.11 21.09
C LEU C 55 30.59 20.18 21.82
N HIS C 56 30.19 19.85 23.05
CA HIS C 56 29.50 20.79 23.92
C HIS C 56 30.19 20.86 25.26
N GLN C 57 30.75 22.02 25.57
CA GLN C 57 31.46 22.25 26.82
C GLN C 57 30.60 23.13 27.72
N LYS C 58 29.98 22.52 28.72
CA LYS C 58 29.16 23.26 29.66
C LYS C 58 30.14 24.00 30.56
N GLN C 59 29.78 25.20 31.01
CA GLN C 59 30.75 25.92 31.81
C GLN C 59 31.07 25.11 33.06
N GLY C 60 32.37 24.91 33.29
CA GLY C 60 32.87 24.17 34.43
C GLY C 60 33.12 22.70 34.16
N LYS C 61 32.71 22.21 32.98
CA LYS C 61 32.86 20.83 32.58
C LYS C 61 33.78 20.69 31.38
N SER C 62 34.24 19.46 31.15
CA SER C 62 35.01 19.17 29.95
C SER C 62 34.06 19.09 28.76
N PRO C 63 34.55 19.33 27.55
CA PRO C 63 33.68 19.16 26.37
C PRO C 63 33.16 17.74 26.22
N GLN C 64 31.88 17.62 25.89
CA GLN C 64 31.23 16.35 25.61
C GLN C 64 30.85 16.30 24.15
N LEU C 65 30.77 15.08 23.60
CA LEU C 65 30.38 14.93 22.17
C LEU C 65 28.86 14.93 22.06
N LEU C 66 28.29 15.76 21.18
CA LEU C 66 26.86 15.68 20.96
C LEU C 66 26.51 14.96 19.67
N VAL C 67 27.13 15.36 18.57
CA VAL C 67 26.85 14.84 17.24
C VAL C 67 28.16 14.43 16.58
N TYR C 68 28.21 13.20 16.08
CA TYR C 68 29.43 12.68 15.43
C TYR C 68 29.08 12.29 14.01
N GLY C 69 30.04 12.42 13.10
CA GLY C 69 29.78 12.12 11.71
C GLY C 69 28.77 13.06 11.07
N ALA C 70 28.96 14.37 11.28
CA ALA C 70 28.10 15.41 10.74
C ALA C 70 26.68 15.42 11.31
N THR C 71 25.94 14.32 11.18
CA THR C 71 24.53 14.30 11.58
C THR C 71 24.18 13.31 12.70
N ASN C 72 25.01 12.30 12.93
CA ASN C 72 24.67 11.26 13.94
C ASN C 72 24.89 11.77 15.37
N LEU C 73 23.86 11.76 16.22
CA LEU C 73 23.99 12.17 17.61
C LEU C 73 24.59 11.09 18.48
N ALA C 74 25.30 11.53 19.53
CA ALA C 74 25.82 10.62 20.53
C ALA C 74 24.74 10.23 21.51
N ASP C 75 24.92 9.04 22.12
CA ASP C 75 23.90 8.52 23.05
C ASP C 75 23.89 9.39 24.32
N GLY C 76 22.70 9.73 24.80
CA GLY C 76 22.52 10.58 25.96
C GLY C 76 22.20 12.01 25.62
N VAL C 77 22.33 12.39 24.35
CA VAL C 77 22.06 13.73 23.86
C VAL C 77 20.58 13.83 23.45
N PRO C 78 19.84 14.80 23.97
CA PRO C 78 18.41 14.87 23.65
C PRO C 78 18.18 15.18 22.19
N SER C 79 17.03 14.71 21.69
CA SER C 79 16.66 14.83 20.29
C SER C 79 16.52 16.28 19.82
N ARG C 80 16.54 17.25 20.73
CA ARG C 80 16.44 18.65 20.31
C ARG C 80 17.66 19.09 19.50
N PHE C 81 18.81 18.43 19.66
CA PHE C 81 19.98 18.79 18.87
C PHE C 81 19.91 18.05 17.54
N SER C 82 20.22 18.75 16.46
CA SER C 82 20.25 18.13 15.13
C SER C 82 21.39 18.71 14.30
N GLY C 83 22.30 17.85 13.84
CA GLY C 83 23.39 18.33 13.04
C GLY C 83 22.99 18.32 11.57
N SER C 84 23.65 19.15 10.77
CA SER C 84 23.41 19.15 9.34
C SER C 84 24.63 19.73 8.64
N GLY C 85 24.66 19.57 7.32
CA GLY C 85 25.72 20.15 6.53
C GLY C 85 26.43 19.17 5.63
N SER C 86 27.17 19.69 4.66
CA SER C 86 27.90 18.86 3.72
C SER C 86 29.00 19.70 3.09
N GLY C 87 29.93 19.01 2.44
CA GLY C 87 30.95 19.73 1.72
C GLY C 87 31.79 20.50 2.73
N THR C 88 31.72 21.83 2.63
CA THR C 88 32.45 22.71 3.52
C THR C 88 31.55 23.46 4.48
N GLN C 89 30.22 23.42 4.29
CA GLN C 89 29.27 24.22 5.05
C GLN C 89 28.41 23.32 5.92
N TYR C 90 28.56 23.44 7.24
CA TYR C 90 27.88 22.62 8.22
C TYR C 90 27.23 23.52 9.27
N SER C 91 26.21 23.00 9.94
CA SER C 91 25.58 23.75 11.02
C SER C 91 24.97 22.79 12.03
N LEU C 92 24.68 23.34 13.20
CA LEU C 92 24.01 22.65 14.29
C LEU C 92 22.75 23.43 14.65
N LYS C 93 21.60 22.76 14.57
CA LYS C 93 20.31 23.33 14.89
C LYS C 93 19.87 22.84 16.26
N ILE C 94 19.53 23.77 17.15
CA ILE C 94 19.12 23.41 18.50
C ILE C 94 17.67 23.84 18.67
N ASN C 95 16.76 22.87 18.73
CA ASN C 95 15.34 23.17 18.84
C ASN C 95 14.98 23.43 20.29
N SER C 96 14.10 24.40 20.52
CA SER C 96 13.54 24.70 21.83
C SER C 96 14.61 24.68 22.91
N LEU C 97 15.60 25.55 22.73
CA LEU C 97 16.77 25.59 23.61
C LEU C 97 16.35 25.65 25.08
N GLN C 98 16.94 24.79 25.90
CA GLN C 98 16.65 24.76 27.33
C GLN C 98 17.80 25.36 28.13
N SER C 99 17.58 25.49 29.44
CA SER C 99 18.59 26.07 30.32
C SER C 99 19.89 25.27 30.34
N GLU C 100 19.80 23.95 30.24
CA GLU C 100 20.98 23.10 30.29
C GLU C 100 21.83 23.16 29.03
N ASP C 101 21.36 23.81 27.97
CA ASP C 101 22.05 23.86 26.69
C ASP C 101 22.94 25.08 26.52
N PHE C 102 23.09 25.92 27.54
CA PHE C 102 23.94 27.09 27.43
C PHE C 102 25.40 26.69 27.62
N GLY C 103 26.31 27.47 27.01
CA GLY C 103 27.71 27.09 27.12
C GLY C 103 28.41 27.20 25.78
N THR C 104 29.58 26.58 25.62
CA THR C 104 30.34 26.71 24.38
C THR C 104 30.33 25.44 23.53
N TYR C 105 29.99 25.61 22.25
CA TYR C 105 29.95 24.53 21.27
C TYR C 105 31.16 24.65 20.34
N TYR C 106 31.75 23.50 19.98
CA TYR C 106 32.88 23.47 19.06
C TYR C 106 32.65 22.51 17.92
N CYS C 107 33.18 22.85 16.75
CA CYS C 107 33.22 21.95 15.60
C CYS C 107 34.66 21.50 15.40
N GLN C 108 34.85 20.24 15.00
CA GLN C 108 36.18 19.73 14.70
C GLN C 108 36.12 18.76 13.53
N GLN C 109 37.20 18.72 12.75
CA GLN C 109 37.27 17.84 11.60
C GLN C 109 38.30 16.74 11.81
N PHE C 110 37.98 15.55 11.31
CA PHE C 110 38.87 14.40 11.37
C PHE C 110 39.26 13.97 9.97
N TRP C 111 39.08 14.89 9.02
CA TRP C 111 39.42 14.61 7.61
C TRP C 111 40.83 15.15 7.38
N GLY C 112 41.35 15.87 8.37
CA GLY C 112 42.72 16.42 8.28
C GLY C 112 43.55 15.97 9.45
N SER C 113 44.88 15.92 9.30
CA SER C 113 45.76 15.42 10.39
C SER C 113 45.63 16.29 11.64
N PRO C 114 45.62 17.63 11.57
CA PRO C 114 45.60 18.45 12.80
C PRO C 114 44.26 18.44 13.54
N TYR C 115 43.36 17.50 13.20
CA TYR C 115 42.02 17.45 13.84
C TYR C 115 41.71 18.82 14.41
N THR C 116 41.89 19.85 13.61
CA THR C 116 41.67 21.23 14.04
C THR C 116 40.25 21.43 14.57
N PHE C 117 40.12 22.48 15.35
CA PHE C 117 38.89 22.89 16.00
C PHE C 117 38.50 24.29 15.53
N GLY C 118 37.20 24.58 15.62
CA GLY C 118 36.76 25.93 15.37
C GLY C 118 37.04 26.78 16.58
N GLY C 119 36.72 28.05 16.50
CA GLY C 119 37.06 28.86 17.65
C GLY C 119 36.10 28.76 18.79
N GLY C 120 34.98 28.09 18.58
CA GLY C 120 33.94 27.93 19.59
C GLY C 120 32.89 29.02 19.50
N THR C 121 31.69 28.68 19.93
CA THR C 121 30.60 29.62 20.00
C THR C 121 29.96 29.53 21.38
N LYS C 122 29.63 30.66 21.99
CA LYS C 122 29.02 30.61 23.29
C LYS C 122 27.55 31.01 23.23
N LEU C 123 26.72 30.29 23.98
CA LEU C 123 25.32 30.63 24.19
C LEU C 123 25.20 31.15 25.61
N GLU C 124 24.68 32.37 25.72
CA GLU C 124 24.41 33.12 26.94
C GLU C 124 22.92 33.42 27.07
N ILE C 125 22.46 33.54 28.31
CA ILE C 125 21.06 33.83 28.58
C ILE C 125 20.76 35.29 28.25
N LYS C 126 19.72 35.50 27.44
CA LYS C 126 19.27 36.82 27.04
C LYS C 126 18.53 37.53 28.17
C2 BGC D . 29.68 3.91 18.81
C3 BGC D . 28.87 4.92 19.59
C4 BGC D . 29.65 6.21 19.73
C5 BGC D . 29.99 6.72 18.35
C6 BGC D . 30.79 8.00 18.38
C1 BGC D . 30.17 4.47 17.49
O2 BGC D . 28.90 2.74 18.57
O3 BGC D . 28.56 4.39 20.87
O4 BGC D . 28.88 7.18 20.42
O5 BGC D . 30.81 5.74 17.69
O6 BGC D . 32.05 7.77 19.01
C2 BGC E . 35.35 -8.45 25.10
C3 BGC E . 35.38 -8.42 26.68
C4 BGC E . 34.35 -9.50 27.19
C5 BGC E . 34.75 -10.87 26.60
C6 BGC E . 33.83 -12.03 27.14
C1 BGC E . 35.64 -9.93 24.66
O2 BGC E . 36.42 -7.65 24.74
O3 BGC E . 34.83 -7.21 27.01
O4 BGC E . 34.51 -9.49 28.56
O5 BGC E . 34.76 -10.82 25.24
O6 BGC E . 34.53 -12.68 28.15
C2 BGC F . 13.35 10.39 15.89
C3 BGC F . 13.07 10.36 17.44
C4 BGC F . 12.26 11.66 17.79
C5 BGC F . 10.96 11.69 16.93
C6 BGC F . 10.05 12.93 17.28
C1 BGC F . 11.96 10.51 15.18
O2 BGC F . 13.89 9.13 15.62
O3 BGC F . 14.30 10.50 18.02
O4 BGC F . 11.96 11.53 19.14
O5 BGC F . 11.28 11.62 15.61
O6 BGC F . 8.89 12.45 17.87
C2 BGC G . -0.02 3.34 22.70
C3 BGC G . -0.60 4.82 22.70
C4 BGC G . 0.64 5.79 22.61
C5 BGC G . 1.47 5.44 21.35
C6 BGC G . 2.68 6.42 21.15
C1 BGC G . 0.84 3.21 21.41
O2 BGC G . -1.15 2.55 22.57
O3 BGC G . -1.13 4.99 23.95
O4 BGC G . 0.06 7.04 22.49
O5 BGC G . 1.84 4.14 21.37
O6 BGC G . 2.52 7.05 19.93
C2 BGC H . -3.07 -8.77 23.00
C3 BGC H . -4.36 -8.50 23.91
C4 BGC H . -3.89 -7.66 25.16
C5 BGC H . -3.22 -6.36 24.65
C6 BGC H . -2.88 -5.36 25.80
C1 BGC H . -2.40 -7.38 22.72
O2 BGC H . -3.60 -9.25 21.82
O3 BGC H . -4.70 -9.74 24.38
O4 BGC H . -5.09 -7.37 25.83
O5 BGC H . -2.14 -6.70 23.89
O6 BGC H . -3.47 -4.14 25.50
C2 BGC I . -1.45 -3.29 -2.34
C3 BGC I . -0.83 -4.31 -3.40
C4 BGC I . 0.67 -3.89 -3.63
C5 BGC I . 1.41 -3.89 -2.27
C6 BGC I . 2.93 -3.57 -2.43
C1 BGC I . -0.52 -3.35 -1.08
O2 BGC I . -2.67 -3.85 -2.03
O3 BGC I . -1.50 -4.04 -4.57
O4 BGC I . 1.16 -4.90 -4.47
O5 BGC I . 0.78 -3.06 -1.41
O6 BGC I . 3.59 -4.00 -1.28
C2 BGC J . -11.40 6.34 17.69
C3 BGC J . -12.40 5.56 18.66
C4 BGC J . -13.85 5.75 18.10
C5 BGC J . -13.88 5.18 16.66
C6 BGC J . -15.32 5.09 16.07
C1 BGC J . -11.68 5.84 16.23
O2 BGC J . -10.16 5.90 18.09
O3 BGC J . -12.36 6.27 19.84
O4 BGC J . -14.65 4.99 18.94
O5 BGC J . -13.02 5.90 15.90
O6 BGC J . -15.32 4.12 15.08
C2 BGC K . -12.31 13.77 9.11
C3 BGC K . -12.71 15.04 8.25
C4 BGC K . -11.38 15.82 7.95
C5 BGC K . -10.39 14.88 7.22
C6 BGC K . -9.05 15.61 6.84
C1 BGC K . -11.28 12.97 8.25
O2 BGC K . -13.49 13.04 9.19
O3 BGC K . -13.43 15.83 9.12
O4 BGC K . -11.80 16.85 7.10
O5 BGC K . -10.18 13.75 7.95
O6 BGC K . -9.31 16.44 5.76
C2 BGC L . -10.62 9.29 -7.43
C3 BGC L . -10.38 10.29 -8.62
C4 BGC L . -9.81 9.43 -9.79
C5 BGC L . -10.86 8.34 -10.15
C6 BGC L . -10.44 7.51 -11.42
C1 BGC L . -11.61 8.17 -7.92
O2 BGC L . -11.27 10.05 -6.47
O3 BGC L . -9.34 11.08 -8.20
O4 BGC L . -9.66 10.35 -10.83
O5 BGC L . -11.13 7.55 -9.07
O6 BGC L . -11.50 7.52 -12.31
C2 BGC M . -24.64 -13.18 6.05
C3 BGC M . -25.74 -13.42 7.16
C4 BGC M . -25.14 -12.91 8.52
C5 BGC M . -24.67 -11.44 8.39
C6 BGC M . -24.02 -10.90 9.71
C1 BGC M . -24.34 -11.67 6.08
O2 BGC M . -25.29 -13.51 4.87
O3 BGC M . -25.84 -14.78 7.29
O4 BGC M . -26.20 -12.99 9.42
O5 BGC M . -23.85 -11.28 7.32
O6 BGC M . -24.92 -10.03 10.31
C2 BGC N . -14.70 8.45 -11.84
C3 BGC N . -14.52 8.73 -13.39
C4 BGC N . -15.09 7.48 -14.17
C5 BGC N . -16.54 7.23 -13.74
C6 BGC N . -17.23 6.06 -14.53
C1 BGC N . -16.20 8.12 -11.60
O2 BGC N . -14.41 9.67 -11.25
O3 BGC N . -13.16 8.73 -13.60
O4 BGC N . -15.03 7.89 -15.51
O5 BGC N . -16.61 7.05 -12.39
O6 BGC N . -18.59 6.19 -14.40
C2 BGC O . -18.57 11.20 -13.05
C3 BGC O . -17.62 12.18 -13.84
C4 BGC O . -17.91 13.63 -13.32
C5 BGC O . -17.72 13.68 -11.78
C6 BGC O . -18.01 15.10 -11.19
C1 BGC O . -18.23 11.40 -11.55
O2 BGC O . -18.18 9.95 -13.46
O3 BGC O . -18.08 12.12 -15.14
O4 BGC O . -16.95 14.41 -13.96
O5 BGC O . -18.45 12.71 -11.16
O6 BGC O . -18.93 14.97 -10.15
C2 BGC P . -26.75 14.90 -14.21
C3 BGC P . -26.05 16.23 -14.72
C4 BGC P . -25.16 15.86 -15.97
C5 BGC P . -26.05 15.18 -17.03
C6 BGC P . -25.29 14.94 -18.38
C1 BGC P . -27.43 14.20 -15.44
O2 BGC P . -27.73 15.37 -13.36
O3 BGC P . -25.18 16.57 -13.72
O4 BGC P . -24.71 17.09 -16.43
O5 BGC P . -26.57 14.05 -16.50
O6 BGC P . -26.25 14.81 -19.38
C2 BGC Q . -8.47 -8.31 20.70
C3 BGC Q . -9.24 -7.84 22.02
C4 BGC Q . -8.18 -7.26 23.03
C5 BGC Q . -7.42 -6.13 22.32
C6 BGC Q . -6.49 -5.31 23.27
C1 BGC Q . -7.54 -7.13 20.23
O2 BGC Q . -9.49 -8.49 19.78
O3 BGC Q . -9.71 -9.00 22.59
O4 BGC Q . -8.95 -6.76 24.08
O5 BGC Q . -6.76 -6.65 21.26
O6 BGC Q . -6.60 -3.97 22.92
C2 BGC R . -42.59 -4.58 0.05
C3 BGC R . -43.86 -5.50 0.29
C4 BGC R . -44.49 -5.11 1.69
C5 BGC R . -44.82 -3.59 1.67
C6 BGC R . -45.55 -3.11 2.97
C1 BGC R . -43.09 -3.10 0.19
O2 BGC R . -42.28 -4.82 -1.28
O3 BGC R . -43.32 -6.76 0.46
O4 BGC R . -45.65 -5.86 1.75
O5 BGC R . -43.69 -2.89 1.41
O6 BGC R . -46.03 -1.83 2.75
C2 BGC S . -44.20 14.91 -28.01
C3 BGC S . -43.09 15.94 -28.50
C4 BGC S . -43.29 17.26 -27.64
C5 BGC S . -43.16 16.90 -26.13
C6 BGC S . -43.24 18.17 -25.22
C1 BGC S . -43.99 14.73 -26.46
O2 BGC S . -43.86 13.73 -28.65
O3 BGC S . -43.46 16.26 -29.77
O4 BGC S . -42.23 18.07 -28.05
O5 BGC S . -44.06 15.94 -25.80
O6 BGC S . -42.81 17.80 -23.95
C2 BGC T . -57.06 17.55 -34.74
C3 BGC T . -55.91 18.63 -35.00
C4 BGC T . -55.86 19.59 -33.76
C5 BGC T . -55.64 18.75 -32.48
C6 BGC T . -55.46 19.64 -31.20
C1 BGC T . -56.76 16.88 -33.35
O2 BGC T . -56.86 16.61 -35.74
O3 BGC T . -56.38 19.38 -36.06
O4 BGC T . -54.77 20.42 -34.01
O5 BGC T . -56.64 17.84 -32.35
O6 BGC T . -54.65 20.71 -31.53
C2 BGC U . -60.96 7.17 -45.18
C3 BGC U . -60.39 7.03 -46.66
C4 BGC U . -59.09 6.13 -46.58
C5 BGC U . -59.47 4.76 -45.94
C6 BGC U . -58.26 3.76 -45.89
C1 BGC U . -61.19 5.71 -44.66
O2 BGC U . -62.18 7.79 -45.36
O3 BGC U . -59.94 8.30 -46.97
O4 BGC U . -58.72 5.97 -47.91
O5 BGC U . -60.03 4.96 -44.71
O6 BGC U . -58.74 2.49 -46.17
C2 BGC V . -14.25 -13.04 -8.46
C3 BGC V . -14.46 -12.53 -9.95
C4 BGC V . -14.98 -11.05 -9.85
C5 BGC V . -13.89 -10.21 -9.13
C6 BGC V . -14.29 -8.69 -9.10
C1 BGC V . -13.26 -12.04 -7.75
O2 BGC V . -13.61 -14.27 -8.61
O3 BGC V . -15.51 -13.28 -10.42
O4 BGC V . -15.12 -10.66 -11.18
O5 BGC V . -13.63 -10.70 -7.89
O6 BGC V . -15.64 -8.62 -8.83
C2 BGC W . -30.69 0.91 11.68
C3 BGC W . -31.96 0.07 12.13
C4 BGC W . -32.97 1.09 12.78
C5 BGC W . -33.32 2.20 11.76
C6 BGC W . -34.38 3.21 12.29
C1 BGC W . -31.21 2.04 10.73
O2 BGC W . -29.95 0.01 10.96
O3 BGC W . -31.50 -0.72 13.15
O4 BGC W . -34.09 0.30 13.07
O5 BGC W . -32.18 2.82 11.34
O6 BGC W . -33.78 4.46 12.33
C2 BGC X . -29.67 14.28 -0.78
C3 BGC X . -29.80 15.85 -0.72
C4 BGC X . -28.44 16.42 -0.15
C5 BGC X . -27.28 15.94 -1.06
C6 BGC X . -25.88 16.47 -0.58
C1 BGC X . -28.43 13.99 -1.68
O2 BGC X . -30.82 13.89 -1.45
O3 BGC X . -30.76 16.08 0.25
O4 BGC X . -28.59 17.80 -0.23
O5 BGC X . -27.29 14.57 -1.16
O6 BGC X . -25.48 17.47 -1.47
C2 BGC Y . -51.52 15.24 -32.85
C3 BGC Y . -52.44 16.24 -33.65
C4 BGC Y . -52.73 15.53 -35.03
C5 BGC Y . -53.45 14.18 -34.75
C6 BGC Y . -53.80 13.43 -36.09
C1 BGC Y . -52.38 13.93 -32.65
O2 BGC Y . -51.32 15.88 -31.64
O3 BGC Y . -51.65 17.33 -33.93
O4 BGC Y . -53.56 16.42 -35.70
O5 BGC Y . -52.74 13.40 -33.89
O6 BGC Y . -53.10 14.03 -37.12
C2 BGC Z . -65.53 16.79 -19.84
C3 BGC Z . -65.81 18.34 -19.70
C4 BGC Z . -64.69 19.11 -20.51
C5 BGC Z . -64.70 18.60 -21.99
C6 BGC Z . -63.63 19.32 -22.88
C1 BGC Z . -65.52 16.49 -21.38
O2 BGC Z . -66.64 16.20 -19.26
O3 BGC Z . -65.58 18.62 -18.37
O4 BGC Z . -65.08 20.44 -20.45
O5 BGC Z . -64.57 17.25 -22.02
O6 BGC Z . -63.30 18.47 -23.92
C2 BGC AA . -59.23 18.82 -37.72
C3 BGC AA . -59.84 20.11 -38.40
C4 BGC AA . -59.98 19.81 -39.96
C5 BGC AA . -60.86 18.54 -40.13
C6 BGC AA . -61.16 18.23 -41.64
C1 BGC AA . -60.15 17.61 -38.11
O2 BGC AA . -59.37 19.06 -36.37
O3 BGC AA . -58.86 21.06 -38.30
O4 BGC AA . -60.62 20.94 -40.46
O5 BGC AA . -60.30 17.50 -39.48
O6 BGC AA . -62.07 17.19 -41.69
C2 BGC BA . -62.99 20.56 -36.21
C3 BGC BA . -63.33 22.02 -36.75
C4 BGC BA . -63.13 21.99 -38.32
C5 BGC BA . -64.02 20.87 -38.93
C6 BGC BA . -63.95 20.85 -40.49
C1 BGC BA . -63.88 19.55 -37.00
O2 BGC BA . -63.41 20.59 -34.89
O3 BGC BA . -62.34 22.82 -36.24
O4 BGC BA . -63.56 23.26 -38.72
O5 BGC BA . -63.70 19.68 -38.36
O6 BGC BA . -65.05 20.12 -40.95
C2 BGC CA . -65.41 -8.18 -27.30
C3 BGC CA . -66.66 -8.94 -26.68
C4 BGC CA . -66.44 -9.02 -25.12
C5 BGC CA . -66.26 -7.59 -24.55
C6 BGC CA . -66.06 -7.59 -22.99
C1 BGC CA . -65.35 -6.79 -26.57
O2 BGC CA . -65.76 -7.99 -28.62
O3 BGC CA . -66.55 -10.23 -27.15
O4 BGC CA . -67.61 -9.60 -24.64
O5 BGC CA . -65.24 -6.94 -25.21
O6 BGC CA . -67.06 -6.81 -22.44
C2 BGC DA . -2.98 -18.27 14.88
C3 BGC DA . -3.57 -19.66 14.70
C4 BGC DA . -5.05 -19.67 15.06
C5 BGC DA . -5.77 -18.56 14.31
C6 BGC DA . -7.25 -18.50 14.59
C1 BGC DA . -3.85 -17.17 14.30
O2 BGC DA . -1.67 -18.20 14.30
O3 BGC DA . -2.86 -20.59 15.51
O4 BGC DA . -5.62 -20.93 14.70
O5 BGC DA . -5.21 -17.31 14.72
O6 BGC DA . -7.88 -17.45 13.85
C2 BGC EA . -5.22 -17.33 10.82
C3 BGC EA . -5.52 -18.81 10.66
C4 BGC EA . -6.94 -19.13 11.12
C5 BGC EA . -7.93 -18.20 10.43
C6 BGC EA . -9.36 -18.42 10.82
C1 BGC EA . -6.33 -16.46 10.27
O2 BGC EA . -3.98 -17.00 10.21
O3 BGC EA . -4.58 -19.56 11.42
O4 BGC EA . -7.26 -20.48 10.80
O5 BGC EA . -7.60 -16.85 10.78
O6 BGC EA . -10.24 -17.53 10.13
C2 BGC FA . -19.78 -3.43 17.65
C3 BGC FA . -20.92 -4.32 18.29
C4 BGC FA . -21.12 -3.81 19.77
C5 BGC FA . -21.48 -2.29 19.74
C6 BGC FA . -21.75 -1.71 21.16
C1 BGC FA . -20.28 -1.95 17.75
O2 BGC FA . -19.77 -3.83 16.33
O3 BGC FA . -20.36 -5.58 18.39
O4 BGC FA . -22.22 -4.55 20.24
O5 BGC FA . -20.51 -1.61 19.06
O6 BGC FA . -21.94 -0.34 21.03
C2 BGC GA . -41.06 -3.42 -29.79
C3 BGC GA . -40.98 -2.22 -30.84
C4 BGC GA . -41.03 -2.85 -32.29
C5 BGC GA . -42.32 -3.69 -32.41
C6 BGC GA . -42.55 -4.25 -33.86
C1 BGC GA . -42.33 -4.25 -30.15
O2 BGC GA . -41.25 -2.78 -28.59
O3 BGC GA . -39.70 -1.71 -30.70
O4 BGC GA . -41.09 -1.74 -33.13
O5 BGC GA . -42.31 -4.67 -31.46
O6 BGC GA . -43.92 -4.24 -34.11
C2 BGC HA . -14.87 -14.13 8.02
C3 BGC HA . -14.64 -15.22 9.15
C4 BGC HA . -14.68 -16.62 8.45
C5 BGC HA . -13.58 -16.67 7.36
C6 BGC HA . -13.50 -18.08 6.66
C1 BGC HA . -13.75 -14.36 6.97
O2 BGC HA . -14.65 -12.93 8.67
O3 BGC HA . -15.77 -15.14 9.93
O4 BGC HA . -14.39 -17.52 9.48
O5 BGC HA . -13.76 -15.65 6.47
O6 BGC HA . -12.95 -17.91 5.41
C2 BGC IA . 5.30 3.64 -2.10
C3 BGC IA . 5.41 4.24 -3.56
C4 BGC IA . 3.94 4.56 -4.05
C5 BGC IA . 3.26 5.51 -3.02
C6 BGC IA . 1.80 5.90 -3.47
C1 BGC IA . 4.55 4.71 -1.24
O2 BGC IA . 6.62 3.56 -1.67
O3 BGC IA . 5.86 3.20 -4.32
O4 BGC IA . 4.13 5.20 -5.26
O5 BGC IA . 3.30 4.98 -1.77
O6 BGC IA . 1.25 6.71 -2.48
C2 BGC JA . -21.70 9.87 -16.03
C3 BGC JA . -22.40 11.18 -16.58
C4 BGC JA . -23.50 10.66 -17.57
C5 BGC JA . -24.50 9.81 -16.78
C6 BGC JA . -25.66 9.31 -17.70
C1 BGC JA . -22.81 9.08 -15.22
O2 BGC JA . -20.77 10.38 -15.14
O3 BGC JA . -21.46 11.81 -17.35
O4 BGC JA . -24.11 11.82 -18.03
O5 BGC JA . -23.86 8.78 -16.10
O6 BGC JA . -26.27 10.43 -18.24
C2 BGC KA . -27.94 -1.80 -21.06
C3 BGC KA . -27.46 -2.23 -22.51
C4 BGC KA . -25.94 -2.64 -22.40
C5 BGC KA . -25.81 -3.77 -21.34
C6 BGC KA . -24.33 -4.29 -21.21
C1 BGC KA . -27.66 -3.02 -20.12
O2 BGC KA . -29.30 -1.63 -21.19
O3 BGC KA . -27.49 -1.07 -23.25
O4 BGC KA . -25.64 -3.11 -23.67
O5 BGC KA . -26.33 -3.37 -20.15
O6 BGC KA . -24.36 -5.57 -20.67
C2 BGC LA . -34.75 -1.63 -26.14
C3 BGC LA . -35.36 -2.30 -27.45
C4 BGC LA . -35.07 -3.85 -27.36
C5 BGC LA . -35.66 -4.41 -26.04
C6 BGC LA . -35.45 -5.97 -25.90
C1 BGC LA . -35.41 -2.36 -24.92
O2 BGC LA . -35.22 -0.33 -26.19
O3 BGC LA . -34.59 -1.83 -28.48
O4 BGC LA . -35.74 -4.39 -28.46
O5 BGC LA . -35.17 -3.73 -24.96
O6 BGC LA . -36.42 -6.46 -25.04
C2 BGC MA . -66.90 6.71 -49.65
C3 BGC MA . -65.83 7.59 -48.88
C4 BGC MA . -66.54 8.95 -48.49
C5 BGC MA . -67.81 8.64 -47.65
C6 BGC MA . -68.53 9.93 -47.15
C1 BGC MA . -68.14 6.57 -48.71
O2 BGC MA . -66.29 5.47 -49.76
O3 BGC MA . -64.89 7.91 -49.83
O4 BGC MA . -65.59 9.61 -47.71
O5 BGC MA . -68.64 7.82 -48.35
O6 BGC MA . -69.44 9.54 -46.17
C2 BGC NA . -46.08 4.87 -1.41
C3 BGC NA . -44.98 4.07 -0.59
C4 BGC NA . -45.44 4.02 0.91
C5 BGC NA . -46.81 3.32 0.96
C6 BGC NA . -47.29 2.99 2.41
C1 BGC NA . -47.49 4.23 -1.10
O2 BGC NA . -45.74 4.62 -2.73
O3 BGC NA . -43.87 4.89 -0.62
O4 BGC NA . -44.47 3.24 1.54
O5 BGC NA . -47.70 4.06 0.25
O6 BGC NA . -47.56 4.18 3.06
C2 BGC OA . -56.65 -9.85 -21.14
C3 BGC OA . -57.55 -11.12 -20.77
C4 BGC OA . -58.77 -10.59 -19.92
C5 BGC OA . -59.53 -9.56 -20.78
C6 BGC OA . -60.90 -9.14 -20.16
C1 BGC OA . -57.58 -8.77 -21.80
O2 BGC OA . -55.80 -10.35 -22.12
O3 BGC OA . -56.77 -11.85 -19.91
O4 BGC OA . -59.54 -11.73 -19.70
O5 BGC OA . -58.70 -8.51 -21.04
O6 BGC OA . -61.65 -8.54 -21.16
C2 BGC PA . -55.51 -7.75 -17.99
C3 BGC PA . -56.17 -8.69 -16.92
C4 BGC PA . -55.59 -10.13 -17.18
C5 BGC PA . -54.03 -10.09 -17.09
C6 BGC PA . -53.40 -11.50 -17.38
C1 BGC PA . -53.96 -7.83 -17.74
O2 BGC PA . -55.95 -6.48 -17.64
O3 BGC PA . -57.49 -8.73 -17.26
O4 BGC PA . -56.12 -10.90 -16.16
O5 BGC PA . -53.52 -9.13 -17.91
O6 BGC PA . -52.22 -11.31 -18.07
#